data_7RYE
#
_entry.id   7RYE
#
_cell.length_a   1.00
_cell.length_b   1.00
_cell.length_c   1.00
_cell.angle_alpha   90.00
_cell.angle_beta   90.00
_cell.angle_gamma   90.00
#
_symmetry.space_group_name_H-M   'P 1'
#
loop_
_entity.id
_entity.type
_entity.pdbx_description
1 polymer 'Protein PrgI'
2 polymer 'Cell invasion protein SipD'
#
loop_
_entity_poly.entity_id
_entity_poly.type
_entity_poly.pdbx_seq_one_letter_code
_entity_poly.pdbx_strand_id
1 'polypeptide(L)' MATPWSGYLDDVSAKFDTGVDNLQTQVTEALDKLAAKPSDPALLAAYQSKLSEYNLYRNAQSNTVKVFKDIDAAIIQNFR A,B,C,D,E,G,H,I,J,K,L,M,N,P,Q,S,T,U,W
2 'polypeptide(L)'
;MLNIQNYSASPHPGIVAERPQTPSASEHVETAVVPSTTEHRGTDIISLSQAATKIHQAQQTLQSTPPISEENNDERTLAR
QQLTSSLNALAKSGVSLSAEQNENLRSAFSAPTSALFSASPMAQPRTTISDAEIWDMVSQNISAIGDSYLGVYENVVAVY
TDFYQAFSDILSKMGGWLLPGKDGNTVKLDVTSLKNDLNSLVNKYNQINSNTVLFPAQSGSGVKVATEAEARQWLSELNL
PNSCLKSYGSGYVVTVDLTPLQKMVQDIDGLGAPGKDSKLEMDNAKYQAWQSGFKAQEENMKTTLQTLTQKYSNANSLYD
NLVKVLSSTISSSLETAKSFLQG
;
F,O,R,V,X
#
# COMPACT_ATOMS: atom_id res chain seq x y z
N THR A 3 -43.44 -18.46 -23.60
CA THR A 3 -42.16 -17.76 -23.64
C THR A 3 -42.06 -16.71 -22.53
N PRO A 4 -40.89 -16.58 -21.92
CA PRO A 4 -40.70 -15.53 -20.91
C PRO A 4 -40.81 -14.15 -21.54
N TRP A 5 -41.28 -13.21 -20.74
CA TRP A 5 -41.49 -11.85 -21.20
C TRP A 5 -40.23 -11.01 -21.00
N SER A 6 -40.14 -9.91 -21.74
CA SER A 6 -38.99 -9.02 -21.66
C SER A 6 -39.44 -7.61 -22.01
N GLY A 7 -39.25 -6.68 -21.06
CA GLY A 7 -39.54 -5.28 -21.29
C GLY A 7 -38.36 -4.55 -21.89
N TYR A 8 -38.50 -3.23 -21.99
CA TYR A 8 -37.41 -2.42 -22.52
C TYR A 8 -36.18 -2.51 -21.63
N LEU A 9 -36.38 -2.51 -20.32
CA LEU A 9 -35.27 -2.76 -19.39
C LEU A 9 -34.69 -4.15 -19.63
N ASP A 10 -35.55 -5.15 -19.71
CA ASP A 10 -35.09 -6.48 -20.06
C ASP A 10 -34.51 -6.52 -21.47
N ASP A 11 -35.02 -5.68 -22.36
CA ASP A 11 -34.48 -5.62 -23.72
C ASP A 11 -33.03 -5.16 -23.71
N VAL A 12 -32.72 -4.09 -22.98
CA VAL A 12 -31.35 -3.61 -22.95
C VAL A 12 -30.44 -4.54 -22.15
N SER A 13 -30.96 -5.13 -21.07
CA SER A 13 -30.17 -6.11 -20.33
C SER A 13 -29.81 -7.29 -21.21
N ALA A 14 -30.78 -7.79 -21.98
CA ALA A 14 -30.49 -8.87 -22.93
C ALA A 14 -29.59 -8.39 -24.05
N LYS A 15 -29.65 -7.10 -24.40
CA LYS A 15 -28.74 -6.58 -25.41
C LYS A 15 -27.30 -6.67 -24.94
N PHE A 16 -27.04 -6.30 -23.69
CA PHE A 16 -25.71 -6.55 -23.13
C PHE A 16 -25.39 -8.04 -23.03
N ASP A 17 -26.36 -8.85 -22.59
CA ASP A 17 -26.07 -10.26 -22.36
C ASP A 17 -25.68 -10.96 -23.65
N THR A 18 -26.40 -10.68 -24.75
CA THR A 18 -26.03 -11.18 -26.05
C THR A 18 -24.85 -10.44 -26.65
N GLY A 19 -24.55 -9.23 -26.16
CA GLY A 19 -23.37 -8.53 -26.62
C GLY A 19 -22.09 -9.27 -26.27
N VAL A 20 -21.99 -9.73 -25.02
CA VAL A 20 -20.88 -10.58 -24.62
C VAL A 20 -21.20 -12.01 -24.98
N ASP A 21 -20.28 -12.65 -25.72
CA ASP A 21 -20.56 -13.97 -26.27
C ASP A 21 -20.44 -15.05 -25.22
N ASN A 22 -19.26 -15.19 -24.62
CA ASN A 22 -18.97 -16.28 -23.70
C ASN A 22 -18.26 -15.77 -22.47
N LEU A 23 -18.60 -14.55 -22.05
CA LEU A 23 -17.86 -13.90 -20.98
C LEU A 23 -18.00 -14.65 -19.66
N GLN A 24 -19.21 -15.09 -19.31
CA GLN A 24 -19.40 -15.83 -18.07
C GLN A 24 -18.63 -17.15 -18.10
N THR A 25 -18.74 -17.88 -19.20
CA THR A 25 -18.01 -19.14 -19.32
C THR A 25 -16.51 -18.89 -19.33
N GLN A 26 -16.07 -17.80 -19.98
CA GLN A 26 -14.65 -17.48 -20.00
C GLN A 26 -14.13 -17.20 -18.60
N VAL A 27 -14.90 -16.46 -17.80
CA VAL A 27 -14.49 -16.18 -16.43
C VAL A 27 -14.46 -17.46 -15.61
N THR A 28 -15.47 -18.30 -15.75
CA THR A 28 -15.51 -19.55 -14.99
C THR A 28 -14.34 -20.45 -15.34
N GLU A 29 -14.00 -20.55 -16.64
CA GLU A 29 -12.88 -21.40 -17.02
C GLU A 29 -11.55 -20.77 -16.63
N ALA A 30 -11.47 -19.43 -16.61
CA ALA A 30 -10.27 -18.78 -16.08
C ALA A 30 -10.08 -19.10 -14.60
N LEU A 31 -11.18 -19.09 -13.83
CA LEU A 31 -11.11 -19.51 -12.44
C LEU A 31 -10.68 -20.98 -12.34
N ASP A 32 -11.24 -21.84 -13.17
CA ASP A 32 -10.93 -23.27 -13.10
C ASP A 32 -9.46 -23.53 -13.41
N LYS A 33 -8.92 -22.88 -14.44
CA LYS A 33 -7.51 -23.03 -14.76
C LYS A 33 -6.61 -22.32 -13.76
N LEU A 34 -7.12 -21.29 -13.08
CA LEU A 34 -6.31 -20.59 -12.09
C LEU A 34 -6.16 -21.42 -10.82
N ALA A 35 -6.98 -22.47 -10.66
CA ALA A 35 -6.77 -23.39 -9.55
C ALA A 35 -5.71 -24.43 -9.87
N ALA A 36 -5.31 -24.56 -11.14
CA ALA A 36 -4.35 -25.59 -11.55
C ALA A 36 -2.98 -25.00 -11.87
N LYS A 37 -2.92 -24.03 -12.78
CA LYS A 37 -1.65 -23.40 -13.19
C LYS A 37 -1.78 -21.90 -13.03
N PRO A 38 -1.64 -21.40 -11.80
CA PRO A 38 -1.86 -19.96 -11.58
C PRO A 38 -0.70 -19.09 -11.98
N SER A 39 0.53 -19.56 -11.82
CA SER A 39 1.69 -18.75 -12.13
C SER A 39 1.87 -18.52 -13.63
N ASP A 40 1.11 -19.22 -14.46
CA ASP A 40 1.21 -19.08 -15.90
C ASP A 40 0.93 -17.63 -16.32
N PRO A 41 1.85 -16.97 -17.04
CA PRO A 41 1.57 -15.61 -17.49
C PRO A 41 0.38 -15.52 -18.43
N ALA A 42 0.35 -16.32 -19.49
CA ALA A 42 -0.75 -16.29 -20.44
C ALA A 42 -2.07 -16.67 -19.79
N LEU A 43 -2.03 -17.34 -18.63
CA LEU A 43 -3.24 -17.68 -17.90
C LEU A 43 -3.63 -16.58 -16.92
N LEU A 44 -2.67 -16.09 -16.12
CA LEU A 44 -3.00 -15.14 -15.06
C LEU A 44 -3.35 -13.77 -15.65
N ALA A 45 -2.60 -13.32 -16.66
CA ALA A 45 -2.92 -12.04 -17.29
C ALA A 45 -4.29 -12.08 -17.94
N ALA A 46 -4.59 -13.18 -18.64
CA ALA A 46 -5.92 -13.33 -19.24
C ALA A 46 -7.00 -13.38 -18.17
N TYR A 47 -6.73 -14.08 -17.06
CA TYR A 47 -7.61 -14.03 -15.91
C TYR A 47 -7.95 -12.61 -15.50
N GLN A 48 -6.94 -11.82 -15.19
CA GLN A 48 -7.22 -10.49 -14.66
C GLN A 48 -7.91 -9.61 -15.71
N SER A 49 -7.47 -9.71 -16.96
CA SER A 49 -8.08 -8.91 -18.02
C SER A 49 -9.55 -9.24 -18.17
N LYS A 50 -9.90 -10.51 -18.31
CA LYS A 50 -11.28 -10.89 -18.49
C LYS A 50 -12.12 -10.66 -17.24
N LEU A 51 -11.53 -10.77 -16.05
CA LEU A 51 -12.29 -10.44 -14.84
C LEU A 51 -12.61 -8.96 -14.79
N SER A 52 -11.66 -8.10 -15.14
CA SER A 52 -11.96 -6.67 -15.20
C SER A 52 -13.02 -6.37 -16.25
N GLU A 53 -12.92 -7.04 -17.40
CA GLU A 53 -13.94 -6.86 -18.43
C GLU A 53 -15.32 -7.27 -17.92
N TYR A 54 -15.39 -8.39 -17.21
CA TYR A 54 -16.66 -8.85 -16.64
C TYR A 54 -17.17 -7.86 -15.61
N ASN A 55 -16.27 -7.30 -14.80
CA ASN A 55 -16.68 -6.30 -13.81
C ASN A 55 -17.30 -5.09 -14.49
N LEU A 56 -16.63 -4.56 -15.53
CA LEU A 56 -17.18 -3.41 -16.22
C LEU A 56 -18.47 -3.76 -16.95
N TYR A 57 -18.58 -4.97 -17.49
CA TYR A 57 -19.81 -5.37 -18.15
C TYR A 57 -20.98 -5.39 -17.18
N ARG A 58 -20.78 -5.98 -16.00
CA ARG A 58 -21.85 -6.01 -15.02
C ARG A 58 -22.21 -4.62 -14.53
N ASN A 59 -21.20 -3.78 -14.28
CA ASN A 59 -21.47 -2.42 -13.83
C ASN A 59 -22.23 -1.64 -14.90
N ALA A 60 -21.85 -1.81 -16.17
CA ALA A 60 -22.55 -1.15 -17.25
C ALA A 60 -23.99 -1.63 -17.34
N GLN A 61 -24.22 -2.94 -17.21
CA GLN A 61 -25.57 -3.46 -17.24
C GLN A 61 -26.42 -2.84 -16.13
N SER A 62 -25.93 -2.87 -14.89
CA SER A 62 -26.70 -2.36 -13.78
C SER A 62 -26.95 -0.87 -13.93
N ASN A 63 -25.94 -0.10 -14.31
CA ASN A 63 -26.12 1.34 -14.42
C ASN A 63 -27.04 1.70 -15.58
N THR A 64 -26.95 1.00 -16.71
CA THR A 64 -27.84 1.28 -17.83
C THR A 64 -29.28 0.97 -17.47
N VAL A 65 -29.53 -0.18 -16.84
CA VAL A 65 -30.91 -0.49 -16.48
C VAL A 65 -31.42 0.48 -15.41
N LYS A 66 -30.57 0.86 -14.45
CA LYS A 66 -31.00 1.80 -13.43
C LYS A 66 -31.32 3.17 -14.03
N VAL A 67 -30.49 3.65 -14.94
CA VAL A 67 -30.76 4.96 -15.51
C VAL A 67 -31.99 4.91 -16.40
N PHE A 68 -32.19 3.84 -17.16
CA PHE A 68 -33.41 3.75 -17.97
C PHE A 68 -34.64 3.70 -17.08
N LYS A 69 -34.56 3.00 -15.94
CA LYS A 69 -35.64 3.07 -14.96
C LYS A 69 -35.82 4.50 -14.44
N ASP A 70 -34.72 5.25 -14.35
CA ASP A 70 -34.82 6.63 -13.90
C ASP A 70 -35.60 7.48 -14.90
N ILE A 71 -35.27 7.38 -16.19
CA ILE A 71 -36.05 8.09 -17.20
C ILE A 71 -37.51 7.64 -17.16
N ASP A 72 -37.75 6.33 -17.05
CA ASP A 72 -39.11 5.84 -17.05
C ASP A 72 -39.90 6.40 -15.86
N ALA A 73 -39.30 6.40 -14.67
CA ALA A 73 -39.98 6.95 -13.50
C ALA A 73 -40.21 8.45 -13.63
N ALA A 74 -39.22 9.18 -14.15
CA ALA A 74 -39.37 10.61 -14.28
C ALA A 74 -40.47 10.96 -15.27
N ILE A 75 -40.55 10.26 -16.39
CA ILE A 75 -41.59 10.55 -17.38
C ILE A 75 -42.94 10.08 -16.87
N ILE A 76 -42.97 9.01 -16.08
CA ILE A 76 -44.25 8.47 -15.64
C ILE A 76 -44.81 9.33 -14.52
N GLN A 77 -43.95 10.04 -13.80
CA GLN A 77 -44.40 10.92 -12.74
C GLN A 77 -45.22 12.07 -13.29
N ASN A 78 -45.04 12.37 -14.58
CA ASN A 78 -45.72 13.49 -15.21
C ASN A 78 -47.11 13.15 -15.71
N PHE A 79 -47.53 11.89 -15.61
CA PHE A 79 -48.90 11.55 -16.01
C PHE A 79 -49.92 12.26 -15.15
N ARG A 80 -49.66 12.34 -13.84
CA ARG A 80 -50.61 12.96 -12.92
C ARG A 80 -50.04 14.23 -12.31
N THR B 3 -34.94 50.63 11.64
CA THR B 3 -35.16 49.34 12.26
C THR B 3 -35.78 48.35 11.28
N PRO B 4 -35.00 47.39 10.83
CA PRO B 4 -35.51 46.40 9.87
C PRO B 4 -36.60 45.55 10.48
N TRP B 5 -37.56 45.14 9.66
CA TRP B 5 -38.65 44.29 10.09
C TRP B 5 -38.23 42.83 10.01
N SER B 6 -38.20 42.17 11.17
CA SER B 6 -37.75 40.79 11.27
C SER B 6 -38.90 39.91 11.75
N GLY B 7 -39.31 38.98 10.89
CA GLY B 7 -40.33 38.03 11.25
C GLY B 7 -39.76 36.81 11.95
N TYR B 8 -40.66 35.87 12.28
CA TYR B 8 -40.27 34.72 13.09
C TYR B 8 -39.09 33.97 12.49
N LEU B 9 -39.09 33.76 11.17
CA LEU B 9 -37.95 33.12 10.52
C LEU B 9 -36.71 34.00 10.66
N ASP B 10 -36.88 35.31 10.54
CA ASP B 10 -35.76 36.22 10.72
C ASP B 10 -35.21 36.15 12.15
N ASP B 11 -36.09 36.06 13.15
CA ASP B 11 -35.61 35.91 14.52
C ASP B 11 -34.89 34.59 14.72
N VAL B 12 -35.37 33.52 14.07
CA VAL B 12 -34.69 32.23 14.17
C VAL B 12 -33.28 32.31 13.58
N SER B 13 -33.17 32.90 12.40
CA SER B 13 -31.86 33.05 11.77
C SER B 13 -30.94 33.93 12.62
N ALA B 14 -31.48 35.03 13.16
CA ALA B 14 -30.69 35.89 14.03
C ALA B 14 -30.29 35.15 15.30
N LYS B 15 -31.12 34.20 15.75
CA LYS B 15 -30.78 33.45 16.95
C LYS B 15 -29.63 32.49 16.67
N PHE B 16 -29.60 31.86 15.49
CA PHE B 16 -28.39 31.14 15.10
C PHE B 16 -27.19 32.06 15.01
N ASP B 17 -27.35 33.24 14.40
CA ASP B 17 -26.20 34.13 14.22
C ASP B 17 -25.64 34.59 15.56
N THR B 18 -26.50 34.92 16.52
CA THR B 18 -26.02 35.34 17.83
C THR B 18 -25.56 34.16 18.67
N GLY B 19 -26.06 32.95 18.36
CA GLY B 19 -25.63 31.78 19.12
C GLY B 19 -24.15 31.49 18.95
N VAL B 20 -23.68 31.52 17.70
CA VAL B 20 -22.25 31.38 17.44
C VAL B 20 -21.61 32.76 17.53
N ASP B 21 -20.46 32.83 18.20
CA ASP B 21 -19.85 34.13 18.48
C ASP B 21 -19.21 34.71 17.21
N ASN B 22 -18.14 34.07 16.74
CA ASN B 22 -17.35 34.60 15.63
C ASN B 22 -17.00 33.50 14.65
N LEU B 23 -17.97 32.65 14.33
CA LEU B 23 -17.69 31.49 13.47
C LEU B 23 -17.25 31.92 12.08
N GLN B 24 -17.89 32.96 11.52
CA GLN B 24 -17.47 33.46 10.21
C GLN B 24 -16.02 33.90 10.22
N THR B 25 -15.65 34.77 11.17
CA THR B 25 -14.28 35.23 11.26
C THR B 25 -13.33 34.08 11.57
N GLN B 26 -13.74 33.16 12.43
CA GLN B 26 -12.87 32.04 12.79
C GLN B 26 -12.55 31.18 11.57
N VAL B 27 -13.57 30.83 10.78
CA VAL B 27 -13.33 29.99 9.62
C VAL B 27 -12.54 30.74 8.56
N THR B 28 -12.81 32.05 8.39
CA THR B 28 -12.05 32.82 7.43
C THR B 28 -10.57 32.88 7.81
N GLU B 29 -10.30 33.10 9.10
CA GLU B 29 -8.91 33.15 9.56
C GLU B 29 -8.24 31.79 9.45
N ALA B 30 -8.97 30.71 9.72
CA ALA B 30 -8.40 29.38 9.54
C ALA B 30 -8.04 29.13 8.09
N LEU B 31 -8.91 29.54 7.16
CA LEU B 31 -8.60 29.37 5.74
C LEU B 31 -7.38 30.19 5.36
N ASP B 32 -7.27 31.42 5.88
CA ASP B 32 -6.10 32.24 5.60
C ASP B 32 -4.83 31.60 6.16
N LYS B 33 -4.93 30.98 7.34
CA LYS B 33 -3.76 30.33 7.92
C LYS B 33 -3.34 29.12 7.11
N LEU B 34 -4.30 28.38 6.56
CA LEU B 34 -3.92 27.34 5.59
C LEU B 34 -3.24 27.93 4.38
N ALA B 35 -3.76 29.04 3.86
CA ALA B 35 -3.10 29.69 2.73
C ALA B 35 -1.67 30.08 3.07
N ALA B 36 -1.43 30.43 4.33
CA ALA B 36 -0.08 30.81 4.76
C ALA B 36 0.83 29.60 4.90
N LYS B 37 0.48 28.67 5.79
CA LYS B 37 1.30 27.48 6.03
C LYS B 37 0.48 26.33 6.61
N PRO B 38 -0.01 25.43 5.76
CA PRO B 38 -0.88 24.32 6.19
C PRO B 38 -0.12 23.04 6.53
N SER B 39 0.63 23.07 7.62
CA SER B 39 1.29 21.86 8.09
C SER B 39 1.18 21.67 9.59
N ASP B 40 0.92 22.73 10.34
CA ASP B 40 0.80 22.59 11.79
C ASP B 40 -0.38 21.71 12.15
N PRO B 41 -0.17 20.65 12.92
CA PRO B 41 -1.29 19.78 13.29
C PRO B 41 -2.40 20.51 14.03
N ALA B 42 -2.04 21.44 14.92
CA ALA B 42 -3.07 22.22 15.61
C ALA B 42 -3.79 23.13 14.63
N LEU B 43 -3.06 23.72 13.69
CA LEU B 43 -3.67 24.62 12.73
C LEU B 43 -4.63 23.87 11.81
N LEU B 44 -4.19 22.73 11.28
CA LEU B 44 -5.06 21.92 10.43
C LEU B 44 -6.24 21.36 11.22
N ALA B 45 -6.02 21.01 12.48
CA ALA B 45 -7.10 20.51 13.32
C ALA B 45 -8.15 21.58 13.55
N ALA B 46 -7.72 22.81 13.83
CA ALA B 46 -8.65 23.92 13.98
C ALA B 46 -9.38 24.18 12.68
N TYR B 47 -8.66 24.07 11.55
CA TYR B 47 -9.30 24.20 10.25
C TYR B 47 -10.43 23.19 10.09
N GLN B 48 -10.14 21.92 10.32
CA GLN B 48 -11.15 20.89 10.14
C GLN B 48 -12.33 21.08 11.08
N SER B 49 -12.04 21.38 12.35
CA SER B 49 -13.12 21.56 13.32
C SER B 49 -14.00 22.74 12.94
N LYS B 50 -13.40 23.87 12.60
CA LYS B 50 -14.17 25.05 12.23
C LYS B 50 -14.97 24.82 10.96
N LEU B 51 -14.39 24.15 9.97
CA LEU B 51 -15.10 23.92 8.72
C LEU B 51 -16.28 22.98 8.93
N SER B 52 -16.08 21.91 9.71
CA SER B 52 -17.18 21.00 10.00
C SER B 52 -18.28 21.70 10.80
N GLU B 53 -17.88 22.52 11.77
CA GLU B 53 -18.86 23.24 12.56
C GLU B 53 -19.64 24.23 11.72
N TYR B 54 -18.97 24.88 10.78
CA TYR B 54 -19.67 25.79 9.87
C TYR B 54 -20.64 25.04 8.97
N ASN B 55 -20.23 23.87 8.48
CA ASN B 55 -21.14 23.02 7.72
C ASN B 55 -22.39 22.71 8.52
N LEU B 56 -22.21 22.22 9.75
CA LEU B 56 -23.36 21.86 10.57
C LEU B 56 -24.23 23.08 10.87
N TYR B 57 -23.58 24.20 11.20
CA TYR B 57 -24.29 25.47 11.40
C TYR B 57 -25.20 25.79 10.23
N ARG B 58 -24.62 25.97 9.04
CA ARG B 58 -25.41 26.43 7.90
C ARG B 58 -26.48 25.42 7.54
N ASN B 59 -26.15 24.13 7.55
CA ASN B 59 -27.13 23.12 7.19
C ASN B 59 -28.31 23.11 8.16
N ALA B 60 -28.03 23.09 9.47
CA ALA B 60 -29.12 23.05 10.44
C ALA B 60 -29.96 24.32 10.37
N GLN B 61 -29.32 25.47 10.21
CA GLN B 61 -30.06 26.72 10.12
C GLN B 61 -30.99 26.72 8.91
N SER B 62 -30.48 26.27 7.76
CA SER B 62 -31.31 26.22 6.57
C SER B 62 -32.48 25.26 6.75
N ASN B 63 -32.22 24.09 7.34
CA ASN B 63 -33.28 23.12 7.54
C ASN B 63 -34.36 23.66 8.47
N THR B 64 -33.96 24.31 9.56
CA THR B 64 -34.93 24.88 10.48
C THR B 64 -35.76 25.97 9.82
N VAL B 65 -35.11 26.84 9.05
CA VAL B 65 -35.85 27.88 8.34
C VAL B 65 -36.84 27.25 7.37
N LYS B 66 -36.41 26.22 6.65
CA LYS B 66 -37.29 25.56 5.68
C LYS B 66 -38.52 24.96 6.35
N VAL B 67 -38.31 24.24 7.45
CA VAL B 67 -39.44 23.57 8.10
C VAL B 67 -40.38 24.59 8.74
N PHE B 68 -39.82 25.67 9.32
CA PHE B 68 -40.67 26.70 9.88
C PHE B 68 -41.48 27.40 8.79
N LYS B 69 -40.86 27.61 7.63
CA LYS B 69 -41.60 28.19 6.51
C LYS B 69 -42.72 27.27 6.06
N ASP B 70 -42.47 25.96 6.06
CA ASP B 70 -43.52 25.01 5.71
C ASP B 70 -44.67 25.07 6.70
N ILE B 71 -44.35 25.16 8.00
CA ILE B 71 -45.40 25.28 9.01
C ILE B 71 -46.23 26.52 8.76
N ASP B 72 -45.57 27.66 8.57
CA ASP B 72 -46.28 28.90 8.36
C ASP B 72 -47.12 28.84 7.09
N ALA B 73 -46.60 28.21 6.03
CA ALA B 73 -47.35 28.08 4.79
C ALA B 73 -48.60 27.24 4.99
N ALA B 74 -48.49 26.14 5.75
CA ALA B 74 -49.66 25.33 6.05
C ALA B 74 -50.70 26.15 6.80
N ILE B 75 -50.26 26.93 7.79
CA ILE B 75 -51.20 27.75 8.56
C ILE B 75 -51.89 28.76 7.63
N ILE B 76 -51.11 29.45 6.79
CA ILE B 76 -51.67 30.45 5.91
C ILE B 76 -52.69 29.83 4.96
N GLN B 77 -52.34 28.70 4.37
CA GLN B 77 -53.29 28.01 3.49
C GLN B 77 -54.52 27.56 4.27
N ASN B 78 -54.37 27.31 5.57
CA ASN B 78 -55.52 26.89 6.36
C ASN B 78 -56.32 28.06 6.94
N PHE B 79 -55.92 29.31 6.69
CA PHE B 79 -56.81 30.42 7.02
C PHE B 79 -58.13 30.33 6.25
N ARG B 80 -58.08 30.00 4.96
CA ARG B 80 -59.28 30.01 4.14
C ARG B 80 -60.33 28.99 4.61
N THR C 3 -55.15 10.69 -42.38
CA THR C 3 -54.11 11.45 -41.70
C THR C 3 -54.33 11.46 -40.19
N PRO C 4 -53.25 11.32 -39.43
CA PRO C 4 -53.37 11.42 -37.97
C PRO C 4 -53.75 12.82 -37.54
N TRP C 5 -54.46 12.89 -36.41
CA TRP C 5 -54.90 14.16 -35.84
C TRP C 5 -54.12 14.42 -34.57
N SER C 6 -53.54 15.62 -34.46
CA SER C 6 -52.72 15.99 -33.31
C SER C 6 -53.15 17.36 -32.81
N GLY C 7 -53.44 17.44 -31.52
CA GLY C 7 -53.80 18.69 -30.88
C GLY C 7 -52.60 19.45 -30.40
N TYR C 8 -52.86 20.55 -29.69
CA TYR C 8 -51.79 21.46 -29.29
C TYR C 8 -50.73 20.75 -28.46
N LEU C 9 -51.16 19.92 -27.51
CA LEU C 9 -50.20 19.11 -26.77
C LEU C 9 -49.44 18.17 -27.70
N ASP C 10 -50.17 17.41 -28.52
CA ASP C 10 -49.55 16.51 -29.48
C ASP C 10 -48.79 17.26 -30.56
N ASP C 11 -49.28 18.43 -30.99
CA ASP C 11 -48.53 19.22 -31.96
C ASP C 11 -47.20 19.67 -31.39
N VAL C 12 -47.19 20.11 -30.13
CA VAL C 12 -45.95 20.50 -29.48
C VAL C 12 -45.02 19.29 -29.36
N SER C 13 -45.57 18.14 -28.97
CA SER C 13 -44.75 16.95 -28.81
C SER C 13 -44.10 16.55 -30.14
N ALA C 14 -44.89 16.53 -31.21
CA ALA C 14 -44.36 16.17 -32.53
C ALA C 14 -43.37 17.21 -33.04
N LYS C 15 -43.64 18.49 -32.76
CA LYS C 15 -42.73 19.56 -33.18
C LYS C 15 -41.39 19.42 -32.48
N PHE C 16 -41.41 19.08 -31.18
CA PHE C 16 -40.15 18.88 -30.48
C PHE C 16 -39.45 17.60 -30.92
N ASP C 17 -40.23 16.55 -31.25
CA ASP C 17 -39.63 15.31 -31.73
C ASP C 17 -38.96 15.49 -33.08
N THR C 18 -39.58 16.25 -33.98
CA THR C 18 -38.97 16.52 -35.28
C THR C 18 -37.91 17.60 -35.21
N GLY C 19 -37.91 18.42 -34.16
CA GLY C 19 -36.80 19.35 -33.97
C GLY C 19 -35.48 18.63 -33.82
N VAL C 20 -35.47 17.56 -33.02
CA VAL C 20 -34.33 16.64 -33.03
C VAL C 20 -34.48 15.66 -34.19
N ASP C 21 -33.35 15.15 -34.66
CA ASP C 21 -33.32 14.44 -35.93
C ASP C 21 -33.33 12.91 -35.81
N ASN C 22 -32.30 12.32 -35.22
CA ASN C 22 -32.19 10.86 -35.19
C ASN C 22 -31.69 10.38 -33.83
N LEU C 23 -32.24 10.95 -32.76
CA LEU C 23 -31.73 10.63 -31.42
C LEU C 23 -32.01 9.18 -31.04
N GLN C 24 -33.20 8.68 -31.35
CA GLN C 24 -33.54 7.31 -30.94
C GLN C 24 -32.61 6.31 -31.60
N THR C 25 -32.45 6.39 -32.93
CA THR C 25 -31.58 5.46 -33.63
C THR C 25 -30.13 5.68 -33.25
N GLN C 26 -29.74 6.93 -32.97
CA GLN C 26 -28.37 7.18 -32.52
C GLN C 26 -28.09 6.47 -31.20
N VAL C 27 -29.02 6.57 -30.26
CA VAL C 27 -28.86 5.88 -28.98
C VAL C 27 -28.81 4.37 -29.19
N THR C 28 -29.69 3.84 -30.05
CA THR C 28 -29.69 2.39 -30.27
C THR C 28 -28.38 1.92 -30.87
N GLU C 29 -27.85 2.64 -31.86
CA GLU C 29 -26.59 2.25 -32.49
C GLU C 29 -25.41 2.37 -31.52
N ALA C 30 -25.39 3.44 -30.71
CA ALA C 30 -24.34 3.57 -29.71
C ALA C 30 -24.43 2.44 -28.70
N LEU C 31 -25.64 2.05 -28.33
CA LEU C 31 -25.83 0.90 -27.44
C LEU C 31 -25.29 -0.37 -28.08
N ASP C 32 -25.51 -0.53 -29.39
CA ASP C 32 -25.00 -1.70 -30.09
C ASP C 32 -23.48 -1.76 -30.04
N LYS C 33 -22.81 -0.66 -30.40
CA LYS C 33 -21.35 -0.66 -30.33
C LYS C 33 -20.84 -0.86 -28.91
N LEU C 34 -21.51 -0.29 -27.91
CA LEU C 34 -21.08 -0.52 -26.54
C LEU C 34 -21.22 -1.99 -26.15
N ALA C 35 -22.34 -2.62 -26.54
CA ALA C 35 -22.52 -4.03 -26.23
C ALA C 35 -21.51 -4.89 -26.96
N ALA C 36 -21.02 -4.42 -28.12
CA ALA C 36 -19.99 -5.17 -28.83
C ALA C 36 -18.70 -5.27 -28.02
N LYS C 37 -18.31 -4.18 -27.36
CA LYS C 37 -17.10 -4.14 -26.54
C LYS C 37 -17.34 -3.19 -25.38
N PRO C 38 -17.90 -3.66 -24.28
CA PRO C 38 -18.25 -2.76 -23.17
C PRO C 38 -17.05 -2.38 -22.31
N SER C 39 -15.95 -1.99 -22.94
CA SER C 39 -14.80 -1.51 -22.19
C SER C 39 -14.03 -0.40 -22.89
N ASP C 40 -14.45 0.04 -24.07
CA ASP C 40 -13.76 1.11 -24.76
C ASP C 40 -14.04 2.43 -24.07
N PRO C 41 -13.02 3.14 -23.56
CA PRO C 41 -13.30 4.44 -22.94
C PRO C 41 -13.96 5.42 -23.89
N ALA C 42 -13.54 5.43 -25.15
CA ALA C 42 -14.17 6.31 -26.13
C ALA C 42 -15.63 5.93 -26.36
N LEU C 43 -15.89 4.64 -26.56
CA LEU C 43 -17.26 4.20 -26.77
C LEU C 43 -18.11 4.40 -25.52
N LEU C 44 -17.55 4.12 -24.34
CA LEU C 44 -18.30 4.34 -23.11
C LEU C 44 -18.65 5.80 -22.94
N ALA C 45 -17.68 6.70 -23.18
CA ALA C 45 -17.95 8.12 -23.05
C ALA C 45 -18.98 8.60 -24.06
N ALA C 46 -18.87 8.13 -25.31
CA ALA C 46 -19.82 8.54 -26.34
C ALA C 46 -21.23 8.08 -25.99
N TYR C 47 -21.37 6.81 -25.58
CA TYR C 47 -22.69 6.32 -25.22
C TYR C 47 -23.23 7.02 -23.99
N GLN C 48 -22.38 7.33 -23.02
CA GLN C 48 -22.86 8.02 -21.83
C GLN C 48 -23.32 9.43 -22.16
N SER C 49 -22.61 10.11 -23.07
CA SER C 49 -23.05 11.43 -23.49
C SER C 49 -24.38 11.36 -24.23
N LYS C 50 -24.51 10.39 -25.15
CA LYS C 50 -25.79 10.22 -25.85
C LYS C 50 -26.91 9.90 -24.87
N LEU C 51 -26.63 9.06 -23.88
CA LEU C 51 -27.64 8.68 -22.90
C LEU C 51 -28.08 9.87 -22.06
N SER C 52 -27.12 10.68 -21.60
CA SER C 52 -27.49 11.86 -20.83
C SER C 52 -28.30 12.84 -21.66
N GLU C 53 -27.88 13.06 -22.91
CA GLU C 53 -28.62 13.98 -23.77
C GLU C 53 -30.03 13.45 -24.05
N TYR C 54 -30.16 12.14 -24.24
CA TYR C 54 -31.47 11.56 -24.50
C TYR C 54 -32.36 11.64 -23.27
N ASN C 55 -31.78 11.45 -22.08
CA ASN C 55 -32.52 11.62 -20.84
C ASN C 55 -33.03 13.05 -20.71
N LEU C 56 -32.17 14.02 -21.00
CA LEU C 56 -32.59 15.42 -20.96
C LEU C 56 -33.71 15.67 -21.95
N TYR C 57 -33.58 15.11 -23.16
CA TYR C 57 -34.61 15.27 -24.18
C TYR C 57 -35.96 14.73 -23.69
N ARG C 58 -35.97 13.49 -23.19
CA ARG C 58 -37.23 12.89 -22.76
C ARG C 58 -37.83 13.64 -21.58
N ASN C 59 -36.99 14.02 -20.61
CA ASN C 59 -37.50 14.71 -19.44
C ASN C 59 -38.10 16.07 -19.81
N ALA C 60 -37.39 16.83 -20.65
CA ALA C 60 -37.91 18.11 -21.09
C ALA C 60 -39.20 17.94 -21.86
N GLN C 61 -39.26 16.92 -22.73
CA GLN C 61 -40.48 16.65 -23.48
C GLN C 61 -41.66 16.41 -22.55
N SER C 62 -41.48 15.48 -21.60
CA SER C 62 -42.57 15.15 -20.68
C SER C 62 -42.96 16.35 -19.84
N ASN C 63 -41.98 17.13 -19.39
CA ASN C 63 -42.28 18.25 -18.50
C ASN C 63 -43.04 19.36 -19.23
N THR C 64 -42.63 19.67 -20.46
CA THR C 64 -43.36 20.66 -21.23
C THR C 64 -44.78 20.18 -21.53
N VAL C 65 -44.94 18.89 -21.86
CA VAL C 65 -46.29 18.38 -22.08
C VAL C 65 -47.13 18.51 -20.82
N LYS C 66 -46.56 18.15 -19.67
CA LYS C 66 -47.31 18.20 -18.42
C LYS C 66 -47.72 19.64 -18.08
N VAL C 67 -46.79 20.58 -18.21
CA VAL C 67 -47.12 21.96 -17.85
C VAL C 67 -48.12 22.56 -18.83
N PHE C 68 -48.02 22.22 -20.12
CA PHE C 68 -49.01 22.68 -21.08
C PHE C 68 -50.38 22.08 -20.77
N LYS C 69 -50.41 20.82 -20.34
CA LYS C 69 -51.66 20.21 -19.94
C LYS C 69 -52.25 20.92 -18.74
N ASP C 70 -51.41 21.29 -17.78
CA ASP C 70 -51.90 22.02 -16.61
C ASP C 70 -52.45 23.38 -17.01
N ILE C 71 -51.77 24.08 -17.93
CA ILE C 71 -52.27 25.37 -18.39
C ILE C 71 -53.61 25.22 -19.06
N ASP C 72 -53.75 24.23 -19.94
CA ASP C 72 -55.00 24.01 -20.65
C ASP C 72 -56.11 23.62 -19.68
N ALA C 73 -55.82 22.77 -18.70
CA ALA C 73 -56.83 22.41 -17.72
C ALA C 73 -57.28 23.62 -16.91
N ALA C 74 -56.34 24.46 -16.50
CA ALA C 74 -56.70 25.65 -15.74
C ALA C 74 -57.56 26.59 -16.56
N ILE C 75 -57.20 26.82 -17.82
CA ILE C 75 -57.98 27.74 -18.64
C ILE C 75 -59.33 27.15 -19.02
N ILE C 76 -59.46 25.82 -19.09
CA ILE C 76 -60.73 25.22 -19.50
C ILE C 76 -61.68 25.02 -18.33
N GLN C 77 -61.17 24.90 -17.10
CA GLN C 77 -62.04 24.76 -15.95
C GLN C 77 -62.84 26.04 -15.69
N ASN C 78 -62.30 27.20 -16.04
CA ASN C 78 -62.92 28.47 -15.73
C ASN C 78 -63.87 28.96 -16.81
N PHE C 79 -64.10 28.17 -17.87
CA PHE C 79 -65.09 28.52 -18.88
C PHE C 79 -66.44 27.85 -18.63
N ARG C 80 -66.74 27.49 -17.39
CA ARG C 80 -68.04 26.92 -17.06
C ARG C 80 -68.94 27.96 -16.42
N THR D 3 -69.78 -14.37 -14.00
CA THR D 3 -68.50 -13.69 -14.01
C THR D 3 -68.53 -12.45 -13.12
N PRO D 4 -67.43 -12.20 -12.40
CA PRO D 4 -67.35 -10.98 -11.59
C PRO D 4 -67.42 -9.73 -12.46
N TRP D 5 -68.06 -8.70 -11.93
CA TRP D 5 -68.24 -7.47 -12.69
C TRP D 5 -66.90 -6.77 -12.90
N SER D 6 -66.77 -6.10 -14.04
CA SER D 6 -65.54 -5.39 -14.39
C SER D 6 -65.93 -4.13 -15.16
N GLY D 7 -65.83 -2.98 -14.50
CA GLY D 7 -66.17 -1.72 -15.11
C GLY D 7 -65.04 -1.19 -15.99
N TYR D 8 -65.24 0.05 -16.47
CA TYR D 8 -64.28 0.65 -17.38
C TYR D 8 -62.90 0.75 -16.74
N LEU D 9 -62.84 1.15 -15.47
CA LEU D 9 -61.57 1.15 -14.76
C LEU D 9 -61.02 -0.27 -14.64
N ASP D 10 -61.88 -1.21 -14.29
CA ASP D 10 -61.47 -2.62 -14.29
C ASP D 10 -61.08 -3.07 -15.69
N ASP D 11 -61.82 -2.61 -16.70
CA ASP D 11 -61.51 -2.99 -18.08
C ASP D 11 -60.11 -2.53 -18.47
N VAL D 12 -59.75 -1.29 -18.14
CA VAL D 12 -58.43 -0.79 -18.51
C VAL D 12 -57.35 -1.45 -17.68
N SER D 13 -57.61 -1.70 -16.39
CA SER D 13 -56.60 -2.37 -15.57
C SER D 13 -56.32 -3.78 -16.09
N ALA D 14 -57.36 -4.53 -16.45
CA ALA D 14 -57.16 -5.87 -16.99
C ALA D 14 -56.58 -5.83 -18.40
N LYS D 15 -56.94 -4.83 -19.19
CA LYS D 15 -56.40 -4.71 -20.54
C LYS D 15 -54.92 -4.39 -20.50
N PHE D 16 -54.48 -3.69 -19.45
CA PHE D 16 -53.06 -3.39 -19.30
C PHE D 16 -52.42 -4.56 -18.57
N ASP D 17 -52.72 -5.78 -19.02
CA ASP D 17 -52.13 -7.01 -18.49
C ASP D 17 -51.72 -7.99 -19.57
N THR D 18 -52.21 -7.85 -20.81
CA THR D 18 -52.00 -8.89 -21.82
C THR D 18 -50.53 -9.00 -22.20
N GLY D 19 -49.88 -7.86 -22.41
CA GLY D 19 -48.45 -7.88 -22.70
C GLY D 19 -47.56 -8.03 -21.50
N VAL D 20 -48.14 -8.03 -20.30
CA VAL D 20 -47.39 -8.12 -19.06
C VAL D 20 -47.92 -9.36 -18.32
N ASP D 21 -48.28 -10.38 -19.09
CA ASP D 21 -49.05 -11.50 -18.54
C ASP D 21 -48.30 -12.23 -17.43
N ASN D 22 -47.01 -12.51 -17.63
CA ASN D 22 -46.25 -13.29 -16.65
C ASN D 22 -45.10 -12.43 -16.13
N LEU D 23 -45.41 -11.59 -15.16
CA LEU D 23 -44.39 -10.81 -14.48
C LEU D 23 -44.45 -10.96 -12.96
N GLN D 24 -45.65 -10.99 -12.38
CA GLN D 24 -45.76 -11.20 -10.94
C GLN D 24 -45.18 -12.55 -10.54
N THR D 25 -45.61 -13.62 -11.22
CA THR D 25 -44.99 -14.91 -11.00
C THR D 25 -43.53 -14.91 -11.44
N GLN D 26 -43.19 -14.17 -12.49
CA GLN D 26 -41.81 -14.09 -12.92
C GLN D 26 -40.94 -13.41 -11.86
N VAL D 27 -41.44 -12.32 -11.29
CA VAL D 27 -40.70 -11.66 -10.22
C VAL D 27 -40.59 -12.56 -8.99
N THR D 28 -41.67 -13.28 -8.67
CA THR D 28 -41.62 -14.17 -7.52
C THR D 28 -40.59 -15.28 -7.72
N GLU D 29 -40.55 -15.90 -8.90
CA GLU D 29 -39.58 -16.97 -9.12
C GLU D 29 -38.16 -16.42 -9.21
N ALA D 30 -37.98 -15.22 -9.75
CA ALA D 30 -36.65 -14.60 -9.72
C ALA D 30 -36.21 -14.32 -8.29
N LEU D 31 -37.14 -13.88 -7.44
CA LEU D 31 -36.83 -13.67 -6.03
C LEU D 31 -36.45 -14.99 -5.36
N ASP D 32 -37.16 -16.07 -5.69
CA ASP D 32 -36.80 -17.37 -5.13
C ASP D 32 -35.41 -17.79 -5.57
N LYS D 33 -35.08 -17.57 -6.85
CA LYS D 33 -33.74 -17.88 -7.34
C LYS D 33 -32.69 -17.05 -6.61
N LEU D 34 -32.99 -15.77 -6.36
CA LEU D 34 -32.06 -14.92 -5.63
C LEU D 34 -31.87 -15.43 -4.20
N ALA D 35 -32.97 -15.80 -3.54
CA ALA D 35 -32.88 -16.32 -2.18
C ALA D 35 -32.11 -17.64 -2.13
N ALA D 36 -32.11 -18.39 -3.23
CA ALA D 36 -31.33 -19.62 -3.28
C ALA D 36 -29.84 -19.34 -3.10
N LYS D 37 -29.34 -18.31 -3.77
CA LYS D 37 -27.95 -17.91 -3.68
C LYS D 37 -27.80 -16.44 -4.06
N PRO D 38 -27.85 -15.53 -3.09
CA PRO D 38 -27.88 -14.09 -3.42
C PRO D 38 -26.51 -13.51 -3.72
N SER D 39 -25.73 -14.18 -4.58
CA SER D 39 -24.45 -13.63 -5.00
C SER D 39 -24.12 -13.85 -6.47
N ASP D 40 -24.96 -14.51 -7.25
CA ASP D 40 -24.68 -14.71 -8.67
C ASP D 40 -24.94 -13.41 -9.42
N PRO D 41 -23.91 -12.79 -10.00
CA PRO D 41 -24.15 -11.50 -10.68
C PRO D 41 -25.14 -11.60 -11.83
N ALA D 42 -25.11 -12.69 -12.58
CA ALA D 42 -26.07 -12.83 -13.68
C ALA D 42 -27.49 -12.96 -13.14
N LEU D 43 -27.70 -13.88 -12.19
CA LEU D 43 -29.03 -14.08 -11.63
C LEU D 43 -29.52 -12.84 -10.90
N LEU D 44 -28.63 -12.20 -10.13
CA LEU D 44 -29.03 -11.01 -9.39
C LEU D 44 -29.35 -9.86 -10.33
N ALA D 45 -28.58 -9.71 -11.41
CA ALA D 45 -28.87 -8.67 -12.39
C ALA D 45 -30.20 -8.91 -13.08
N ALA D 46 -30.49 -10.17 -13.41
CA ALA D 46 -31.78 -10.50 -14.01
C ALA D 46 -32.92 -10.16 -13.04
N TYR D 47 -32.75 -10.50 -11.77
CA TYR D 47 -33.79 -10.19 -10.79
C TYR D 47 -33.96 -8.69 -10.63
N GLN D 48 -32.87 -7.94 -10.64
CA GLN D 48 -32.96 -6.48 -10.54
C GLN D 48 -33.71 -5.90 -11.73
N SER D 49 -33.41 -6.38 -12.93
CA SER D 49 -34.13 -5.91 -14.12
C SER D 49 -35.62 -6.22 -14.01
N LYS D 50 -35.96 -7.45 -13.61
CA LYS D 50 -37.37 -7.81 -13.49
C LYS D 50 -38.08 -7.00 -12.41
N LEU D 51 -37.40 -6.74 -11.29
CA LEU D 51 -38.00 -5.94 -10.23
C LEU D 51 -38.24 -4.51 -10.71
N SER D 52 -37.29 -3.95 -11.44
CA SER D 52 -37.50 -2.61 -12.00
C SER D 52 -38.68 -2.60 -12.96
N GLU D 53 -38.79 -3.62 -13.81
CA GLU D 53 -39.92 -3.70 -14.72
C GLU D 53 -41.23 -3.79 -13.94
N TYR D 54 -41.27 -4.58 -12.88
CA TYR D 54 -42.48 -4.70 -12.07
C TYR D 54 -42.84 -3.37 -11.43
N ASN D 55 -41.84 -2.64 -10.92
CA ASN D 55 -42.10 -1.34 -10.33
C ASN D 55 -42.70 -0.38 -11.34
N LEU D 56 -42.12 -0.32 -12.54
CA LEU D 56 -42.64 0.60 -13.55
C LEU D 56 -44.03 0.16 -14.01
N TYR D 57 -44.29 -1.14 -14.06
CA TYR D 57 -45.63 -1.62 -14.38
C TYR D 57 -46.65 -1.16 -13.34
N ARG D 58 -46.35 -1.35 -12.07
CA ARG D 58 -47.29 -0.93 -11.03
C ARG D 58 -47.54 0.56 -11.09
N ASN D 59 -46.47 1.35 -11.27
CA ASN D 59 -46.61 2.80 -11.34
C ASN D 59 -47.47 3.19 -12.54
N ALA D 60 -47.23 2.55 -13.69
CA ALA D 60 -47.98 2.92 -14.90
C ALA D 60 -49.45 2.60 -14.75
N GLN D 61 -49.78 1.38 -14.29
CA GLN D 61 -51.18 1.02 -14.19
C GLN D 61 -51.89 1.88 -13.16
N SER D 62 -51.24 2.15 -12.02
CA SER D 62 -51.87 3.00 -11.01
C SER D 62 -52.09 4.41 -11.53
N ASN D 63 -51.09 4.98 -12.20
CA ASN D 63 -51.21 6.35 -12.69
C ASN D 63 -52.29 6.46 -13.75
N THR D 64 -52.35 5.52 -14.69
CA THR D 64 -53.37 5.61 -15.73
C THR D 64 -54.77 5.39 -15.15
N VAL D 65 -54.90 4.49 -14.18
CA VAL D 65 -56.21 4.31 -13.57
C VAL D 65 -56.62 5.54 -12.80
N LYS D 66 -55.68 6.25 -12.16
CA LYS D 66 -56.09 7.46 -11.46
C LYS D 66 -56.38 8.60 -12.43
N VAL D 67 -55.70 8.63 -13.58
CA VAL D 67 -56.07 9.60 -14.60
C VAL D 67 -57.50 9.37 -15.06
N PHE D 68 -57.87 8.11 -15.27
CA PHE D 68 -59.25 7.83 -15.66
C PHE D 68 -60.22 8.10 -14.52
N LYS D 69 -59.78 7.90 -13.27
CA LYS D 69 -60.51 8.40 -12.11
C LYS D 69 -60.87 9.86 -12.28
N ASP D 70 -59.86 10.70 -12.53
CA ASP D 70 -60.09 12.13 -12.65
C ASP D 70 -60.98 12.44 -13.85
N ILE D 71 -60.77 11.72 -14.95
CA ILE D 71 -61.60 11.90 -16.15
C ILE D 71 -63.06 11.70 -15.79
N ASP D 72 -63.38 10.52 -15.24
CA ASP D 72 -64.77 10.18 -14.96
C ASP D 72 -65.36 11.12 -13.91
N ALA D 73 -64.57 11.51 -12.91
CA ALA D 73 -65.07 12.42 -11.89
C ALA D 73 -65.41 13.78 -12.48
N ALA D 74 -64.54 14.31 -13.34
CA ALA D 74 -64.80 15.60 -13.97
C ALA D 74 -66.01 15.52 -14.88
N ILE D 75 -66.18 14.42 -15.59
CA ILE D 75 -67.32 14.29 -16.49
C ILE D 75 -68.61 14.13 -15.70
N ILE D 76 -68.55 13.50 -14.53
CA ILE D 76 -69.77 13.19 -13.80
C ILE D 76 -70.19 14.36 -12.92
N GLN D 77 -69.24 15.23 -12.54
CA GLN D 77 -69.59 16.31 -11.62
C GLN D 77 -70.45 17.38 -12.27
N ASN D 78 -70.63 17.32 -13.59
CA ASN D 78 -71.36 18.37 -14.30
C ASN D 78 -72.87 18.14 -14.35
N PHE D 79 -73.35 16.92 -14.06
CA PHE D 79 -74.77 16.63 -14.20
C PHE D 79 -75.62 17.47 -13.25
N ARG D 80 -75.04 17.91 -12.14
CA ARG D 80 -75.76 18.73 -11.17
C ARG D 80 -76.20 20.05 -11.79
N PRO E 4 -24.52 14.23 -38.59
CA PRO E 4 -25.31 13.56 -37.55
C PRO E 4 -26.08 14.55 -36.69
N TRP E 5 -26.06 14.35 -35.38
CA TRP E 5 -26.76 15.21 -34.43
C TRP E 5 -25.78 15.71 -33.38
N SER E 6 -25.96 16.97 -32.97
CA SER E 6 -25.11 17.55 -31.94
C SER E 6 -25.94 18.47 -31.07
N GLY E 7 -25.90 18.25 -29.76
CA GLY E 7 -26.60 19.09 -28.82
C GLY E 7 -25.66 19.98 -28.04
N TYR E 8 -25.54 19.73 -26.74
CA TYR E 8 -24.57 20.43 -25.90
C TYR E 8 -23.65 19.48 -25.15
N LEU E 9 -24.19 18.40 -24.61
CA LEU E 9 -23.36 17.43 -23.88
C LEU E 9 -22.37 16.75 -24.80
N ASP E 10 -22.83 16.35 -25.99
CA ASP E 10 -21.92 15.66 -26.91
C ASP E 10 -20.87 16.63 -27.46
N ASP E 11 -21.21 17.92 -27.59
CA ASP E 11 -20.20 18.90 -27.96
C ASP E 11 -19.14 19.04 -26.88
N VAL E 12 -19.56 19.01 -25.61
CA VAL E 12 -18.60 19.05 -24.51
C VAL E 12 -17.71 17.82 -24.54
N SER E 13 -18.29 16.64 -24.78
CA SER E 13 -17.49 15.42 -24.87
C SER E 13 -16.51 15.47 -26.03
N ALA E 14 -16.96 15.97 -27.19
CA ALA E 14 -16.08 16.10 -28.34
C ALA E 14 -15.02 17.16 -28.14
N LYS E 15 -15.25 18.13 -27.25
CA LYS E 15 -14.20 19.08 -26.89
C LYS E 15 -13.00 18.35 -26.29
N PHE E 16 -13.26 17.30 -25.52
CA PHE E 16 -12.23 16.44 -24.98
C PHE E 16 -12.00 15.21 -25.83
N ASP E 17 -12.31 15.27 -27.12
CA ASP E 17 -12.03 14.19 -28.04
C ASP E 17 -10.96 14.53 -29.06
N THR E 18 -10.73 15.82 -29.32
CA THR E 18 -9.64 16.21 -30.21
C THR E 18 -8.29 15.86 -29.60
N GLY E 19 -8.14 16.06 -28.29
CA GLY E 19 -6.89 15.72 -27.64
C GLY E 19 -6.61 14.23 -27.66
N VAL E 20 -7.60 13.42 -27.29
CA VAL E 20 -7.38 11.97 -27.28
C VAL E 20 -7.13 11.45 -28.69
N ASP E 21 -7.60 12.17 -29.72
CA ASP E 21 -7.40 11.74 -31.09
C ASP E 21 -5.92 11.54 -31.41
N ASN E 22 -5.03 12.31 -30.80
CA ASN E 22 -3.61 12.08 -30.95
C ASN E 22 -2.95 11.53 -29.69
N LEU E 23 -3.58 11.70 -28.52
CA LEU E 23 -3.07 11.03 -27.32
C LEU E 23 -3.10 9.52 -27.42
N GLN E 24 -4.10 8.94 -28.08
CA GLN E 24 -4.11 7.50 -28.28
C GLN E 24 -2.94 7.05 -29.13
N THR E 25 -2.68 7.77 -30.22
CA THR E 25 -1.53 7.43 -31.05
C THR E 25 -0.22 7.60 -30.30
N GLN E 26 -0.10 8.68 -29.51
CA GLN E 26 1.13 8.91 -28.77
C GLN E 26 1.35 7.87 -27.68
N VAL E 27 0.28 7.45 -27.01
CA VAL E 27 0.43 6.42 -25.99
C VAL E 27 0.74 5.07 -26.64
N THR E 28 0.20 4.81 -27.83
CA THR E 28 0.57 3.59 -28.54
C THR E 28 2.05 3.61 -28.92
N GLU E 29 2.55 4.77 -29.37
CA GLU E 29 3.96 4.88 -29.69
C GLU E 29 4.82 4.69 -28.45
N ALA E 30 4.43 5.29 -27.32
CA ALA E 30 5.17 5.09 -26.08
C ALA E 30 5.16 3.63 -25.67
N LEU E 31 4.01 2.95 -25.84
CA LEU E 31 3.93 1.54 -25.49
C LEU E 31 4.86 0.69 -26.35
N ASP E 32 4.79 0.83 -27.67
CA ASP E 32 5.57 -0.07 -28.51
C ASP E 32 7.03 0.35 -28.62
N LYS E 33 7.41 1.52 -28.11
CA LYS E 33 8.82 1.78 -27.89
C LYS E 33 9.29 1.31 -26.52
N LEU E 34 8.37 1.22 -25.54
CA LEU E 34 8.74 0.63 -24.26
C LEU E 34 9.08 -0.86 -24.42
N ALA E 35 8.32 -1.58 -25.24
CA ALA E 35 8.53 -3.02 -25.34
C ALA E 35 9.93 -3.37 -25.82
N ALA E 36 10.54 -2.48 -26.62
CA ALA E 36 11.88 -2.77 -27.14
C ALA E 36 12.91 -2.79 -26.03
N LYS E 37 12.96 -1.75 -25.21
CA LYS E 37 13.95 -1.64 -24.13
C LYS E 37 13.29 -1.06 -22.89
N PRO E 38 12.57 -1.89 -22.13
CA PRO E 38 12.02 -1.44 -20.84
C PRO E 38 12.91 -1.73 -19.64
N SER E 39 14.15 -2.18 -19.84
CA SER E 39 15.04 -2.38 -18.72
C SER E 39 15.33 -1.08 -18.00
N ASP E 40 15.55 -0.01 -18.74
CA ASP E 40 15.80 1.29 -18.13
C ASP E 40 14.53 1.81 -17.47
N PRO E 41 14.63 2.55 -16.37
CA PRO E 41 13.45 3.17 -15.77
C PRO E 41 12.91 4.35 -16.55
N ALA E 42 13.68 4.89 -17.50
CA ALA E 42 13.25 6.09 -18.21
C ALA E 42 11.99 5.83 -19.03
N LEU E 43 12.02 4.78 -19.86
CA LEU E 43 10.87 4.46 -20.68
C LEU E 43 9.65 4.06 -19.85
N LEU E 44 9.88 3.29 -18.78
CA LEU E 44 8.78 2.91 -17.91
C LEU E 44 8.13 4.14 -17.26
N ALA E 45 8.96 5.07 -16.78
CA ALA E 45 8.42 6.27 -16.15
C ALA E 45 7.70 7.16 -17.15
N ALA E 46 8.26 7.30 -18.36
CA ALA E 46 7.60 8.11 -19.37
C ALA E 46 6.24 7.53 -19.76
N TYR E 47 6.20 6.21 -19.98
CA TYR E 47 4.93 5.55 -20.29
C TYR E 47 3.95 5.69 -19.14
N GLN E 48 4.42 5.52 -17.90
CA GLN E 48 3.56 5.64 -16.73
C GLN E 48 2.95 7.03 -16.68
N SER E 49 3.78 8.06 -16.85
CA SER E 49 3.29 9.43 -16.83
C SER E 49 2.29 9.69 -17.95
N LYS E 50 2.59 9.24 -19.16
CA LYS E 50 1.72 9.52 -20.29
C LYS E 50 0.38 8.83 -20.13
N LEU E 51 0.40 7.56 -19.69
CA LEU E 51 -0.82 6.82 -19.45
C LEU E 51 -1.64 7.41 -18.31
N SER E 52 -0.98 7.87 -17.23
CA SER E 52 -1.71 8.51 -16.15
C SER E 52 -2.30 9.85 -16.59
N GLU E 53 -1.60 10.57 -17.46
CA GLU E 53 -2.16 11.82 -17.98
C GLU E 53 -3.37 11.55 -18.85
N TYR E 54 -3.33 10.48 -19.64
CA TYR E 54 -4.52 10.07 -20.38
C TYR E 54 -5.66 9.70 -19.44
N ASN E 55 -5.34 9.00 -18.35
CA ASN E 55 -6.34 8.72 -17.32
C ASN E 55 -6.98 10.00 -16.81
N LEU E 56 -6.16 11.00 -16.46
CA LEU E 56 -6.68 12.26 -15.97
C LEU E 56 -7.53 12.95 -17.03
N TYR E 57 -7.11 12.87 -18.29
CA TYR E 57 -7.85 13.46 -19.39
C TYR E 57 -9.25 12.87 -19.51
N ARG E 58 -9.34 11.54 -19.55
CA ARG E 58 -10.63 10.90 -19.68
C ARG E 58 -11.50 11.11 -18.45
N ASN E 59 -10.89 11.10 -17.25
CA ASN E 59 -11.65 11.35 -16.04
C ASN E 59 -12.20 12.78 -16.00
N ALA E 60 -11.41 13.76 -16.46
CA ALA E 60 -11.91 15.13 -16.52
C ALA E 60 -13.05 15.24 -17.52
N GLN E 61 -12.96 14.54 -18.65
CA GLN E 61 -14.08 14.54 -19.59
C GLN E 61 -15.33 13.95 -18.96
N SER E 62 -15.18 12.84 -18.24
CA SER E 62 -16.32 12.23 -17.57
C SER E 62 -16.92 13.18 -16.54
N ASN E 63 -16.08 13.86 -15.76
CA ASN E 63 -16.59 14.78 -14.76
C ASN E 63 -17.33 15.94 -15.41
N THR E 64 -16.79 16.50 -16.50
CA THR E 64 -17.43 17.67 -17.08
C THR E 64 -18.70 17.30 -17.82
N VAL E 65 -18.82 16.05 -18.27
CA VAL E 65 -20.08 15.65 -18.87
C VAL E 65 -21.09 15.26 -17.79
N LYS E 66 -20.64 14.81 -16.63
CA LYS E 66 -21.55 14.51 -15.54
C LYS E 66 -22.10 15.77 -14.88
N VAL E 67 -21.25 16.75 -14.60
CA VAL E 67 -21.70 17.96 -13.92
C VAL E 67 -22.72 18.70 -14.77
N PHE E 68 -22.53 18.71 -16.09
CA PHE E 68 -23.50 19.35 -16.96
C PHE E 68 -24.83 18.63 -16.97
N LYS E 69 -24.91 17.39 -16.49
CA LYS E 69 -26.21 16.73 -16.37
C LYS E 69 -27.03 17.35 -15.25
N ASP E 70 -26.41 17.54 -14.08
CA ASP E 70 -27.18 18.02 -12.92
C ASP E 70 -27.70 19.43 -13.12
N ILE E 71 -26.89 20.31 -13.73
CA ILE E 71 -27.26 21.72 -13.77
C ILE E 71 -28.50 21.93 -14.64
N ASP E 72 -28.62 21.19 -15.73
CA ASP E 72 -29.81 21.28 -16.58
C ASP E 72 -30.81 20.17 -16.28
N ALA E 73 -30.51 19.29 -15.34
CA ALA E 73 -31.54 18.44 -14.77
C ALA E 73 -32.32 19.17 -13.69
N ALA E 74 -31.71 20.18 -13.08
CA ALA E 74 -32.42 21.00 -12.11
C ALA E 74 -33.63 21.66 -12.76
N ILE E 75 -33.42 22.34 -13.89
CA ILE E 75 -34.51 23.08 -14.51
C ILE E 75 -35.64 22.14 -14.94
N ILE E 76 -35.29 21.04 -15.58
CA ILE E 76 -36.32 20.11 -16.03
C ILE E 76 -37.06 19.51 -14.84
N GLN E 77 -36.34 19.14 -13.79
CA GLN E 77 -37.02 18.68 -12.57
C GLN E 77 -37.76 19.82 -11.91
N ASN E 78 -37.26 21.05 -12.02
CA ASN E 78 -37.90 22.23 -11.44
C ASN E 78 -38.69 23.01 -12.49
N PHE E 79 -39.25 22.33 -13.47
CA PHE E 79 -39.94 22.98 -14.57
C PHE E 79 -41.39 23.30 -14.25
N ARG E 80 -41.95 22.64 -13.25
CA ARG E 80 -43.34 22.86 -12.84
C ARG E 80 -43.53 24.25 -12.24
N ILE F 129 4.52 27.13 -15.64
CA ILE F 129 3.44 26.70 -14.76
C ILE F 129 2.61 25.62 -15.42
N SER F 130 2.95 24.36 -15.14
CA SER F 130 2.22 23.22 -15.67
C SER F 130 2.68 21.97 -14.92
N ASP F 131 1.85 20.93 -14.97
CA ASP F 131 2.21 19.64 -14.37
C ASP F 131 2.65 18.61 -15.39
N ALA F 132 2.16 18.69 -16.63
CA ALA F 132 2.65 17.78 -17.66
C ALA F 132 4.12 18.05 -17.98
N GLU F 133 4.53 19.32 -17.93
CA GLU F 133 5.94 19.61 -18.08
C GLU F 133 6.75 19.07 -16.90
N ILE F 134 6.17 19.00 -15.72
CA ILE F 134 6.82 18.35 -14.58
C ILE F 134 7.06 16.89 -14.89
N TRP F 135 6.05 16.22 -15.47
CA TRP F 135 6.19 14.82 -15.81
C TRP F 135 7.22 14.60 -16.92
N ASP F 136 7.25 15.48 -17.92
CA ASP F 136 8.29 15.41 -18.94
C ASP F 136 9.67 15.61 -18.33
N MET F 137 9.77 16.54 -17.38
CA MET F 137 11.03 16.77 -16.68
C MET F 137 11.47 15.53 -15.93
N VAL F 138 10.54 14.86 -15.27
CA VAL F 138 10.85 13.61 -14.57
C VAL F 138 11.30 12.55 -15.57
N SER F 139 10.60 12.45 -16.69
CA SER F 139 10.93 11.42 -17.68
C SER F 139 12.33 11.62 -18.25
N GLN F 140 12.69 12.87 -18.56
CA GLN F 140 14.02 13.14 -19.07
C GLN F 140 15.09 13.08 -17.99
N ASN F 141 14.74 13.41 -16.73
CA ASN F 141 15.71 13.38 -15.66
C ASN F 141 16.07 11.97 -15.25
N ILE F 142 15.08 11.08 -15.10
CA ILE F 142 15.36 9.69 -14.76
C ILE F 142 16.22 9.01 -15.81
N SER F 143 16.30 9.58 -17.02
CA SER F 143 17.26 9.14 -18.02
C SER F 143 18.57 9.91 -17.93
N ALA F 144 18.53 11.15 -17.45
CA ALA F 144 19.74 11.96 -17.33
C ALA F 144 20.66 11.48 -16.23
N ILE F 145 20.22 10.55 -15.39
CA ILE F 145 21.09 9.94 -14.39
C ILE F 145 21.36 8.46 -14.67
N GLY F 146 20.43 7.76 -15.33
CA GLY F 146 20.62 6.34 -15.55
C GLY F 146 21.89 6.01 -16.32
N ASP F 147 22.24 6.83 -17.31
CA ASP F 147 23.43 6.62 -18.10
C ASP F 147 24.53 7.63 -17.83
N SER F 148 24.26 8.66 -17.03
CA SER F 148 25.27 9.66 -16.71
C SER F 148 25.82 9.54 -15.30
N TYR F 149 25.16 8.81 -14.41
CA TYR F 149 25.70 8.52 -13.09
C TYR F 149 25.92 7.03 -12.88
N LEU F 150 24.88 6.21 -13.04
CA LEU F 150 25.05 4.78 -12.86
C LEU F 150 25.81 4.16 -14.03
N GLY F 151 25.53 4.62 -15.25
CA GLY F 151 26.24 4.11 -16.41
C GLY F 151 27.73 4.36 -16.35
N VAL F 152 28.13 5.51 -15.80
CA VAL F 152 29.55 5.80 -15.65
C VAL F 152 30.22 4.77 -14.75
N TYR F 153 29.61 4.47 -13.61
CA TYR F 153 30.17 3.46 -12.72
C TYR F 153 30.18 2.09 -13.37
N GLU F 154 29.12 1.76 -14.12
CA GLU F 154 29.08 0.46 -14.79
C GLU F 154 30.22 0.31 -15.77
N ASN F 155 30.45 1.33 -16.60
CA ASN F 155 31.52 1.24 -17.59
C ASN F 155 32.88 1.27 -16.93
N VAL F 156 33.03 2.04 -15.85
CA VAL F 156 34.29 2.05 -15.11
C VAL F 156 34.59 0.66 -14.56
N VAL F 157 33.58 0.01 -13.97
CA VAL F 157 33.77 -1.34 -13.46
C VAL F 157 34.14 -2.29 -14.59
N ALA F 158 33.46 -2.18 -15.74
CA ALA F 158 33.75 -3.09 -16.85
C ALA F 158 35.18 -2.93 -17.34
N VAL F 159 35.62 -1.70 -17.58
CA VAL F 159 36.96 -1.49 -18.09
C VAL F 159 38.01 -1.84 -17.05
N TYR F 160 37.74 -1.57 -15.78
CA TYR F 160 38.72 -1.90 -14.75
C TYR F 160 38.83 -3.40 -14.55
N THR F 161 37.72 -4.13 -14.71
CA THR F 161 37.77 -5.59 -14.68
C THR F 161 38.51 -6.14 -15.89
N ASP F 162 38.36 -5.51 -17.06
CA ASP F 162 39.18 -5.90 -18.21
C ASP F 162 40.66 -5.71 -17.92
N PHE F 163 41.01 -4.57 -17.30
CA PHE F 163 42.39 -4.33 -16.92
C PHE F 163 42.88 -5.37 -15.93
N TYR F 164 42.05 -5.72 -14.95
CA TYR F 164 42.42 -6.74 -13.97
C TYR F 164 42.58 -8.10 -14.61
N GLN F 165 41.76 -8.41 -15.62
CA GLN F 165 41.92 -9.66 -16.36
C GLN F 165 43.26 -9.68 -17.11
N ALA F 166 43.63 -8.54 -17.70
CA ALA F 166 44.94 -8.45 -18.33
C ALA F 166 46.05 -8.68 -17.31
N PHE F 167 45.91 -8.09 -16.11
CA PHE F 167 46.89 -8.31 -15.06
C PHE F 167 46.97 -9.77 -14.64
N SER F 168 45.82 -10.43 -14.53
CA SER F 168 45.80 -11.85 -14.17
C SER F 168 46.46 -12.70 -15.25
N ASP F 169 46.23 -12.37 -16.52
CA ASP F 169 46.92 -13.08 -17.59
C ASP F 169 48.42 -12.90 -17.49
N ILE F 170 48.87 -11.68 -17.17
CA ILE F 170 50.30 -11.43 -17.00
C ILE F 170 50.85 -12.25 -15.83
N LEU F 171 50.11 -12.31 -14.73
CA LEU F 171 50.55 -13.10 -13.59
C LEU F 171 50.66 -14.57 -13.93
N SER F 172 49.66 -15.10 -14.65
CA SER F 172 49.71 -16.50 -15.06
C SER F 172 50.89 -16.77 -15.98
N LYS F 173 51.18 -15.85 -16.91
CA LYS F 173 52.33 -16.02 -17.78
C LYS F 173 53.63 -15.98 -16.99
N MET F 174 53.73 -15.08 -16.02
CA MET F 174 54.95 -14.95 -15.22
C MET F 174 55.16 -16.16 -14.33
N GLY F 175 54.08 -16.81 -13.90
CA GLY F 175 54.21 -17.95 -13.00
C GLY F 175 55.05 -19.08 -13.54
N GLY F 176 55.26 -19.12 -14.86
CA GLY F 176 56.08 -20.15 -15.45
C GLY F 176 57.39 -19.64 -16.02
N TRP F 177 57.93 -18.58 -15.43
CA TRP F 177 59.21 -18.00 -15.83
C TRP F 177 60.18 -18.00 -14.67
N LEU F 178 60.31 -19.15 -14.00
CA LEU F 178 61.21 -19.31 -12.87
C LEU F 178 62.06 -20.55 -13.06
N LEU F 179 63.21 -20.56 -12.38
CA LEU F 179 64.14 -21.68 -12.46
C LEU F 179 65.11 -21.60 -11.28
N PRO F 180 65.62 -22.72 -10.80
CA PRO F 180 66.77 -22.66 -9.89
C PRO F 180 68.04 -22.26 -10.62
N GLY F 181 68.95 -21.65 -9.87
CA GLY F 181 70.25 -21.25 -10.38
C GLY F 181 71.34 -21.86 -9.50
N LYS F 182 72.49 -22.16 -10.12
CA LYS F 182 73.63 -22.81 -9.50
C LYS F 182 73.24 -24.07 -8.73
N ASP F 183 72.08 -24.63 -9.04
CA ASP F 183 71.53 -25.80 -8.34
C ASP F 183 71.46 -25.55 -6.83
N GLY F 184 71.16 -24.32 -6.45
CA GLY F 184 71.12 -23.97 -5.04
C GLY F 184 70.03 -22.99 -4.66
N ASN F 185 70.29 -22.19 -3.62
CA ASN F 185 69.30 -21.23 -3.15
C ASN F 185 69.05 -20.11 -4.13
N THR F 186 69.96 -19.87 -5.08
CA THR F 186 69.78 -18.81 -6.05
C THR F 186 68.63 -19.14 -6.99
N VAL F 187 67.89 -18.11 -7.40
CA VAL F 187 66.75 -18.25 -8.29
C VAL F 187 66.99 -17.41 -9.54
N LYS F 188 66.69 -17.99 -10.69
CA LYS F 188 66.61 -17.24 -11.94
C LYS F 188 65.26 -16.54 -12.02
N LEU F 189 65.27 -15.28 -12.43
CA LEU F 189 64.04 -14.55 -12.67
C LEU F 189 64.18 -13.76 -13.96
N ASP F 190 63.15 -13.84 -14.81
CA ASP F 190 63.17 -13.19 -16.11
C ASP F 190 62.74 -11.74 -15.93
N VAL F 191 63.71 -10.82 -15.99
CA VAL F 191 63.39 -9.41 -15.77
C VAL F 191 63.10 -8.71 -17.09
N THR F 192 63.86 -9.01 -18.14
CA THR F 192 63.65 -8.33 -19.42
C THR F 192 62.29 -8.65 -20.02
N SER F 193 61.85 -9.90 -19.92
CA SER F 193 60.56 -10.28 -20.50
C SER F 193 59.41 -9.60 -19.77
N LEU F 194 59.42 -9.63 -18.44
CA LEU F 194 58.39 -8.95 -17.68
C LEU F 194 58.42 -7.45 -17.94
N LYS F 195 59.62 -6.86 -18.00
CA LYS F 195 59.72 -5.43 -18.27
C LYS F 195 59.10 -5.10 -19.62
N ASN F 196 59.45 -5.85 -20.67
CA ASN F 196 58.92 -5.57 -21.99
C ASN F 196 57.40 -5.74 -22.02
N ASP F 197 56.91 -6.84 -21.44
CA ASP F 197 55.47 -7.12 -21.48
C ASP F 197 54.69 -6.05 -20.72
N LEU F 198 55.18 -5.65 -19.55
CA LEU F 198 54.45 -4.69 -18.75
C LEU F 198 54.54 -3.28 -19.32
N ASN F 199 55.67 -2.94 -19.95
CA ASN F 199 55.73 -1.67 -20.66
C ASN F 199 54.77 -1.65 -21.84
N SER F 200 54.66 -2.77 -22.56
CA SER F 200 53.68 -2.85 -23.64
C SER F 200 52.27 -2.67 -23.10
N LEU F 201 51.95 -3.35 -21.99
CA LEU F 201 50.61 -3.19 -21.40
C LEU F 201 50.35 -1.76 -20.96
N VAL F 202 51.35 -1.13 -20.33
CA VAL F 202 51.16 0.24 -19.84
C VAL F 202 50.94 1.20 -20.99
N ASN F 203 51.82 1.16 -22.00
CA ASN F 203 51.68 2.09 -23.11
C ASN F 203 50.47 1.78 -23.97
N LYS F 204 49.92 0.56 -23.88
CA LYS F 204 48.66 0.29 -24.56
C LYS F 204 47.46 0.82 -23.78
N TYR F 205 47.53 0.80 -22.45
CA TYR F 205 46.52 1.48 -21.63
C TYR F 205 46.84 2.96 -21.40
N ASN F 206 47.98 3.45 -21.87
CA ASN F 206 48.24 4.88 -21.77
C ASN F 206 47.52 5.67 -22.85
N GLN F 207 46.93 5.01 -23.83
CA GLN F 207 46.18 5.68 -24.89
C GLN F 207 44.73 5.90 -24.44
N ILE F 208 43.93 6.45 -25.34
CA ILE F 208 42.53 6.75 -25.07
C ILE F 208 41.69 6.06 -26.13
N ASN F 209 40.92 5.06 -25.73
CA ASN F 209 40.01 4.37 -26.63
C ASN F 209 38.85 3.82 -25.79
N SER F 210 38.06 2.92 -26.37
CA SER F 210 36.90 2.38 -25.67
C SER F 210 37.29 1.48 -24.51
N ASN F 211 38.54 1.03 -24.45
CA ASN F 211 38.97 0.08 -23.42
C ASN F 211 40.04 0.66 -22.50
N THR F 212 40.24 1.98 -22.53
CA THR F 212 41.26 2.60 -21.70
C THR F 212 40.76 3.88 -21.04
N VAL F 213 39.44 4.08 -21.00
CA VAL F 213 38.86 5.30 -20.48
C VAL F 213 37.79 4.96 -19.46
N LEU F 214 37.73 5.78 -18.41
CA LEU F 214 36.72 5.64 -17.36
C LEU F 214 35.56 6.61 -17.56
N PHE F 215 35.86 7.89 -17.75
CA PHE F 215 34.93 8.97 -17.96
C PHE F 215 35.26 9.69 -19.26
N PRO F 216 34.25 10.07 -20.06
CA PRO F 216 32.81 9.96 -19.82
C PRO F 216 32.15 8.69 -20.33
N ALA F 217 32.76 7.54 -20.07
CA ALA F 217 32.21 6.25 -20.48
C ALA F 217 31.99 6.21 -21.99
N GLN F 218 33.10 6.33 -22.72
CA GLN F 218 33.03 6.37 -24.18
C GLN F 218 32.53 5.04 -24.73
N SER F 219 31.69 5.13 -25.77
CA SER F 219 31.19 3.96 -26.46
C SER F 219 30.65 4.37 -27.83
N GLY F 220 30.39 3.38 -28.66
CA GLY F 220 29.75 3.60 -29.95
C GLY F 220 30.69 4.02 -31.06
N SER F 221 31.12 5.28 -31.05
CA SER F 221 31.97 5.80 -32.11
C SER F 221 32.67 7.06 -31.62
N GLY F 222 33.85 7.30 -32.18
CA GLY F 222 34.63 8.45 -31.77
C GLY F 222 35.11 8.31 -30.33
N VAL F 223 35.52 9.44 -29.76
CA VAL F 223 35.90 9.51 -28.36
C VAL F 223 35.21 10.72 -27.74
N LYS F 224 34.47 10.49 -26.65
CA LYS F 224 33.71 11.55 -25.99
C LYS F 224 34.64 12.36 -25.09
N VAL F 225 34.59 13.67 -25.24
CA VAL F 225 35.44 14.58 -24.49
C VAL F 225 34.65 15.19 -23.34
N ALA F 226 35.36 15.79 -22.40
CA ALA F 226 34.74 16.39 -21.21
C ALA F 226 35.56 17.56 -20.73
N THR F 227 34.93 18.42 -19.93
CA THR F 227 35.59 19.58 -19.37
C THR F 227 36.05 19.33 -17.93
N GLU F 228 36.65 20.36 -17.33
CA GLU F 228 37.23 20.24 -16.00
C GLU F 228 36.20 19.93 -14.92
N ALA F 229 35.03 20.57 -14.97
CA ALA F 229 34.17 20.62 -13.80
C ALA F 229 33.73 19.23 -13.36
N GLU F 230 32.96 18.53 -14.19
CA GLU F 230 32.44 17.23 -13.79
C GLU F 230 33.54 16.18 -13.69
N ALA F 231 34.55 16.27 -14.56
CA ALA F 231 35.67 15.32 -14.49
C ALA F 231 36.34 15.37 -13.13
N ARG F 232 36.73 16.57 -12.68
CA ARG F 232 37.32 16.71 -11.35
C ARG F 232 36.34 16.30 -10.28
N GLN F 233 35.08 16.75 -10.39
CA GLN F 233 34.11 16.53 -9.33
C GLN F 233 33.85 15.05 -9.11
N TRP F 234 33.98 14.24 -10.16
CA TRP F 234 33.67 12.82 -10.00
C TRP F 234 34.93 11.98 -9.82
N LEU F 235 36.09 12.46 -10.30
CA LEU F 235 37.29 11.76 -9.87
C LEU F 235 37.61 12.05 -8.41
N SER F 236 36.97 13.06 -7.82
CA SER F 236 37.12 13.30 -6.39
C SER F 236 36.65 12.09 -5.58
N GLU F 237 35.51 11.51 -5.95
CA GLU F 237 35.04 10.31 -5.26
C GLU F 237 35.50 9.03 -5.92
N LEU F 238 35.90 9.07 -7.20
CA LEU F 238 36.57 7.91 -7.78
C LEU F 238 37.90 7.66 -7.11
N ASN F 239 38.45 8.68 -6.45
CA ASN F 239 39.64 8.56 -5.60
C ASN F 239 40.84 8.03 -6.42
N LEU F 240 41.23 8.85 -7.38
CA LEU F 240 42.37 8.55 -8.24
C LEU F 240 43.42 9.63 -8.10
N PRO F 241 44.69 9.30 -8.34
CA PRO F 241 45.75 10.31 -8.23
C PRO F 241 45.61 11.36 -9.33
N ASN F 242 46.38 12.44 -9.16
CA ASN F 242 46.34 13.53 -10.13
C ASN F 242 46.80 13.08 -11.50
N SER F 243 47.78 12.17 -11.57
CA SER F 243 48.32 11.69 -12.84
C SER F 243 47.40 10.63 -13.45
N CYS F 244 46.13 11.00 -13.59
CA CYS F 244 45.14 10.16 -14.25
C CYS F 244 44.25 10.92 -15.21
N LEU F 245 44.42 12.23 -15.36
CA LEU F 245 43.63 13.03 -16.28
C LEU F 245 44.39 13.18 -17.59
N LYS F 246 43.77 12.74 -18.68
CA LYS F 246 44.38 12.82 -20.00
C LYS F 246 43.58 13.77 -20.89
N SER F 247 44.27 14.39 -21.83
CA SER F 247 43.70 15.42 -22.68
C SER F 247 43.67 14.90 -24.11
N TYR F 248 42.47 14.78 -24.68
CA TYR F 248 42.33 14.40 -26.09
C TYR F 248 42.24 15.65 -26.96
N GLY F 249 43.20 16.55 -26.76
CA GLY F 249 43.28 17.75 -27.57
C GLY F 249 42.16 18.73 -27.24
N SER F 250 40.92 18.34 -27.57
CA SER F 250 39.78 19.21 -27.33
C SER F 250 39.31 19.14 -25.89
N GLY F 251 39.01 17.92 -25.41
CA GLY F 251 38.49 17.77 -24.07
C GLY F 251 39.29 16.83 -23.19
N TYR F 252 38.69 16.40 -22.08
CA TYR F 252 39.39 15.64 -21.06
C TYR F 252 38.72 14.29 -20.87
N VAL F 253 39.53 13.29 -20.55
CA VAL F 253 39.05 11.94 -20.27
C VAL F 253 39.74 11.42 -19.02
N VAL F 254 39.14 10.41 -18.40
CA VAL F 254 39.66 9.80 -17.20
C VAL F 254 40.10 8.38 -17.52
N THR F 255 41.34 8.05 -17.19
CA THR F 255 41.92 6.75 -17.47
C THR F 255 42.27 6.04 -16.17
N VAL F 256 42.59 4.76 -16.29
CA VAL F 256 42.86 3.93 -15.12
C VAL F 256 44.12 4.39 -14.42
N ASP F 257 44.27 4.00 -13.16
CA ASP F 257 45.44 4.37 -12.36
C ASP F 257 46.60 3.46 -12.76
N LEU F 258 47.47 3.97 -13.61
CA LEU F 258 48.66 3.25 -14.02
C LEU F 258 49.83 3.45 -13.06
N THR F 259 49.67 4.29 -12.04
CA THR F 259 50.78 4.60 -11.14
C THR F 259 51.33 3.39 -10.39
N PRO F 260 50.53 2.54 -9.74
CA PRO F 260 51.14 1.34 -9.12
C PRO F 260 51.78 0.42 -10.14
N LEU F 261 51.17 0.29 -11.32
CA LEU F 261 51.73 -0.59 -12.34
C LEU F 261 53.02 -0.03 -12.90
N GLN F 262 53.07 1.28 -13.15
CA GLN F 262 54.31 1.91 -13.56
C GLN F 262 55.37 1.79 -12.46
N LYS F 263 54.95 1.85 -11.20
CA LYS F 263 55.89 1.68 -10.09
C LYS F 263 56.48 0.28 -10.06
N MET F 264 55.66 -0.75 -10.29
CA MET F 264 56.19 -2.10 -10.39
C MET F 264 57.13 -2.23 -11.58
N VAL F 265 56.75 -1.63 -12.72
CA VAL F 265 57.62 -1.65 -13.90
C VAL F 265 58.97 -1.01 -13.58
N GLN F 266 58.96 0.08 -12.81
CA GLN F 266 60.19 0.78 -12.49
C GLN F 266 61.04 -0.03 -11.52
N ASP F 267 60.44 -0.56 -10.46
CA ASP F 267 61.23 -1.22 -9.43
C ASP F 267 61.62 -2.64 -9.80
N ILE F 268 61.04 -3.21 -10.86
CA ILE F 268 61.51 -4.51 -11.31
C ILE F 268 62.93 -4.41 -11.86
N ASP F 269 63.36 -3.21 -12.25
CA ASP F 269 64.75 -2.95 -12.59
C ASP F 269 65.57 -2.47 -11.40
N GLY F 270 64.97 -2.40 -10.22
CA GLY F 270 65.72 -2.10 -9.02
C GLY F 270 66.53 -3.25 -8.50
N LEU F 271 66.37 -4.44 -9.08
CA LEU F 271 67.16 -5.60 -8.73
C LEU F 271 68.57 -5.54 -9.30
N GLY F 272 68.82 -4.62 -10.23
CA GLY F 272 70.13 -4.51 -10.85
C GLY F 272 70.07 -4.52 -12.37
N ALA F 273 71.15 -4.92 -13.01
CA ALA F 273 71.23 -4.96 -14.45
C ALA F 273 71.20 -6.40 -14.95
N PRO F 274 70.59 -6.66 -16.11
CA PRO F 274 70.56 -8.04 -16.63
C PRO F 274 71.89 -8.47 -17.24
N GLY F 275 72.79 -8.93 -16.37
CA GLY F 275 74.09 -9.36 -16.83
C GLY F 275 74.03 -10.54 -17.76
N LYS F 276 73.24 -11.56 -17.40
CA LYS F 276 73.04 -12.69 -18.29
C LYS F 276 72.19 -12.29 -19.48
N ASP F 277 72.45 -12.94 -20.61
CA ASP F 277 71.69 -12.66 -21.83
C ASP F 277 70.23 -13.09 -21.71
N SER F 278 69.89 -13.92 -20.72
CA SER F 278 68.54 -14.47 -20.59
C SER F 278 67.80 -13.92 -19.38
N LYS F 279 68.33 -14.07 -18.17
CA LYS F 279 67.59 -13.68 -16.98
C LYS F 279 68.53 -13.48 -15.81
N LEU F 280 68.02 -12.85 -14.75
CA LEU F 280 68.80 -12.49 -13.58
C LEU F 280 68.93 -13.67 -12.63
N GLU F 281 70.03 -13.65 -11.86
CA GLU F 281 70.28 -14.59 -10.78
C GLU F 281 70.24 -13.81 -9.48
N MET F 282 69.50 -14.32 -8.49
CA MET F 282 69.52 -13.63 -7.21
C MET F 282 69.21 -14.61 -6.09
N ASP F 283 69.84 -14.39 -4.95
CA ASP F 283 69.68 -15.30 -3.82
C ASP F 283 68.22 -15.29 -3.35
N ASN F 284 67.81 -16.41 -2.76
CA ASN F 284 66.41 -16.60 -2.45
C ASN F 284 65.87 -15.56 -1.47
N ALA F 285 66.70 -15.02 -0.59
CA ALA F 285 66.21 -14.00 0.33
C ALA F 285 65.69 -12.79 -0.44
N LYS F 286 66.48 -12.32 -1.42
CA LYS F 286 66.02 -11.25 -2.29
C LYS F 286 64.82 -11.68 -3.12
N TYR F 287 64.75 -12.96 -3.51
CA TYR F 287 63.61 -13.42 -4.28
C TYR F 287 62.31 -13.31 -3.49
N GLN F 288 62.31 -13.77 -2.24
CA GLN F 288 61.09 -13.63 -1.44
C GLN F 288 60.81 -12.18 -1.08
N ALA F 289 61.86 -11.36 -0.90
CA ALA F 289 61.60 -9.93 -0.68
C ALA F 289 60.89 -9.32 -1.89
N TRP F 290 61.38 -9.61 -3.10
CA TRP F 290 60.76 -9.09 -4.31
C TRP F 290 59.35 -9.63 -4.49
N GLN F 291 59.15 -10.92 -4.24
CA GLN F 291 57.82 -11.51 -4.42
C GLN F 291 56.84 -10.96 -3.40
N SER F 292 57.30 -10.71 -2.17
CA SER F 292 56.45 -10.08 -1.16
C SER F 292 56.07 -8.67 -1.58
N GLY F 293 57.02 -7.91 -2.13
CA GLY F 293 56.68 -6.58 -2.64
C GLY F 293 55.66 -6.64 -3.76
N PHE F 294 55.84 -7.58 -4.69
CA PHE F 294 54.90 -7.73 -5.80
C PHE F 294 53.52 -8.12 -5.30
N LYS F 295 53.47 -9.04 -4.33
CA LYS F 295 52.19 -9.43 -3.75
C LYS F 295 51.53 -8.28 -3.02
N ALA F 296 52.31 -7.44 -2.33
CA ALA F 296 51.74 -6.25 -1.69
C ALA F 296 51.14 -5.31 -2.73
N GLN F 297 51.86 -5.10 -3.84
CA GLN F 297 51.32 -4.23 -4.87
C GLN F 297 50.04 -4.78 -5.47
N GLU F 298 50.02 -6.09 -5.77
CA GLU F 298 48.83 -6.66 -6.40
C GLU F 298 47.65 -6.67 -5.44
N GLU F 299 47.89 -6.92 -4.16
CA GLU F 299 46.80 -6.86 -3.20
C GLU F 299 46.31 -5.43 -2.97
N ASN F 300 47.20 -4.44 -3.05
CA ASN F 300 46.75 -3.06 -3.01
C ASN F 300 45.82 -2.76 -4.18
N MET F 301 46.21 -3.23 -5.37
CA MET F 301 45.33 -3.06 -6.53
C MET F 301 44.02 -3.80 -6.36
N LYS F 302 44.06 -4.99 -5.76
CA LYS F 302 42.83 -5.74 -5.49
C LYS F 302 41.92 -4.98 -4.53
N THR F 303 42.49 -4.36 -3.50
CA THR F 303 41.69 -3.54 -2.61
C THR F 303 41.08 -2.35 -3.34
N THR F 304 41.86 -1.74 -4.25
CA THR F 304 41.31 -0.65 -5.06
C THR F 304 40.12 -1.12 -5.88
N LEU F 305 40.25 -2.29 -6.53
CA LEU F 305 39.15 -2.84 -7.30
C LEU F 305 37.95 -3.14 -6.42
N GLN F 306 38.19 -3.68 -5.23
CA GLN F 306 37.11 -4.00 -4.30
C GLN F 306 36.37 -2.74 -3.89
N THR F 307 37.11 -1.67 -3.58
CA THR F 307 36.47 -0.41 -3.23
C THR F 307 35.65 0.14 -4.40
N LEU F 308 36.20 0.05 -5.62
CA LEU F 308 35.51 0.59 -6.77
C LEU F 308 34.25 -0.20 -7.08
N THR F 309 34.27 -1.51 -6.85
CA THR F 309 33.06 -2.31 -7.03
C THR F 309 32.05 -2.07 -5.92
N GLN F 310 32.52 -1.95 -4.67
CA GLN F 310 31.67 -1.64 -3.55
C GLN F 310 31.01 -0.28 -3.68
N LYS F 311 31.60 0.62 -4.47
CA LYS F 311 30.95 1.87 -4.81
C LYS F 311 29.57 1.66 -5.44
N TYR F 312 29.26 0.45 -5.89
CA TYR F 312 27.88 0.14 -6.27
C TYR F 312 26.93 0.32 -5.09
N SER F 313 27.38 0.02 -3.87
CA SER F 313 26.52 0.25 -2.71
C SER F 313 26.14 1.72 -2.58
N ASN F 314 26.93 2.63 -3.13
CA ASN F 314 26.60 4.05 -3.11
C ASN F 314 26.01 4.53 -4.43
N ALA F 315 26.09 3.74 -5.49
CA ALA F 315 25.57 4.16 -6.79
C ALA F 315 24.31 3.43 -7.20
N ASN F 316 24.34 2.10 -7.26
CA ASN F 316 23.19 1.34 -7.76
C ASN F 316 22.02 1.38 -6.77
N SER F 317 22.29 1.12 -5.49
CA SER F 317 21.23 1.18 -4.50
C SER F 317 20.70 2.60 -4.35
N LEU F 318 21.59 3.59 -4.42
CA LEU F 318 21.15 4.98 -4.34
C LEU F 318 20.32 5.38 -5.54
N TYR F 319 20.63 4.85 -6.73
CA TYR F 319 19.78 5.09 -7.90
C TYR F 319 18.45 4.39 -7.76
N ASP F 320 18.44 3.18 -7.18
CA ASP F 320 17.19 2.50 -6.88
C ASP F 320 16.33 3.28 -5.89
N ASN F 321 16.94 3.98 -4.95
CA ASN F 321 16.18 4.88 -4.10
C ASN F 321 15.75 6.15 -4.81
N LEU F 322 16.59 6.67 -5.70
CA LEU F 322 16.31 7.94 -6.37
C LEU F 322 15.29 7.81 -7.49
N VAL F 323 15.08 6.61 -8.02
CA VAL F 323 14.07 6.43 -9.05
C VAL F 323 12.68 6.76 -8.53
N LYS F 324 12.53 6.90 -7.21
CA LYS F 324 11.24 7.21 -6.58
C LYS F 324 10.77 8.61 -6.92
N VAL F 325 11.46 9.28 -7.85
CA VAL F 325 10.95 10.50 -8.45
C VAL F 325 9.62 10.24 -9.14
N LEU F 326 9.33 8.98 -9.51
CA LEU F 326 8.05 8.71 -10.16
C LEU F 326 6.88 8.93 -9.22
N SER F 327 7.13 9.21 -7.94
CA SER F 327 6.03 9.53 -7.03
C SER F 327 5.27 10.74 -7.51
N SER F 328 5.90 11.59 -8.33
CA SER F 328 5.18 12.66 -9.00
C SER F 328 4.12 12.13 -9.94
N THR F 329 4.39 11.04 -10.66
CA THR F 329 3.37 10.38 -11.46
C THR F 329 2.45 9.51 -10.62
N ILE F 330 2.85 9.18 -9.40
CA ILE F 330 2.05 8.33 -8.52
C ILE F 330 1.13 9.20 -7.68
N SER F 331 1.71 10.15 -6.94
CA SER F 331 0.94 10.94 -5.98
C SER F 331 0.29 12.16 -6.61
N SER F 332 1.04 12.96 -7.38
CA SER F 332 0.47 14.15 -7.98
C SER F 332 -0.58 13.84 -9.05
N SER F 333 -0.63 12.61 -9.53
CA SER F 333 -1.70 12.19 -10.43
C SER F 333 -2.93 11.70 -9.70
N LEU F 334 -2.86 11.56 -8.37
CA LEU F 334 -4.01 11.27 -7.54
C LEU F 334 -4.84 12.54 -7.28
N GLU F 335 -4.35 13.68 -7.76
CA GLU F 335 -5.03 14.96 -7.64
C GLU F 335 -6.23 15.08 -8.57
N THR F 336 -6.67 13.97 -9.16
CA THR F 336 -7.93 13.94 -9.86
C THR F 336 -9.12 14.28 -8.96
N ALA F 337 -8.89 14.41 -7.65
CA ALA F 337 -9.92 14.96 -6.78
C ALA F 337 -10.28 16.38 -7.20
N LYS F 338 -9.32 17.11 -7.79
CA LYS F 338 -9.65 18.39 -8.40
C LYS F 338 -10.75 18.24 -9.43
N SER F 339 -10.75 17.16 -10.18
CA SER F 339 -11.80 16.82 -11.13
C SER F 339 -12.71 15.73 -10.59
N PHE F 340 -13.01 15.77 -9.29
CA PHE F 340 -13.88 14.80 -8.63
C PHE F 340 -13.34 13.38 -8.76
N PRO G 4 -22.89 -27.52 4.47
CA PRO G 4 -24.32 -27.19 4.37
C PRO G 4 -24.61 -26.17 3.28
N TRP G 5 -25.09 -25.00 3.65
CA TRP G 5 -25.39 -23.97 2.67
C TRP G 5 -24.10 -23.38 2.10
N SER G 6 -24.16 -22.96 0.84
CA SER G 6 -23.00 -22.36 0.18
C SER G 6 -23.49 -21.48 -0.95
N GLY G 7 -23.14 -20.20 -0.90
CA GLY G 7 -23.52 -19.26 -1.93
C GLY G 7 -22.54 -19.26 -3.09
N TYR G 8 -22.66 -18.23 -3.93
CA TYR G 8 -21.76 -18.11 -5.08
C TYR G 8 -20.37 -17.65 -4.69
N LEU G 9 -20.16 -17.25 -3.43
CA LEU G 9 -18.82 -16.90 -2.98
C LEU G 9 -18.14 -18.03 -2.24
N ASP G 10 -18.90 -18.83 -1.48
CA ASP G 10 -18.32 -19.94 -0.76
C ASP G 10 -17.74 -20.98 -1.71
N ASP G 11 -18.46 -21.28 -2.80
CA ASP G 11 -17.94 -22.25 -3.76
C ASP G 11 -16.71 -21.71 -4.48
N VAL G 12 -16.70 -20.41 -4.79
CA VAL G 12 -15.54 -19.81 -5.42
C VAL G 12 -14.32 -19.90 -4.51
N SER G 13 -14.52 -19.64 -3.22
CA SER G 13 -13.43 -19.81 -2.26
C SER G 13 -12.97 -21.26 -2.18
N ALA G 14 -13.91 -22.20 -2.11
CA ALA G 14 -13.58 -23.61 -2.02
C ALA G 14 -12.93 -24.15 -3.29
N LYS G 15 -13.07 -23.45 -4.42
CA LYS G 15 -12.44 -23.89 -5.65
C LYS G 15 -10.93 -23.94 -5.50
N PHE G 16 -10.35 -22.98 -4.79
CA PHE G 16 -8.91 -22.98 -4.52
C PHE G 16 -8.53 -23.86 -3.35
N ASP G 17 -9.49 -24.31 -2.54
CA ASP G 17 -9.16 -25.09 -1.35
C ASP G 17 -8.58 -26.44 -1.69
N THR G 18 -8.81 -26.94 -2.89
CA THR G 18 -8.23 -28.22 -3.29
C THR G 18 -6.73 -28.15 -3.47
N GLY G 19 -6.18 -26.95 -3.69
CA GLY G 19 -4.75 -26.82 -3.89
C GLY G 19 -4.02 -26.32 -2.65
N VAL G 20 -4.72 -25.58 -1.81
CA VAL G 20 -4.10 -25.03 -0.60
C VAL G 20 -3.69 -26.16 0.35
N ASP G 21 -4.56 -27.16 0.53
CA ASP G 21 -4.22 -28.29 1.38
C ASP G 21 -3.03 -29.06 0.82
N ASN G 22 -3.03 -29.28 -0.50
CA ASN G 22 -1.90 -29.94 -1.15
C ASN G 22 -0.61 -29.18 -0.90
N LEU G 23 -0.68 -27.85 -1.00
CA LEU G 23 0.54 -27.06 -0.88
C LEU G 23 1.01 -26.97 0.56
N GLN G 24 0.09 -26.98 1.52
CA GLN G 24 0.47 -27.14 2.93
C GLN G 24 1.21 -28.45 3.15
N THR G 25 0.69 -29.54 2.61
CA THR G 25 1.38 -30.82 2.77
C THR G 25 2.77 -30.76 2.14
N GLN G 26 2.86 -30.19 0.95
CA GLN G 26 4.14 -30.15 0.25
C GLN G 26 5.16 -29.27 0.97
N VAL G 27 4.72 -28.11 1.47
CA VAL G 27 5.65 -27.22 2.16
C VAL G 27 6.07 -27.79 3.50
N THR G 28 5.16 -28.50 4.18
CA THR G 28 5.55 -29.19 5.41
C THR G 28 6.61 -30.25 5.14
N GLU G 29 6.42 -31.03 4.06
CA GLU G 29 7.47 -31.98 3.70
C GLU G 29 8.76 -31.26 3.32
N ALA G 30 8.66 -30.09 2.70
CA ALA G 30 9.86 -29.34 2.35
C ALA G 30 10.63 -28.93 3.59
N LEU G 31 9.94 -28.41 4.60
CA LEU G 31 10.59 -28.09 5.87
C LEU G 31 11.19 -29.33 6.52
N ASP G 32 10.44 -30.43 6.52
CA ASP G 32 10.96 -31.65 7.16
C ASP G 32 12.22 -32.15 6.48
N LYS G 33 12.25 -32.13 5.14
CA LYS G 33 13.42 -32.64 4.44
C LYS G 33 14.57 -31.65 4.51
N LEU G 34 14.28 -30.37 4.65
CA LEU G 34 15.32 -29.40 4.94
C LEU G 34 15.95 -29.66 6.30
N ALA G 35 15.11 -29.98 7.28
CA ALA G 35 15.63 -30.33 8.61
C ALA G 35 16.46 -31.60 8.55
N ALA G 36 16.04 -32.57 7.72
CA ALA G 36 16.82 -33.80 7.58
C ALA G 36 18.22 -33.52 7.06
N LYS G 37 18.34 -32.64 6.07
CA LYS G 37 19.64 -32.22 5.58
C LYS G 37 19.54 -30.81 4.99
N PRO G 38 20.26 -29.84 5.56
CA PRO G 38 20.22 -28.46 5.06
C PRO G 38 21.39 -28.06 4.16
N SER G 39 22.33 -28.96 3.87
CA SER G 39 23.55 -28.59 3.16
C SER G 39 23.37 -28.64 1.64
N ASP G 40 22.42 -27.84 1.15
CA ASP G 40 22.22 -27.73 -0.28
C ASP G 40 21.39 -26.49 -0.57
N PRO G 41 21.67 -25.75 -1.65
CA PRO G 41 20.79 -24.65 -2.04
C PRO G 41 19.58 -25.09 -2.84
N ALA G 42 19.53 -26.35 -3.27
CA ALA G 42 18.37 -26.83 -4.01
C ALA G 42 17.10 -26.76 -3.17
N LEU G 43 17.19 -27.18 -1.90
CA LEU G 43 16.03 -27.12 -1.03
C LEU G 43 15.65 -25.68 -0.69
N LEU G 44 16.62 -24.79 -0.53
CA LEU G 44 16.29 -23.38 -0.30
C LEU G 44 15.56 -22.79 -1.50
N ALA G 45 16.02 -23.13 -2.71
CA ALA G 45 15.34 -22.67 -3.91
C ALA G 45 13.94 -23.24 -4.03
N ALA G 46 13.76 -24.53 -3.75
CA ALA G 46 12.42 -25.10 -3.76
C ALA G 46 11.53 -24.46 -2.70
N TYR G 47 12.12 -24.09 -1.56
CA TYR G 47 11.38 -23.43 -0.51
C TYR G 47 10.81 -22.09 -0.98
N GLN G 48 11.63 -21.28 -1.64
CA GLN G 48 11.14 -20.03 -2.21
C GLN G 48 10.17 -20.28 -3.35
N SER G 49 10.35 -21.35 -4.11
CA SER G 49 9.41 -21.68 -5.18
C SER G 49 8.04 -22.07 -4.64
N LYS G 50 8.00 -22.65 -3.44
CA LYS G 50 6.75 -23.17 -2.90
C LYS G 50 6.04 -22.15 -2.00
N LEU G 51 6.78 -21.41 -1.18
CA LEU G 51 6.16 -20.35 -0.40
C LEU G 51 5.57 -19.28 -1.30
N SER G 52 6.22 -19.02 -2.43
CA SER G 52 5.67 -18.08 -3.41
C SER G 52 4.35 -18.59 -3.97
N GLU G 53 4.28 -19.88 -4.31
CA GLU G 53 3.01 -20.43 -4.80
C GLU G 53 1.93 -20.36 -3.73
N TYR G 54 2.31 -20.58 -2.47
CA TYR G 54 1.36 -20.43 -1.37
C TYR G 54 0.81 -19.01 -1.28
N ASN G 55 1.70 -18.02 -1.24
CA ASN G 55 1.24 -16.64 -1.15
C ASN G 55 0.41 -16.28 -2.36
N LEU G 56 0.75 -16.84 -3.53
CA LEU G 56 0.00 -16.54 -4.74
C LEU G 56 -1.39 -17.15 -4.69
N TYR G 57 -1.53 -18.40 -4.21
CA TYR G 57 -2.87 -18.97 -4.03
C TYR G 57 -3.69 -18.12 -3.08
N ARG G 58 -3.12 -17.77 -1.93
CA ARG G 58 -3.89 -17.02 -0.93
C ARG G 58 -4.32 -15.66 -1.47
N ASN G 59 -3.40 -14.94 -2.11
CA ASN G 59 -3.72 -13.62 -2.63
C ASN G 59 -4.71 -13.71 -3.78
N ALA G 60 -4.59 -14.74 -4.62
CA ALA G 60 -5.55 -14.92 -5.70
C ALA G 60 -6.94 -15.20 -5.17
N GLN G 61 -7.05 -16.05 -4.16
CA GLN G 61 -8.36 -16.33 -3.57
C GLN G 61 -8.96 -15.08 -2.93
N SER G 62 -8.13 -14.30 -2.23
CA SER G 62 -8.61 -13.04 -1.67
C SER G 62 -9.08 -12.09 -2.76
N ASN G 63 -8.33 -12.01 -3.86
CA ASN G 63 -8.75 -11.16 -4.97
C ASN G 63 -10.07 -11.63 -5.57
N THR G 64 -10.23 -12.95 -5.72
CA THR G 64 -11.49 -13.47 -6.27
C THR G 64 -12.67 -13.09 -5.39
N VAL G 65 -12.56 -13.32 -4.08
CA VAL G 65 -13.70 -13.00 -3.23
C VAL G 65 -13.95 -11.49 -3.18
N LYS G 66 -12.89 -10.67 -3.19
CA LYS G 66 -13.09 -9.23 -3.18
C LYS G 66 -13.76 -8.74 -4.46
N VAL G 67 -13.32 -9.24 -5.62
CA VAL G 67 -13.89 -8.75 -6.87
C VAL G 67 -15.32 -9.27 -7.03
N PHE G 68 -15.62 -10.47 -6.54
CA PHE G 68 -17.01 -10.91 -6.62
C PHE G 68 -17.88 -10.31 -5.52
N LYS G 69 -17.28 -9.69 -4.51
CA LYS G 69 -18.03 -8.78 -3.64
C LYS G 69 -18.37 -7.49 -4.38
N ASP G 70 -17.37 -6.89 -5.01
CA ASP G 70 -17.57 -5.59 -5.66
C ASP G 70 -18.34 -5.69 -6.97
N ILE G 71 -18.44 -6.89 -7.56
CA ILE G 71 -19.19 -7.07 -8.78
C ILE G 71 -20.65 -6.71 -8.58
N ASP G 72 -21.19 -7.01 -7.40
CA ASP G 72 -22.60 -6.80 -7.13
C ASP G 72 -22.86 -5.91 -5.93
N ALA G 73 -21.82 -5.44 -5.23
CA ALA G 73 -22.04 -4.37 -4.27
C ALA G 73 -22.57 -3.12 -4.96
N ALA G 74 -22.01 -2.79 -6.12
CA ALA G 74 -22.52 -1.67 -6.90
C ALA G 74 -23.90 -1.95 -7.48
N ILE G 75 -24.17 -3.18 -7.89
CA ILE G 75 -25.47 -3.51 -8.45
C ILE G 75 -26.55 -3.42 -7.39
N ILE G 76 -26.23 -3.87 -6.17
CA ILE G 76 -27.20 -3.77 -5.09
C ILE G 76 -27.28 -2.35 -4.56
N GLN G 77 -26.24 -1.54 -4.79
CA GLN G 77 -26.31 -0.13 -4.39
C GLN G 77 -27.39 0.60 -5.16
N ASN G 78 -27.46 0.37 -6.47
CA ASN G 78 -28.54 0.92 -7.30
C ASN G 78 -29.63 -0.12 -7.56
N PHE G 79 -29.92 -0.96 -6.56
CA PHE G 79 -30.94 -1.99 -6.68
C PHE G 79 -32.33 -1.42 -6.85
N ARG G 80 -32.52 -0.13 -6.57
CA ARG G 80 -33.83 0.50 -6.67
C ARG G 80 -34.31 0.54 -8.11
N PRO H 4 -22.51 -1.74 32.83
CA PRO H 4 -21.70 -1.92 31.63
C PRO H 4 -22.55 -2.32 30.42
N TRP H 5 -23.04 -1.33 29.69
CA TRP H 5 -23.82 -1.59 28.49
C TRP H 5 -22.93 -2.20 27.41
N SER H 6 -23.51 -3.13 26.64
CA SER H 6 -22.74 -3.87 25.64
C SER H 6 -23.66 -4.15 24.45
N GLY H 7 -23.30 -3.60 23.30
CA GLY H 7 -24.02 -3.83 22.06
C GLY H 7 -23.46 -4.99 21.27
N TYR H 8 -23.88 -5.08 20.01
CA TYR H 8 -23.42 -6.19 19.17
C TYR H 8 -21.96 -5.99 18.77
N LEU H 9 -21.58 -4.77 18.41
CA LEU H 9 -20.18 -4.50 18.13
C LEU H 9 -19.31 -4.69 19.37
N ASP H 10 -19.85 -4.36 20.55
CA ASP H 10 -19.10 -4.61 21.77
C ASP H 10 -18.86 -6.10 21.98
N ASP H 11 -19.86 -6.93 21.64
CA ASP H 11 -19.69 -8.37 21.76
C ASP H 11 -18.59 -8.90 20.84
N VAL H 12 -18.59 -8.49 19.58
CA VAL H 12 -17.56 -8.96 18.66
C VAL H 12 -16.18 -8.41 19.01
N SER H 13 -16.12 -7.18 19.55
CA SER H 13 -14.85 -6.67 20.05
C SER H 13 -14.35 -7.49 21.22
N ALA H 14 -15.24 -7.84 22.16
CA ALA H 14 -14.86 -8.71 23.27
C ALA H 14 -14.50 -10.11 22.81
N LYS H 15 -14.98 -10.53 21.64
CA LYS H 15 -14.58 -11.83 21.11
C LYS H 15 -13.07 -11.90 20.91
N PHE H 16 -12.47 -10.82 20.42
CA PHE H 16 -11.02 -10.76 20.19
C PHE H 16 -10.27 -10.10 21.34
N ASP H 17 -10.96 -9.44 22.27
CA ASP H 17 -10.28 -8.81 23.39
C ASP H 17 -9.61 -9.84 24.28
N THR H 18 -10.29 -10.97 24.53
CA THR H 18 -9.71 -12.02 25.34
C THR H 18 -8.55 -12.74 24.66
N GLY H 19 -8.40 -12.57 23.35
CA GLY H 19 -7.29 -13.20 22.64
C GLY H 19 -6.11 -12.27 22.47
N VAL H 20 -6.38 -11.00 22.16
CA VAL H 20 -5.31 -10.07 21.87
C VAL H 20 -4.48 -9.78 23.11
N ASP H 21 -5.11 -9.81 24.29
CA ASP H 21 -4.39 -9.49 25.53
C ASP H 21 -3.34 -10.55 25.85
N ASN H 22 -3.67 -11.82 25.62
CA ASN H 22 -2.71 -12.89 25.86
C ASN H 22 -1.47 -12.71 24.99
N LEU H 23 -1.67 -12.42 23.71
CA LEU H 23 -0.52 -12.21 22.83
C LEU H 23 0.23 -10.93 23.15
N GLN H 24 -0.48 -9.90 23.60
CA GLN H 24 0.20 -8.65 23.96
C GLN H 24 1.09 -8.85 25.19
N THR H 25 0.62 -9.62 26.17
CA THR H 25 1.46 -9.90 27.33
C THR H 25 2.47 -11.00 27.05
N GLN H 26 2.31 -11.75 25.97
CA GLN H 26 3.30 -12.74 25.57
C GLN H 26 4.41 -12.17 24.70
N VAL H 27 4.13 -11.09 23.95
CA VAL H 27 5.17 -10.48 23.13
C VAL H 27 6.27 -9.91 24.02
N THR H 28 5.89 -9.28 25.14
CA THR H 28 6.89 -8.80 26.08
C THR H 28 7.65 -9.96 26.72
N GLU H 29 6.94 -11.05 27.05
CA GLU H 29 7.58 -12.22 27.63
C GLU H 29 8.51 -12.90 26.64
N ALA H 30 8.35 -12.64 25.35
CA ALA H 30 9.32 -13.12 24.36
C ALA H 30 10.45 -12.12 24.17
N LEU H 31 10.14 -10.83 24.21
CA LEU H 31 11.16 -9.80 23.99
C LEU H 31 12.20 -9.82 25.10
N ASP H 32 11.76 -9.94 26.36
CA ASP H 32 12.72 -9.98 27.45
C ASP H 32 13.57 -11.24 27.39
N LYS H 33 12.97 -12.37 27.02
CA LYS H 33 13.73 -13.59 26.85
C LYS H 33 14.78 -13.46 25.75
N LEU H 34 14.41 -12.77 24.66
CA LEU H 34 15.39 -12.49 23.61
C LEU H 34 16.50 -11.60 24.13
N ALA H 35 16.16 -10.60 24.95
CA ALA H 35 17.16 -9.76 25.56
C ALA H 35 18.08 -10.54 26.49
N ALA H 36 17.59 -11.65 27.06
CA ALA H 36 18.45 -12.49 27.89
C ALA H 36 19.53 -13.18 27.08
N LYS H 37 19.17 -13.76 25.92
CA LYS H 37 20.12 -14.49 25.08
C LYS H 37 19.94 -14.05 23.64
N PRO H 38 20.43 -12.86 23.28
CA PRO H 38 20.28 -12.37 21.90
C PRO H 38 21.16 -13.11 20.90
N SER H 39 22.09 -13.93 21.36
CA SER H 39 23.11 -14.48 20.46
C SER H 39 22.51 -15.39 19.41
N ASP H 40 21.41 -16.06 19.72
CA ASP H 40 20.93 -17.01 18.73
C ASP H 40 19.76 -16.45 17.93
N PRO H 41 19.60 -16.86 16.68
CA PRO H 41 18.42 -16.48 15.90
C PRO H 41 17.30 -17.49 16.10
N ALA H 42 17.46 -18.36 17.10
CA ALA H 42 16.50 -19.43 17.33
C ALA H 42 15.14 -18.86 17.70
N LEU H 43 15.07 -18.11 18.80
CA LEU H 43 13.81 -17.59 19.30
C LEU H 43 13.46 -16.21 18.73
N LEU H 44 14.35 -15.62 17.93
CA LEU H 44 13.99 -14.39 17.23
C LEU H 44 12.83 -14.64 16.28
N ALA H 45 12.86 -15.76 15.56
CA ALA H 45 11.74 -16.12 14.70
C ALA H 45 10.48 -16.32 15.52
N ALA H 46 10.59 -16.92 16.70
CA ALA H 46 9.42 -17.10 17.55
C ALA H 46 8.83 -15.76 17.97
N TYR H 47 9.69 -14.81 18.37
CA TYR H 47 9.21 -13.48 18.73
C TYR H 47 8.51 -12.82 17.56
N GLN H 48 9.12 -12.87 16.37
CA GLN H 48 8.52 -12.24 15.21
C GLN H 48 7.19 -12.88 14.85
N SER H 49 7.10 -14.21 14.96
CA SER H 49 5.84 -14.90 14.69
C SER H 49 4.76 -14.50 15.68
N LYS H 50 5.11 -14.40 16.96
CA LYS H 50 4.13 -14.00 17.96
C LYS H 50 3.64 -12.58 17.70
N LEU H 51 4.55 -11.68 17.34
CA LEU H 51 4.15 -10.32 17.02
C LEU H 51 3.27 -10.27 15.78
N SER H 52 3.60 -11.08 14.77
CA SER H 52 2.79 -11.11 13.56
C SER H 52 1.37 -11.60 13.85
N GLU H 53 1.23 -12.64 14.67
CA GLU H 53 -0.11 -13.12 15.00
C GLU H 53 -0.85 -12.12 15.89
N TYR H 54 -0.12 -11.39 16.72
CA TYR H 54 -0.72 -10.29 17.49
C TYR H 54 -1.30 -9.23 16.56
N ASN H 55 -0.53 -8.79 15.58
CA ASN H 55 -1.04 -7.81 14.63
C ASN H 55 -2.16 -8.39 13.78
N LEU H 56 -2.15 -9.71 13.58
CA LEU H 56 -3.26 -10.34 12.86
C LEU H 56 -4.55 -10.28 13.67
N TYR H 57 -4.46 -10.52 14.98
CA TYR H 57 -5.59 -10.25 15.87
C TYR H 57 -6.07 -8.81 15.72
N ARG H 58 -5.13 -7.86 15.77
CA ARG H 58 -5.52 -6.45 15.62
C ARG H 58 -6.29 -6.22 14.32
N ASN H 59 -5.76 -6.72 13.21
CA ASN H 59 -6.34 -6.38 11.90
C ASN H 59 -7.67 -7.11 11.71
N ALA H 60 -7.78 -8.35 12.20
CA ALA H 60 -9.05 -9.04 12.13
C ALA H 60 -10.11 -8.33 12.96
N GLN H 61 -9.73 -7.83 14.13
CA GLN H 61 -10.66 -7.05 14.93
C GLN H 61 -11.10 -5.78 14.20
N SER H 62 -10.14 -5.11 13.55
CA SER H 62 -10.48 -3.93 12.75
C SER H 62 -11.50 -4.28 11.67
N ASN H 63 -11.26 -5.35 10.93
CA ASN H 63 -12.14 -5.71 9.84
C ASN H 63 -13.52 -6.10 10.35
N THR H 64 -13.58 -6.87 11.44
CA THR H 64 -14.89 -7.32 11.92
C THR H 64 -15.70 -6.18 12.52
N VAL H 65 -15.04 -5.19 13.15
CA VAL H 65 -15.81 -4.04 13.60
C VAL H 65 -16.18 -3.12 12.45
N LYS H 66 -15.39 -3.07 11.39
CA LYS H 66 -15.73 -2.29 10.22
C LYS H 66 -16.95 -2.84 9.48
N VAL H 67 -16.98 -4.15 9.25
CA VAL H 67 -18.02 -4.72 8.40
C VAL H 67 -19.40 -4.69 9.06
N PHE H 68 -19.47 -4.73 10.38
CA PHE H 68 -20.78 -4.62 11.03
C PHE H 68 -21.22 -3.17 11.17
N LYS H 69 -20.41 -2.22 10.71
CA LYS H 69 -20.81 -0.83 10.62
C LYS H 69 -21.47 -0.48 9.30
N ASP H 70 -20.86 -0.84 8.17
CA ASP H 70 -21.41 -0.40 6.89
C ASP H 70 -22.68 -1.15 6.54
N ILE H 71 -22.79 -2.42 6.93
CA ILE H 71 -23.98 -3.20 6.58
C ILE H 71 -25.23 -2.60 7.22
N ASP H 72 -25.17 -2.35 8.53
CA ASP H 72 -26.34 -1.77 9.18
C ASP H 72 -26.44 -0.27 8.97
N ALA H 73 -25.35 0.40 8.57
CA ALA H 73 -25.47 1.77 8.09
C ALA H 73 -26.30 1.82 6.81
N ALA H 74 -26.05 0.88 5.89
CA ALA H 74 -26.89 0.79 4.70
C ALA H 74 -28.32 0.41 5.05
N ILE H 75 -28.50 -0.50 6.01
CA ILE H 75 -29.85 -0.89 6.42
C ILE H 75 -30.62 0.32 6.96
N ILE H 76 -29.97 1.12 7.81
CA ILE H 76 -30.65 2.29 8.37
C ILE H 76 -30.73 3.46 7.41
N GLN H 77 -29.88 3.48 6.37
CA GLN H 77 -30.04 4.48 5.32
C GLN H 77 -31.24 4.16 4.45
N ASN H 78 -31.44 2.87 4.14
CA ASN H 78 -32.64 2.43 3.43
C ASN H 78 -33.82 2.28 4.36
N PHE H 79 -33.63 2.55 5.65
CA PHE H 79 -34.70 2.46 6.63
C PHE H 79 -35.81 3.46 6.36
N ARG H 80 -35.45 4.64 5.87
CA ARG H 80 -36.42 5.69 5.58
C ARG H 80 -37.38 5.26 4.47
N PRO I 4 -12.09 31.33 23.11
CA PRO I 4 -13.25 31.97 22.48
C PRO I 4 -14.37 30.98 22.22
N TRP I 5 -14.96 31.06 21.02
CA TRP I 5 -16.03 30.14 20.66
C TRP I 5 -15.51 28.73 20.51
N SER I 6 -16.29 27.76 20.96
CA SER I 6 -15.90 26.35 20.91
C SER I 6 -17.16 25.49 20.84
N GLY I 7 -17.30 24.73 19.76
CA GLY I 7 -18.41 23.83 19.58
C GLY I 7 -18.15 22.45 20.14
N TYR I 8 -18.95 21.48 19.69
CA TYR I 8 -18.78 20.11 20.16
C TYR I 8 -17.61 19.40 19.50
N LEU I 9 -17.06 19.95 18.42
CA LEU I 9 -15.87 19.38 17.80
C LEU I 9 -14.60 20.13 18.17
N ASP I 10 -14.70 21.42 18.47
CA ASP I 10 -13.53 22.18 18.89
C ASP I 10 -12.95 21.61 20.18
N ASP I 11 -13.83 21.25 21.13
CA ASP I 11 -13.35 20.72 22.40
C ASP I 11 -12.62 19.38 22.20
N VAL I 12 -13.14 18.52 21.32
CA VAL I 12 -12.48 17.26 21.02
C VAL I 12 -11.11 17.51 20.39
N SER I 13 -11.05 18.42 19.43
CA SER I 13 -9.80 18.70 18.75
C SER I 13 -8.76 19.25 19.71
N ALA I 14 -9.15 20.19 20.57
CA ALA I 14 -8.23 20.68 21.60
C ALA I 14 -7.87 19.60 22.61
N LYS I 15 -8.80 18.69 22.91
CA LYS I 15 -8.54 17.59 23.81
C LYS I 15 -7.42 16.70 23.29
N PHE I 16 -7.43 16.43 21.99
CA PHE I 16 -6.30 15.73 21.40
C PHE I 16 -5.06 16.60 21.22
N ASP I 17 -5.22 17.90 20.94
CA ASP I 17 -4.06 18.76 20.80
C ASP I 17 -3.28 18.86 22.09
N THR I 18 -3.94 18.70 23.24
CA THR I 18 -3.24 18.66 24.51
C THR I 18 -2.13 17.62 24.52
N GLY I 19 -2.37 16.44 23.96
CA GLY I 19 -1.34 15.43 23.88
C GLY I 19 -0.49 15.55 22.63
N VAL I 20 -1.05 16.17 21.58
CA VAL I 20 -0.28 16.36 20.35
C VAL I 20 0.88 17.31 20.59
N ASP I 21 0.66 18.36 21.40
CA ASP I 21 1.71 19.34 21.65
C ASP I 21 2.92 18.71 22.35
N ASN I 22 2.66 17.75 23.24
CA ASN I 22 3.77 17.05 23.89
C ASN I 22 4.68 16.41 22.85
N LEU I 23 4.09 15.70 21.88
CA LEU I 23 4.90 15.10 20.84
C LEU I 23 5.49 16.14 19.90
N GLN I 24 4.80 17.26 19.71
CA GLN I 24 5.36 18.36 18.93
C GLN I 24 6.69 18.80 19.52
N THR I 25 6.73 19.00 20.84
CA THR I 25 7.94 19.44 21.51
C THR I 25 8.92 18.30 21.75
N GLN I 26 8.48 17.05 21.64
CA GLN I 26 9.34 15.93 21.96
C GLN I 26 10.00 15.29 20.73
N VAL I 27 9.37 15.35 19.56
CA VAL I 27 9.96 14.75 18.37
C VAL I 27 11.26 15.46 18.00
N THR I 28 11.26 16.79 18.08
CA THR I 28 12.49 17.53 17.84
C THR I 28 13.54 17.21 18.89
N GLU I 29 13.12 17.02 20.14
CA GLU I 29 14.06 16.62 21.17
C GLU I 29 14.71 15.27 20.85
N ALA I 30 13.91 14.30 20.40
CA ALA I 30 14.46 13.00 20.03
C ALA I 30 15.37 13.12 18.81
N LEU I 31 15.01 13.97 17.85
CA LEU I 31 15.84 14.17 16.68
C LEU I 31 17.19 14.77 17.06
N ASP I 32 17.20 15.67 18.05
CA ASP I 32 18.46 16.23 18.52
C ASP I 32 19.36 15.14 19.11
N LYS I 33 18.80 14.27 19.94
CA LYS I 33 19.60 13.17 20.50
C LYS I 33 20.11 12.26 19.40
N LEU I 34 19.27 11.97 18.40
CA LEU I 34 19.71 11.13 17.29
C LEU I 34 20.85 11.79 16.53
N ALA I 35 20.76 13.10 16.30
CA ALA I 35 21.82 13.80 15.60
C ALA I 35 23.11 13.81 16.41
N ALA I 36 23.01 13.91 17.74
CA ALA I 36 24.21 13.94 18.57
C ALA I 36 24.99 12.63 18.48
N LYS I 37 24.30 11.50 18.54
CA LYS I 37 24.94 10.18 18.51
C LYS I 37 24.24 9.32 17.47
N PRO I 38 24.57 9.50 16.18
CA PRO I 38 23.91 8.72 15.13
C PRO I 38 24.31 7.25 15.10
N SER I 39 25.36 6.85 15.82
CA SER I 39 25.89 5.50 15.68
C SER I 39 24.88 4.45 16.12
N ASP I 40 24.34 4.59 17.32
CA ASP I 40 23.47 3.54 17.87
C ASP I 40 22.11 3.56 17.17
N PRO I 41 21.51 2.41 16.93
CA PRO I 41 20.20 2.38 16.27
C PRO I 41 19.05 2.57 17.25
N ALA I 42 19.36 2.59 18.54
CA ALA I 42 18.32 2.75 19.55
C ALA I 42 17.62 4.10 19.39
N LEU I 43 18.40 5.16 19.18
CA LEU I 43 17.80 6.47 18.93
C LEU I 43 16.96 6.45 17.65
N LEU I 44 17.41 5.73 16.63
CA LEU I 44 16.62 5.57 15.42
C LEU I 44 15.29 4.91 15.73
N ALA I 45 15.32 3.84 16.54
CA ALA I 45 14.09 3.16 16.91
C ALA I 45 13.15 4.07 17.67
N ALA I 46 13.69 4.84 18.63
CA ALA I 46 12.84 5.75 19.39
C ALA I 46 12.23 6.82 18.51
N TYR I 47 13.03 7.40 17.61
CA TYR I 47 12.52 8.43 16.72
C TYR I 47 11.43 7.89 15.81
N GLN I 48 11.66 6.71 15.23
CA GLN I 48 10.67 6.14 14.33
C GLN I 48 9.38 5.81 15.07
N SER I 49 9.49 5.23 16.27
CA SER I 49 8.31 4.92 17.05
C SER I 49 7.55 6.20 17.41
N LYS I 50 8.27 7.27 17.73
CA LYS I 50 7.58 8.46 18.21
C LYS I 50 6.96 9.25 17.07
N LEU I 51 7.58 9.25 15.88
CA LEU I 51 6.88 9.82 14.74
C LEU I 51 5.68 8.96 14.36
N SER I 52 5.78 7.65 14.55
CA SER I 52 4.61 6.79 14.34
C SER I 52 3.48 7.18 15.28
N GLU I 53 3.80 7.43 16.54
CA GLU I 53 2.77 7.84 17.49
C GLU I 53 2.23 9.24 17.16
N TYR I 54 3.08 10.11 16.64
CA TYR I 54 2.62 11.41 16.14
C TYR I 54 1.56 11.25 15.05
N ASN I 55 1.88 10.44 14.04
CA ASN I 55 0.93 10.23 12.96
C ASN I 55 -0.32 9.50 13.45
N LEU I 56 -0.16 8.63 14.45
CA LEU I 56 -1.31 7.98 15.04
C LEU I 56 -2.23 8.99 15.72
N TYR I 57 -1.65 9.94 16.47
CA TYR I 57 -2.46 11.03 17.03
C TYR I 57 -3.21 11.76 15.93
N ARG I 58 -2.50 12.12 14.85
CA ARG I 58 -3.10 12.87 13.78
C ARG I 58 -4.29 12.13 13.18
N ASN I 59 -4.07 10.86 12.81
CA ASN I 59 -5.13 10.07 12.18
C ASN I 59 -6.29 9.84 13.13
N ALA I 60 -6.01 9.60 14.41
CA ALA I 60 -7.10 9.41 15.37
C ALA I 60 -7.95 10.67 15.47
N GLN I 61 -7.31 11.83 15.55
CA GLN I 61 -8.06 13.08 15.66
C GLN I 61 -8.90 13.31 14.41
N SER I 62 -8.32 13.07 13.24
CA SER I 62 -9.07 13.22 12.00
C SER I 62 -10.26 12.27 11.95
N ASN I 63 -10.07 11.02 12.37
CA ASN I 63 -11.18 10.06 12.36
C ASN I 63 -12.28 10.50 13.30
N THR I 64 -11.91 11.00 14.48
CA THR I 64 -12.91 11.45 15.44
C THR I 64 -13.74 12.59 14.88
N VAL I 65 -13.08 13.61 14.33
CA VAL I 65 -13.84 14.74 13.81
C VAL I 65 -14.67 14.33 12.60
N LYS I 66 -14.15 13.41 11.77
CA LYS I 66 -14.89 12.95 10.61
C LYS I 66 -16.17 12.22 11.01
N VAL I 67 -16.06 11.29 11.97
CA VAL I 67 -17.23 10.52 12.37
C VAL I 67 -18.22 11.40 13.12
N PHE I 68 -17.71 12.38 13.87
CA PHE I 68 -18.63 13.29 14.55
C PHE I 68 -19.31 14.25 13.60
N LYS I 69 -18.74 14.51 12.43
CA LYS I 69 -19.47 15.22 11.39
C LYS I 69 -20.50 14.33 10.71
N ASP I 70 -20.13 13.09 10.41
CA ASP I 70 -21.06 12.20 9.70
C ASP I 70 -22.18 11.69 10.60
N ILE I 71 -22.01 11.74 11.91
CA ILE I 71 -23.06 11.24 12.79
C ILE I 71 -24.30 12.12 12.72
N ASP I 72 -24.12 13.43 12.55
CA ASP I 72 -25.25 14.35 12.50
C ASP I 72 -25.49 14.94 11.12
N ALA I 73 -24.58 14.75 10.16
CA ALA I 73 -24.94 15.10 8.78
C ALA I 73 -26.13 14.28 8.32
N ALA I 74 -26.11 12.97 8.59
CA ALA I 74 -27.23 12.12 8.25
C ALA I 74 -28.52 12.63 8.88
N ILE I 75 -28.44 13.21 10.07
CA ILE I 75 -29.61 13.84 10.67
C ILE I 75 -30.01 15.08 9.87
N ILE I 76 -29.00 15.84 9.42
CA ILE I 76 -29.26 17.06 8.66
C ILE I 76 -30.12 16.75 7.44
N GLN I 77 -29.79 15.69 6.69
CA GLN I 77 -30.62 15.34 5.55
C GLN I 77 -32.06 15.04 5.95
N ASN I 78 -32.30 14.65 7.20
CA ASN I 78 -33.66 14.32 7.62
C ASN I 78 -34.18 15.19 8.77
N PHE I 79 -33.93 16.50 8.74
CA PHE I 79 -34.69 17.40 9.62
C PHE I 79 -36.12 17.60 9.16
N ARG I 80 -36.45 17.17 7.95
CA ARG I 80 -37.79 17.35 7.41
C ARG I 80 -38.79 16.44 8.14
N THR J 3 -51.36 -16.39 16.20
CA THR J 3 -50.51 -16.72 15.07
C THR J 3 -49.66 -15.51 14.66
N PRO J 4 -48.41 -15.76 14.27
CA PRO J 4 -47.53 -14.65 13.88
C PRO J 4 -47.94 -14.01 12.57
N TRP J 5 -48.33 -12.74 12.62
CA TRP J 5 -48.72 -12.04 11.41
C TRP J 5 -47.51 -11.77 10.53
N SER J 6 -47.74 -11.66 9.23
CA SER J 6 -46.66 -11.39 8.29
C SER J 6 -47.24 -10.74 7.04
N GLY J 7 -46.90 -9.48 6.82
CA GLY J 7 -47.27 -8.78 5.60
C GLY J 7 -46.36 -9.18 4.45
N TYR J 8 -46.65 -8.61 3.28
CA TYR J 8 -45.91 -8.99 2.08
C TYR J 8 -44.44 -8.62 2.22
N LEU J 9 -44.16 -7.44 2.76
CA LEU J 9 -42.76 -7.09 3.03
C LEU J 9 -42.15 -8.04 4.05
N ASP J 10 -42.91 -8.37 5.09
CA ASP J 10 -42.47 -9.38 6.05
C ASP J 10 -42.30 -10.72 5.36
N ASP J 11 -43.18 -11.04 4.42
CA ASP J 11 -43.05 -12.29 3.68
C ASP J 11 -41.76 -12.32 2.86
N VAL J 12 -41.39 -11.20 2.25
CA VAL J 12 -40.15 -11.15 1.48
C VAL J 12 -38.95 -11.29 2.39
N SER J 13 -38.98 -10.61 3.54
CA SER J 13 -37.89 -10.75 4.49
C SER J 13 -37.75 -12.20 4.95
N ALA J 14 -38.87 -12.85 5.26
CA ALA J 14 -38.83 -14.25 5.67
C ALA J 14 -38.36 -15.14 4.53
N LYS J 15 -38.69 -14.77 3.29
CA LYS J 15 -38.21 -15.52 2.14
C LYS J 15 -36.69 -15.46 2.05
N PHE J 16 -36.11 -14.29 2.31
CA PHE J 16 -34.65 -14.21 2.38
C PHE J 16 -34.09 -15.00 3.56
N ASP J 17 -34.74 -14.94 4.73
CA ASP J 17 -34.21 -15.68 5.87
C ASP J 17 -34.23 -17.19 5.62
N THR J 18 -35.30 -17.69 5.00
CA THR J 18 -35.37 -19.11 4.68
C THR J 18 -34.57 -19.47 3.43
N GLY J 19 -34.18 -18.48 2.63
CA GLY J 19 -33.34 -18.76 1.47
C GLY J 19 -31.96 -19.23 1.87
N VAL J 20 -31.37 -18.58 2.86
CA VAL J 20 -30.09 -19.00 3.41
C VAL J 20 -30.34 -19.91 4.60
N ASP J 21 -29.68 -21.07 4.61
CA ASP J 21 -29.94 -22.06 5.63
C ASP J 21 -29.58 -21.55 7.02
N ASN J 22 -28.29 -21.33 7.26
CA ASN J 22 -27.80 -20.93 8.57
C ASN J 22 -26.73 -19.86 8.44
N LEU J 23 -27.00 -18.86 7.58
CA LEU J 23 -25.99 -17.84 7.30
C LEU J 23 -25.55 -17.12 8.55
N GLN J 24 -26.51 -16.69 9.38
CA GLN J 24 -26.15 -16.06 10.65
C GLN J 24 -25.34 -17.02 11.51
N THR J 25 -25.82 -18.26 11.63
CA THR J 25 -25.09 -19.27 12.40
C THR J 25 -23.74 -19.57 11.77
N GLN J 26 -23.69 -19.71 10.44
CA GLN J 26 -22.43 -20.02 9.78
C GLN J 26 -21.40 -18.93 10.06
N VAL J 27 -21.82 -17.66 9.97
CA VAL J 27 -20.93 -16.56 10.32
C VAL J 27 -20.52 -16.65 11.78
N THR J 28 -21.45 -17.06 12.65
CA THR J 28 -21.13 -17.15 14.07
C THR J 28 -20.01 -18.14 14.33
N GLU J 29 -20.14 -19.38 13.82
CA GLU J 29 -19.04 -20.33 14.04
C GLU J 29 -17.78 -19.92 13.29
N ALA J 30 -17.90 -19.29 12.12
CA ALA J 30 -16.69 -18.86 11.43
C ALA J 30 -15.91 -17.85 12.26
N LEU J 31 -16.61 -16.86 12.81
CA LEU J 31 -15.97 -15.85 13.64
C LEU J 31 -15.43 -16.45 14.93
N ASP J 32 -16.17 -17.38 15.54
CA ASP J 32 -15.70 -18.00 16.76
C ASP J 32 -14.44 -18.83 16.51
N LYS J 33 -14.42 -19.57 15.40
CA LYS J 33 -13.25 -20.37 15.05
C LYS J 33 -12.05 -19.48 14.80
N LEU J 34 -12.25 -18.37 14.08
CA LEU J 34 -11.13 -17.45 13.83
C LEU J 34 -10.63 -16.79 15.11
N ALA J 35 -11.47 -16.74 16.16
CA ALA J 35 -11.08 -16.05 17.39
C ALA J 35 -9.88 -16.70 18.07
N ALA J 36 -9.64 -18.00 17.82
CA ALA J 36 -8.52 -18.69 18.43
C ALA J 36 -7.44 -19.12 17.44
N LYS J 37 -7.77 -19.21 16.15
CA LYS J 37 -6.81 -19.57 15.11
C LYS J 37 -6.87 -18.50 14.03
N PRO J 38 -6.09 -17.43 14.18
CA PRO J 38 -6.25 -16.27 13.29
C PRO J 38 -5.59 -16.43 11.94
N SER J 39 -4.48 -17.16 11.85
CA SER J 39 -3.73 -17.25 10.61
C SER J 39 -4.04 -18.51 9.81
N ASP J 40 -4.86 -19.40 10.35
CA ASP J 40 -5.01 -20.70 9.74
C ASP J 40 -5.80 -20.59 8.43
N PRO J 41 -5.47 -21.41 7.43
CA PRO J 41 -6.23 -21.41 6.19
C PRO J 41 -7.56 -22.12 6.38
N ALA J 42 -8.36 -22.10 5.31
CA ALA J 42 -9.63 -22.81 5.18
C ALA J 42 -10.72 -22.27 6.11
N LEU J 43 -10.40 -21.33 6.99
CA LEU J 43 -11.45 -20.62 7.71
C LEU J 43 -11.28 -19.12 7.49
N LEU J 44 -10.04 -18.67 7.34
CA LEU J 44 -9.81 -17.26 6.98
C LEU J 44 -10.48 -16.93 5.66
N ALA J 45 -10.21 -17.73 4.63
CA ALA J 45 -10.92 -17.57 3.36
C ALA J 45 -12.41 -17.80 3.56
N ALA J 46 -12.76 -18.81 4.37
CA ALA J 46 -14.15 -19.02 4.72
C ALA J 46 -14.71 -17.83 5.48
N TYR J 47 -13.92 -17.26 6.40
CA TYR J 47 -14.34 -16.06 7.10
C TYR J 47 -14.70 -14.94 6.13
N GLN J 48 -13.79 -14.62 5.21
CA GLN J 48 -14.05 -13.52 4.30
C GLN J 48 -15.24 -13.82 3.40
N SER J 49 -15.33 -15.04 2.87
CA SER J 49 -16.42 -15.38 1.97
C SER J 49 -17.76 -15.31 2.67
N LYS J 50 -17.86 -15.89 3.87
CA LYS J 50 -19.12 -15.84 4.61
C LYS J 50 -19.47 -14.43 5.03
N LEU J 51 -18.48 -13.63 5.43
CA LEU J 51 -18.77 -12.27 5.85
C LEU J 51 -19.27 -11.43 4.68
N SER J 52 -18.64 -11.58 3.51
CA SER J 52 -19.13 -10.88 2.33
C SER J 52 -20.50 -11.38 1.92
N GLU J 53 -20.74 -12.70 2.03
CA GLU J 53 -22.06 -13.24 1.73
C GLU J 53 -23.10 -12.61 2.62
N TYR J 54 -22.82 -12.50 3.91
CA TYR J 54 -23.75 -11.90 4.85
C TYR J 54 -23.96 -10.42 4.56
N ASN J 55 -22.90 -9.71 4.19
CA ASN J 55 -23.01 -8.29 3.83
C ASN J 55 -23.94 -8.11 2.64
N LEU J 56 -23.70 -8.84 1.56
CA LEU J 56 -24.56 -8.74 0.38
C LEU J 56 -25.98 -9.20 0.68
N TYR J 57 -26.13 -10.23 1.51
CA TYR J 57 -27.46 -10.65 1.93
C TYR J 57 -28.22 -9.52 2.62
N ARG J 58 -27.59 -8.89 3.61
CA ARG J 58 -28.27 -7.83 4.34
C ARG J 58 -28.60 -6.65 3.43
N ASN J 59 -27.65 -6.27 2.57
CA ASN J 59 -27.91 -5.17 1.65
C ASN J 59 -29.06 -5.50 0.70
N ALA J 60 -29.09 -6.72 0.17
CA ALA J 60 -30.17 -7.11 -0.72
C ALA J 60 -31.51 -7.08 -0.01
N GLN J 61 -31.56 -7.60 1.22
CA GLN J 61 -32.80 -7.59 1.98
C GLN J 61 -33.28 -6.16 2.20
N SER J 62 -32.39 -5.29 2.65
CA SER J 62 -32.78 -3.92 2.94
C SER J 62 -33.24 -3.20 1.68
N ASN J 63 -32.51 -3.35 0.58
CA ASN J 63 -32.90 -2.68 -0.65
C ASN J 63 -34.22 -3.20 -1.20
N THR J 64 -34.44 -4.52 -1.12
CA THR J 64 -35.69 -5.09 -1.61
C THR J 64 -36.88 -4.58 -0.80
N VAL J 65 -36.76 -4.60 0.53
CA VAL J 65 -37.89 -4.13 1.33
C VAL J 65 -38.11 -2.64 1.10
N LYS J 66 -37.03 -1.88 0.91
CA LYS J 66 -37.18 -0.44 0.66
C LYS J 66 -37.89 -0.19 -0.67
N VAL J 67 -37.51 -0.90 -1.73
CA VAL J 67 -38.11 -0.63 -3.04
C VAL J 67 -39.58 -1.08 -3.03
N PHE J 68 -39.89 -2.19 -2.37
CA PHE J 68 -41.28 -2.60 -2.28
C PHE J 68 -42.09 -1.61 -1.46
N LYS J 69 -41.50 -1.06 -0.40
CA LYS J 69 -42.17 -0.01 0.36
C LYS J 69 -42.42 1.22 -0.50
N ASP J 70 -41.45 1.57 -1.35
CA ASP J 70 -41.63 2.71 -2.23
C ASP J 70 -42.79 2.50 -3.19
N ILE J 71 -42.86 1.30 -3.80
CA ILE J 71 -43.95 1.00 -4.71
C ILE J 71 -45.29 1.06 -3.96
N ASP J 72 -45.35 0.46 -2.78
CA ASP J 72 -46.59 0.43 -2.02
C ASP J 72 -47.02 1.82 -1.58
N ALA J 73 -46.07 2.66 -1.17
CA ALA J 73 -46.39 4.02 -0.80
C ALA J 73 -46.89 4.81 -2.00
N ALA J 74 -46.29 4.59 -3.17
CA ALA J 74 -46.79 5.25 -4.37
C ALA J 74 -48.22 4.83 -4.66
N ILE J 75 -48.52 3.54 -4.52
CA ILE J 75 -49.89 3.07 -4.77
C ILE J 75 -50.86 3.71 -3.78
N ILE J 76 -50.49 3.73 -2.50
CA ILE J 76 -51.38 4.25 -1.47
C ILE J 76 -51.63 5.73 -1.66
N GLN J 77 -50.56 6.50 -1.89
CA GLN J 77 -50.70 7.93 -2.14
C GLN J 77 -51.45 8.22 -3.43
N ASN J 78 -51.40 7.32 -4.40
CA ASN J 78 -52.00 7.56 -5.70
C ASN J 78 -53.51 7.34 -5.64
N PHE J 79 -54.03 6.80 -4.54
CA PHE J 79 -55.47 6.68 -4.36
C PHE J 79 -56.15 8.03 -4.54
N ARG J 80 -55.60 9.06 -3.89
CA ARG J 80 -56.17 10.40 -3.95
C ARG J 80 -55.64 11.14 -5.16
N THR K 3 -43.46 18.79 35.69
CA THR K 3 -43.06 17.70 34.79
C THR K 3 -43.16 18.13 33.33
N PRO K 4 -42.04 18.09 32.62
CA PRO K 4 -42.08 18.39 31.19
C PRO K 4 -42.71 17.25 30.42
N TRP K 5 -43.72 17.58 29.61
CA TRP K 5 -44.46 16.56 28.89
C TRP K 5 -43.64 16.08 27.70
N SER K 6 -43.65 14.78 27.47
CA SER K 6 -42.97 14.17 26.33
C SER K 6 -44.00 13.43 25.47
N GLY K 7 -44.09 13.80 24.21
CA GLY K 7 -45.06 13.21 23.31
C GLY K 7 -44.54 11.93 22.67
N TYR K 8 -45.28 11.48 21.65
CA TYR K 8 -45.01 10.18 21.05
C TYR K 8 -43.62 10.13 20.45
N LEU K 9 -43.23 11.16 19.69
CA LEU K 9 -41.87 11.21 19.17
C LEU K 9 -40.85 11.34 20.30
N ASP K 10 -41.14 12.20 21.27
CA ASP K 10 -40.29 12.29 22.44
C ASP K 10 -40.29 10.98 23.21
N ASP K 11 -41.43 10.28 23.22
CA ASP K 11 -41.48 8.97 23.86
C ASP K 11 -40.55 7.99 23.16
N VAL K 12 -40.52 8.00 21.83
CA VAL K 12 -39.63 7.11 21.09
C VAL K 12 -38.18 7.45 21.37
N SER K 13 -37.85 8.75 21.37
CA SER K 13 -36.48 9.16 21.65
C SER K 13 -36.05 8.76 23.07
N ALA K 14 -36.95 8.95 24.04
CA ALA K 14 -36.63 8.58 25.41
C ALA K 14 -36.49 7.08 25.56
N LYS K 15 -37.29 6.31 24.82
CA LYS K 15 -37.18 4.86 24.87
C LYS K 15 -35.87 4.40 24.26
N PHE K 16 -35.43 5.05 23.19
CA PHE K 16 -34.10 4.79 22.66
C PHE K 16 -33.02 5.11 23.69
N ASP K 17 -33.15 6.24 24.37
CA ASP K 17 -32.15 6.64 25.36
C ASP K 17 -32.09 5.64 26.51
N THR K 18 -33.26 5.20 27.00
CA THR K 18 -33.28 4.18 28.05
C THR K 18 -32.84 2.83 27.53
N GLY K 19 -32.86 2.62 26.21
CA GLY K 19 -32.34 1.38 25.67
C GLY K 19 -30.85 1.19 25.94
N VAL K 20 -30.09 2.28 25.92
CA VAL K 20 -28.66 2.25 26.20
C VAL K 20 -28.44 2.76 27.61
N ASP K 21 -27.64 2.03 28.39
CA ASP K 21 -27.46 2.36 29.80
C ASP K 21 -26.65 3.65 29.96
N ASN K 22 -25.37 3.61 29.58
CA ASN K 22 -24.50 4.76 29.72
C ASN K 22 -23.64 4.97 28.47
N LEU K 23 -24.23 4.81 27.29
CA LEU K 23 -23.44 4.82 26.06
C LEU K 23 -22.82 6.19 25.82
N GLN K 24 -23.52 7.27 26.16
CA GLN K 24 -22.93 8.60 26.03
C GLN K 24 -21.73 8.75 26.94
N THR K 25 -21.88 8.40 28.22
CA THR K 25 -20.76 8.40 29.14
C THR K 25 -19.68 7.40 28.74
N GLN K 26 -20.06 6.24 28.19
CA GLN K 26 -19.07 5.29 27.72
C GLN K 26 -18.23 5.89 26.59
N VAL K 27 -18.87 6.61 25.68
CA VAL K 27 -18.15 7.25 24.58
C VAL K 27 -17.23 8.34 25.12
N THR K 28 -17.70 9.12 26.09
CA THR K 28 -16.85 10.16 26.66
C THR K 28 -15.63 9.56 27.36
N GLU K 29 -15.83 8.46 28.09
CA GLU K 29 -14.70 7.78 28.73
C GLU K 29 -13.75 7.17 27.70
N ALA K 30 -14.29 6.63 26.61
CA ALA K 30 -13.43 6.17 25.53
C ALA K 30 -12.60 7.32 24.98
N LEU K 31 -13.23 8.48 24.81
CA LEU K 31 -12.52 9.66 24.32
C LEU K 31 -11.39 10.07 25.25
N ASP K 32 -11.65 10.18 26.56
CA ASP K 32 -10.58 10.72 27.40
C ASP K 32 -9.49 9.70 27.68
N LYS K 33 -9.80 8.40 27.79
CA LYS K 33 -8.72 7.43 27.90
C LYS K 33 -7.97 7.27 26.58
N LEU K 34 -8.63 7.57 25.45
CA LEU K 34 -7.91 7.58 24.18
C LEU K 34 -6.95 8.76 24.11
N ALA K 35 -7.40 9.92 24.60
CA ALA K 35 -6.52 11.09 24.64
C ALA K 35 -5.35 10.86 25.58
N ALA K 36 -5.60 10.20 26.71
CA ALA K 36 -4.52 9.93 27.66
C ALA K 36 -3.45 9.04 27.03
N LYS K 37 -3.85 7.97 26.35
CA LYS K 37 -2.91 7.09 25.68
C LYS K 37 -3.60 6.37 24.52
N PRO K 38 -3.41 6.84 23.29
CA PRO K 38 -4.09 6.22 22.15
C PRO K 38 -3.32 5.06 21.56
N SER K 39 -2.81 4.17 22.40
CA SER K 39 -2.09 3.02 21.89
C SER K 39 -2.49 1.72 22.58
N ASP K 40 -3.12 1.78 23.75
CA ASP K 40 -3.59 0.60 24.44
C ASP K 40 -4.53 -0.18 23.53
N PRO K 41 -4.23 -1.42 23.18
CA PRO K 41 -5.04 -2.11 22.17
C PRO K 41 -6.47 -2.35 22.60
N ALA K 42 -6.68 -2.90 23.81
CA ALA K 42 -8.03 -3.10 24.30
C ALA K 42 -8.76 -1.78 24.44
N LEU K 43 -8.07 -0.75 24.93
CA LEU K 43 -8.70 0.57 25.07
C LEU K 43 -9.10 1.15 23.72
N LEU K 44 -8.22 1.04 22.72
CA LEU K 44 -8.54 1.64 21.42
C LEU K 44 -9.63 0.84 20.71
N ALA K 45 -9.63 -0.48 20.90
CA ALA K 45 -10.71 -1.30 20.33
C ALA K 45 -12.04 -0.97 20.99
N ALA K 46 -12.04 -0.78 22.31
CA ALA K 46 -13.26 -0.34 22.98
C ALA K 46 -13.70 1.02 22.47
N TYR K 47 -12.74 1.92 22.21
CA TYR K 47 -13.07 3.18 21.57
C TYR K 47 -13.76 2.98 20.23
N GLN K 48 -13.19 2.13 19.38
CA GLN K 48 -13.77 1.87 18.07
C GLN K 48 -15.20 1.34 18.20
N SER K 49 -15.39 0.36 19.08
CA SER K 49 -16.72 -0.23 19.23
C SER K 49 -17.72 0.78 19.77
N LYS K 50 -17.33 1.57 20.78
CA LYS K 50 -18.25 2.54 21.37
C LYS K 50 -18.59 3.63 20.36
N LEU K 51 -17.61 4.07 19.57
CA LEU K 51 -17.89 5.08 18.55
C LEU K 51 -18.83 4.55 17.48
N SER K 52 -18.63 3.29 17.06
CA SER K 52 -19.53 2.71 16.08
C SER K 52 -20.94 2.58 16.64
N GLU K 53 -21.07 2.13 17.89
CA GLU K 53 -22.38 2.06 18.51
C GLU K 53 -23.03 3.43 18.61
N TYR K 54 -22.25 4.46 18.95
CA TYR K 54 -22.80 5.80 19.05
C TYR K 54 -23.32 6.27 17.70
N ASN K 55 -22.53 6.06 16.64
CA ASN K 55 -22.94 6.46 15.30
C ASN K 55 -24.23 5.76 14.89
N LEU K 56 -24.25 4.43 15.01
CA LEU K 56 -25.43 3.69 14.57
C LEU K 56 -26.65 4.04 15.41
N TYR K 57 -26.48 4.18 16.73
CA TYR K 57 -27.60 4.50 17.61
C TYR K 57 -28.19 5.86 17.26
N ARG K 58 -27.35 6.88 17.12
CA ARG K 58 -27.85 8.21 16.79
C ARG K 58 -28.53 8.23 15.43
N ASN K 59 -27.90 7.61 14.42
CA ASN K 59 -28.48 7.62 13.08
C ASN K 59 -29.81 6.87 13.06
N ALA K 60 -29.88 5.71 13.72
CA ALA K 60 -31.12 4.94 13.74
C ALA K 60 -32.22 5.68 14.47
N GLN K 61 -31.88 6.33 15.59
CA GLN K 61 -32.88 7.09 16.32
C GLN K 61 -33.43 8.23 15.48
N SER K 62 -32.54 8.96 14.79
CA SER K 62 -33.01 10.04 13.92
C SER K 62 -33.88 9.51 12.81
N ASN K 63 -33.50 8.39 12.19
CA ASN K 63 -34.30 7.84 11.11
C ASN K 63 -35.67 7.41 11.61
N THR K 64 -35.73 6.77 12.78
CA THR K 64 -37.02 6.32 13.32
C THR K 64 -37.92 7.50 13.65
N VAL K 65 -37.38 8.53 14.30
CA VAL K 65 -38.21 9.68 14.63
C VAL K 65 -38.69 10.37 13.36
N LYS K 66 -37.83 10.44 12.33
CA LYS K 66 -38.23 11.11 11.10
C LYS K 66 -39.30 10.32 10.36
N VAL K 67 -39.18 8.99 10.34
CA VAL K 67 -40.19 8.20 9.63
C VAL K 67 -41.52 8.22 10.38
N PHE K 68 -41.49 8.23 11.72
CA PHE K 68 -42.73 8.38 12.45
C PHE K 68 -43.35 9.76 12.22
N LYS K 69 -42.50 10.78 12.10
CA LYS K 69 -42.99 12.10 11.69
C LYS K 69 -43.64 12.05 10.32
N ASP K 70 -43.04 11.32 9.38
CA ASP K 70 -43.62 11.22 8.05
C ASP K 70 -44.98 10.53 8.09
N ILE K 71 -45.09 9.48 8.91
CA ILE K 71 -46.38 8.82 9.06
C ILE K 71 -47.41 9.77 9.65
N ASP K 72 -47.02 10.54 10.66
CA ASP K 72 -47.93 11.50 11.25
C ASP K 72 -48.34 12.56 10.24
N ALA K 73 -47.41 13.00 9.40
CA ALA K 73 -47.74 13.96 8.36
C ALA K 73 -48.74 13.39 7.36
N ALA K 74 -48.52 12.12 6.96
CA ALA K 74 -49.43 11.48 6.02
C ALA K 74 -50.83 11.36 6.61
N ILE K 75 -50.94 10.99 7.88
CA ILE K 75 -52.26 10.85 8.47
C ILE K 75 -52.90 12.22 8.74
N ILE K 76 -52.09 13.24 9.05
CA ILE K 76 -52.65 14.55 9.38
C ILE K 76 -53.10 15.25 8.11
N GLN K 77 -52.49 14.91 6.97
CA GLN K 77 -52.85 15.53 5.70
C GLN K 77 -54.31 15.30 5.35
N ASN K 78 -54.93 14.27 5.89
CA ASN K 78 -56.22 13.80 5.40
C ASN K 78 -57.40 14.23 6.27
N PHE K 79 -57.17 15.05 7.31
CA PHE K 79 -58.31 15.44 8.13
C PHE K 79 -59.22 16.48 7.49
N ARG K 80 -58.74 17.27 6.53
CA ARG K 80 -59.57 18.36 6.04
C ARG K 80 -60.44 17.87 4.88
N THR L 3 -39.11 43.62 -29.94
CA THR L 3 -38.82 44.06 -28.58
C THR L 3 -38.80 42.88 -27.62
N PRO L 4 -37.66 42.66 -26.97
CA PRO L 4 -37.57 41.55 -26.00
C PRO L 4 -38.35 41.85 -24.74
N TRP L 5 -39.66 41.64 -24.78
CA TRP L 5 -40.50 41.88 -23.62
C TRP L 5 -40.05 41.02 -22.45
N SER L 6 -39.99 41.62 -21.26
CA SER L 6 -39.51 40.93 -20.08
C SER L 6 -40.40 41.28 -18.90
N GLY L 7 -41.07 40.29 -18.34
CA GLY L 7 -41.88 40.46 -17.15
C GLY L 7 -41.06 40.29 -15.89
N TYR L 8 -41.77 40.25 -14.76
CA TYR L 8 -41.12 40.17 -13.46
C TYR L 8 -40.30 38.89 -13.31
N LEU L 9 -40.83 37.76 -13.76
CA LEU L 9 -40.02 36.55 -13.81
C LEU L 9 -38.80 36.74 -14.72
N ASP L 10 -39.04 37.24 -15.93
CA ASP L 10 -37.94 37.58 -16.81
C ASP L 10 -37.06 38.66 -16.21
N ASP L 11 -37.64 39.56 -15.41
CA ASP L 11 -36.86 40.60 -14.77
C ASP L 11 -35.83 40.00 -13.81
N VAL L 12 -36.26 39.05 -12.97
CA VAL L 12 -35.30 38.46 -12.04
C VAL L 12 -34.32 37.54 -12.76
N SER L 13 -34.77 36.87 -13.83
CA SER L 13 -33.83 36.06 -14.60
C SER L 13 -32.75 36.93 -15.23
N ALA L 14 -33.14 38.08 -15.79
CA ALA L 14 -32.16 39.01 -16.32
C ALA L 14 -31.31 39.62 -15.22
N LYS L 15 -31.87 39.74 -14.01
CA LYS L 15 -31.09 40.23 -12.89
C LYS L 15 -29.93 39.29 -12.58
N PHE L 16 -30.20 37.98 -12.58
CA PHE L 16 -29.10 37.03 -12.49
C PHE L 16 -28.18 37.11 -13.71
N ASP L 17 -28.76 37.27 -14.90
CA ASP L 17 -27.95 37.25 -16.11
C ASP L 17 -26.93 38.37 -16.11
N THR L 18 -27.33 39.56 -15.65
CA THR L 18 -26.41 40.68 -15.49
C THR L 18 -25.67 40.65 -14.16
N GLY L 19 -26.06 39.76 -13.24
CA GLY L 19 -25.34 39.66 -11.98
C GLY L 19 -23.92 39.16 -12.18
N VAL L 20 -23.75 38.15 -13.04
CA VAL L 20 -22.43 37.69 -13.46
C VAL L 20 -22.22 38.15 -14.89
N ASP L 21 -21.05 38.74 -15.15
CA ASP L 21 -20.83 39.40 -16.43
C ASP L 21 -20.80 38.39 -17.57
N ASN L 22 -19.84 37.47 -17.55
CA ASN L 22 -19.67 36.48 -18.62
C ASN L 22 -19.25 35.14 -18.03
N LEU L 23 -19.92 34.73 -16.96
CA LEU L 23 -19.55 33.50 -16.28
C LEU L 23 -19.75 32.28 -17.18
N GLN L 24 -20.84 32.26 -17.96
CA GLN L 24 -20.99 31.23 -18.98
C GLN L 24 -19.83 31.25 -19.96
N THR L 25 -19.46 32.46 -20.40
CA THR L 25 -18.29 32.57 -21.27
C THR L 25 -17.04 32.05 -20.57
N GLN L 26 -16.85 32.43 -19.31
CA GLN L 26 -15.66 32.00 -18.57
C GLN L 26 -15.58 30.48 -18.52
N VAL L 27 -16.71 29.83 -18.26
CA VAL L 27 -16.75 28.36 -18.28
C VAL L 27 -16.38 27.84 -19.67
N THR L 28 -16.86 28.52 -20.72
CA THR L 28 -16.57 28.04 -22.06
C THR L 28 -15.07 28.07 -22.37
N GLU L 29 -14.39 29.20 -22.09
CA GLU L 29 -12.95 29.19 -22.32
C GLU L 29 -12.21 28.31 -21.29
N ALA L 30 -12.80 28.08 -20.12
CA ALA L 30 -12.16 27.15 -19.20
C ALA L 30 -12.11 25.75 -19.80
N LEU L 31 -13.23 25.29 -20.35
CA LEU L 31 -13.25 23.99 -21.01
C LEU L 31 -12.38 23.99 -22.26
N ASP L 32 -12.40 25.09 -23.01
CA ASP L 32 -11.59 25.16 -24.23
C ASP L 32 -10.10 25.09 -23.91
N LYS L 33 -9.67 25.77 -22.86
CA LYS L 33 -8.27 25.76 -22.47
C LYS L 33 -7.88 24.42 -21.85
N LEU L 34 -8.82 23.78 -21.16
CA LEU L 34 -8.59 22.42 -20.67
C LEU L 34 -8.60 21.39 -21.78
N ALA L 35 -9.09 21.75 -22.97
CA ALA L 35 -9.20 20.78 -24.06
C ALA L 35 -7.84 20.38 -24.61
N ALA L 36 -6.82 21.23 -24.47
CA ALA L 36 -5.51 20.96 -25.02
C ALA L 36 -4.46 20.64 -23.97
N LYS L 37 -4.52 21.29 -22.82
CA LYS L 37 -3.53 21.11 -21.76
C LYS L 37 -4.26 20.79 -20.46
N PRO L 38 -4.77 19.56 -20.33
CA PRO L 38 -5.60 19.19 -19.17
C PRO L 38 -4.78 18.73 -17.95
N SER L 39 -3.72 19.46 -17.65
CA SER L 39 -2.93 19.15 -16.47
C SER L 39 -2.43 20.38 -15.73
N ASP L 40 -2.78 21.57 -16.16
CA ASP L 40 -2.25 22.78 -15.54
C ASP L 40 -2.88 22.98 -14.15
N PRO L 41 -2.08 23.30 -13.14
CA PRO L 41 -2.64 23.48 -11.79
C PRO L 41 -3.63 24.62 -11.69
N ALA L 42 -3.19 25.82 -12.07
CA ALA L 42 -4.07 26.99 -11.98
C ALA L 42 -5.25 26.85 -12.93
N LEU L 43 -5.02 26.29 -14.12
CA LEU L 43 -6.10 26.14 -15.09
C LEU L 43 -7.16 25.18 -14.57
N LEU L 44 -6.74 24.05 -13.99
CA LEU L 44 -7.68 23.11 -13.39
C LEU L 44 -8.41 23.74 -12.21
N ALA L 45 -7.69 24.51 -11.41
CA ALA L 45 -8.32 25.21 -10.29
C ALA L 45 -9.43 26.12 -10.77
N ALA L 46 -9.13 26.95 -11.77
CA ALA L 46 -10.14 27.84 -12.33
C ALA L 46 -11.29 27.05 -12.93
N TYR L 47 -10.99 25.95 -13.63
CA TYR L 47 -12.04 25.14 -14.22
C TYR L 47 -13.01 24.66 -13.17
N GLN L 48 -12.50 24.02 -12.11
CA GLN L 48 -13.39 23.48 -11.08
C GLN L 48 -14.15 24.60 -10.37
N SER L 49 -13.46 25.68 -10.03
CA SER L 49 -14.13 26.77 -9.31
C SER L 49 -15.25 27.38 -10.13
N LYS L 50 -14.96 27.69 -11.40
CA LYS L 50 -15.98 28.30 -12.26
C LYS L 50 -17.12 27.33 -12.54
N LEU L 51 -16.81 26.03 -12.69
CA LEU L 51 -17.88 25.08 -12.97
C LEU L 51 -18.81 24.93 -11.77
N SER L 52 -18.24 24.84 -10.56
CA SER L 52 -19.09 24.79 -9.37
C SER L 52 -19.89 26.07 -9.20
N GLU L 53 -19.25 27.22 -9.46
CA GLU L 53 -19.97 28.49 -9.39
C GLU L 53 -21.13 28.51 -10.37
N TYR L 54 -20.91 28.01 -11.58
CA TYR L 54 -21.98 27.95 -12.58
C TYR L 54 -23.11 27.04 -12.13
N ASN L 55 -22.76 25.90 -11.52
CA ASN L 55 -23.78 24.99 -11.03
C ASN L 55 -24.65 25.66 -9.97
N LEU L 56 -24.02 26.32 -9.00
CA LEU L 56 -24.77 27.06 -7.98
C LEU L 56 -25.62 28.15 -8.61
N TYR L 57 -25.04 28.91 -9.55
CA TYR L 57 -25.77 29.94 -10.25
C TYR L 57 -27.06 29.40 -10.87
N ARG L 58 -26.93 28.33 -11.63
CA ARG L 58 -28.08 27.85 -12.39
C ARG L 58 -29.14 27.25 -11.46
N ASN L 59 -28.71 26.50 -10.44
CA ASN L 59 -29.68 25.95 -9.50
C ASN L 59 -30.39 27.05 -8.73
N ALA L 60 -29.68 28.08 -8.30
CA ALA L 60 -30.31 29.18 -7.60
C ALA L 60 -31.32 29.90 -8.50
N GLN L 61 -30.96 30.10 -9.76
CA GLN L 61 -31.89 30.72 -10.70
C GLN L 61 -33.17 29.90 -10.83
N SER L 62 -33.03 28.60 -11.05
CA SER L 62 -34.22 27.75 -11.19
C SER L 62 -35.05 27.76 -9.92
N ASN L 63 -34.41 27.69 -8.75
CA ASN L 63 -35.15 27.62 -7.50
C ASN L 63 -35.91 28.91 -7.22
N THR L 64 -35.29 30.07 -7.47
CA THR L 64 -36.00 31.31 -7.23
C THR L 64 -37.13 31.50 -8.25
N VAL L 65 -36.94 31.04 -9.49
CA VAL L 65 -38.04 31.09 -10.44
C VAL L 65 -39.20 30.23 -9.95
N LYS L 66 -38.89 29.04 -9.42
CA LYS L 66 -39.95 28.18 -8.89
C LYS L 66 -40.70 28.83 -7.74
N VAL L 67 -39.97 29.46 -6.81
CA VAL L 67 -40.65 30.01 -5.65
C VAL L 67 -41.49 31.21 -6.04
N PHE L 68 -41.03 32.00 -7.02
CA PHE L 68 -41.87 33.08 -7.53
C PHE L 68 -43.10 32.53 -8.25
N LYS L 69 -42.94 31.41 -8.96
CA LYS L 69 -44.10 30.67 -9.47
C LYS L 69 -45.10 30.38 -8.36
N ASP L 70 -44.61 29.81 -7.25
CA ASP L 70 -45.53 29.46 -6.16
C ASP L 70 -46.24 30.71 -5.64
N ILE L 71 -45.48 31.79 -5.42
CA ILE L 71 -46.06 32.99 -4.85
C ILE L 71 -47.12 33.57 -5.76
N ASP L 72 -46.80 33.80 -7.03
CA ASP L 72 -47.76 34.49 -7.88
C ASP L 72 -48.90 33.57 -8.30
N ALA L 73 -48.68 32.26 -8.40
CA ALA L 73 -49.78 31.34 -8.62
C ALA L 73 -50.75 31.36 -7.46
N ALA L 74 -50.23 31.40 -6.23
CA ALA L 74 -51.11 31.50 -5.06
C ALA L 74 -51.86 32.82 -5.06
N ILE L 75 -51.21 33.91 -5.49
CA ILE L 75 -51.90 35.20 -5.59
C ILE L 75 -53.04 35.11 -6.59
N ILE L 76 -52.77 34.52 -7.77
CA ILE L 76 -53.77 34.51 -8.83
C ILE L 76 -54.93 33.60 -8.48
N GLN L 77 -54.67 32.44 -7.87
CA GLN L 77 -55.75 31.48 -7.63
C GLN L 77 -56.77 31.97 -6.62
N ASN L 78 -56.58 33.12 -5.98
CA ASN L 78 -57.56 33.69 -5.07
C ASN L 78 -58.40 34.78 -5.74
N PHE L 79 -58.30 34.94 -7.06
CA PHE L 79 -59.10 35.95 -7.75
C PHE L 79 -60.59 35.65 -7.62
N ARG L 80 -60.96 34.38 -7.67
CA ARG L 80 -62.33 33.95 -7.39
C ARG L 80 -62.76 34.38 -6.00
N THR M 3 -61.31 38.34 30.27
CA THR M 3 -61.31 37.29 29.26
C THR M 3 -61.93 37.78 27.96
N PRO M 4 -61.13 37.80 26.90
CA PRO M 4 -61.66 38.21 25.59
C PRO M 4 -62.73 37.23 25.11
N TRP M 5 -63.65 37.77 24.31
CA TRP M 5 -64.71 36.93 23.73
C TRP M 5 -64.08 35.79 22.92
N SER M 6 -64.51 34.58 23.21
CA SER M 6 -63.94 33.38 22.61
C SER M 6 -65.03 32.59 21.90
N GLY M 7 -64.76 32.21 20.66
CA GLY M 7 -65.66 31.38 19.90
C GLY M 7 -65.42 29.91 20.15
N TYR M 8 -66.22 29.08 19.47
CA TYR M 8 -66.08 27.64 19.62
C TYR M 8 -64.77 27.13 19.02
N LEU M 9 -64.37 27.68 17.88
CA LEU M 9 -63.05 27.35 17.32
C LEU M 9 -61.95 27.84 18.25
N ASP M 10 -62.12 29.02 18.84
CA ASP M 10 -61.20 29.47 19.87
C ASP M 10 -61.21 28.51 21.05
N ASP M 11 -62.36 27.94 21.38
CA ASP M 11 -62.43 26.93 22.43
C ASP M 11 -61.61 25.70 22.07
N VAL M 12 -61.67 25.27 20.81
CA VAL M 12 -60.87 24.13 20.36
C VAL M 12 -59.38 24.43 20.43
N SER M 13 -59.01 25.65 20.01
CA SER M 13 -57.61 26.06 20.12
C SER M 13 -57.15 26.08 21.57
N ALA M 14 -58.00 26.55 22.48
CA ALA M 14 -57.68 26.53 23.90
C ALA M 14 -57.56 25.10 24.42
N LYS M 15 -58.40 24.20 23.92
CA LYS M 15 -58.30 22.80 24.30
C LYS M 15 -56.96 22.22 23.89
N PHE M 16 -56.50 22.54 22.68
CA PHE M 16 -55.16 22.14 22.27
C PHE M 16 -54.09 22.77 23.15
N ASP M 17 -54.24 24.06 23.48
CA ASP M 17 -53.25 24.73 24.31
C ASP M 17 -53.19 24.14 25.71
N THR M 18 -54.31 23.59 26.19
CA THR M 18 -54.29 22.83 27.43
C THR M 18 -53.72 21.43 27.23
N GLY M 19 -53.84 20.87 26.02
CA GLY M 19 -53.30 19.55 25.77
C GLY M 19 -51.79 19.49 25.93
N VAL M 20 -51.11 20.58 25.58
CA VAL M 20 -49.66 20.66 25.68
C VAL M 20 -49.30 21.81 26.62
N ASP M 21 -48.30 21.58 27.47
CA ASP M 21 -47.97 22.59 28.47
C ASP M 21 -47.04 23.66 27.90
N ASN M 22 -45.83 23.28 27.50
CA ASN M 22 -44.80 24.26 27.13
C ASN M 22 -44.04 23.82 25.88
N LEU M 23 -44.77 23.37 24.86
CA LEU M 23 -44.12 23.06 23.58
C LEU M 23 -43.46 24.29 22.99
N GLN M 24 -44.12 25.45 23.08
CA GLN M 24 -43.47 26.67 22.61
C GLN M 24 -42.21 26.95 23.42
N THR M 25 -42.31 26.84 24.74
CA THR M 25 -41.15 27.07 25.60
C THR M 25 -40.07 26.03 25.36
N GLN M 26 -40.46 24.76 25.23
CA GLN M 26 -39.48 23.71 24.98
C GLN M 26 -38.75 23.91 23.67
N VAL M 27 -39.48 24.26 22.61
CA VAL M 27 -38.87 24.50 21.31
C VAL M 27 -37.94 25.70 21.37
N THR M 28 -38.37 26.78 22.02
CA THR M 28 -37.52 27.97 22.12
C THR M 28 -36.24 27.66 22.89
N GLU M 29 -36.36 26.92 24.00
CA GLU M 29 -35.19 26.55 24.79
C GLU M 29 -34.25 25.65 24.00
N ALA M 30 -34.80 24.66 23.28
CA ALA M 30 -33.96 23.78 22.48
C ALA M 30 -33.26 24.55 21.37
N LEU M 31 -33.96 25.50 20.75
CA LEU M 31 -33.34 26.32 19.71
C LEU M 31 -32.23 27.18 20.29
N ASP M 32 -32.44 27.74 21.48
CA ASP M 32 -31.41 28.56 22.11
C ASP M 32 -30.16 27.73 22.41
N LYS M 33 -30.35 26.52 22.97
CA LYS M 33 -29.21 25.66 23.25
C LYS M 33 -28.52 25.19 21.98
N LEU M 34 -29.28 24.93 20.91
CA LEU M 34 -28.67 24.56 19.65
C LEU M 34 -27.86 25.71 19.08
N ALA M 35 -28.36 26.93 19.18
CA ALA M 35 -27.59 28.09 18.74
C ALA M 35 -26.32 28.23 19.56
N ALA M 36 -26.39 27.97 20.87
CA ALA M 36 -25.22 28.08 21.72
C ALA M 36 -24.17 27.02 21.38
N LYS M 37 -24.57 25.91 20.77
CA LYS M 37 -23.65 24.84 20.41
C LYS M 37 -24.30 23.97 19.34
N PRO M 38 -24.18 24.36 18.06
CA PRO M 38 -24.83 23.63 16.98
C PRO M 38 -24.04 22.42 16.47
N SER M 39 -23.49 21.66 17.40
CA SER M 39 -22.81 20.42 17.04
C SER M 39 -23.02 19.29 18.03
N ASP M 40 -23.81 19.49 19.09
CA ASP M 40 -23.97 18.39 20.03
C ASP M 40 -24.99 17.41 19.51
N PRO M 41 -24.57 16.18 19.19
CA PRO M 41 -25.52 15.23 18.58
C PRO M 41 -26.71 14.91 19.45
N ALA M 42 -26.53 14.80 20.77
CA ALA M 42 -27.67 14.55 21.65
C ALA M 42 -28.61 15.73 21.68
N LEU M 43 -28.06 16.95 21.84
CA LEU M 43 -28.88 18.14 21.83
C LEU M 43 -29.54 18.33 20.48
N LEU M 44 -28.83 18.04 19.40
CA LEU M 44 -29.38 18.18 18.06
C LEU M 44 -30.54 17.20 17.84
N ALA M 45 -30.38 15.96 18.30
CA ALA M 45 -31.46 14.99 18.18
C ALA M 45 -32.67 15.39 19.01
N ALA M 46 -32.43 15.91 20.21
CA ALA M 46 -33.54 16.39 21.03
C ALA M 46 -34.27 17.53 20.32
N TYR M 47 -33.53 18.46 19.72
CA TYR M 47 -34.15 19.54 18.97
C TYR M 47 -34.95 19.01 17.79
N GLN M 48 -34.41 18.02 17.09
CA GLN M 48 -35.17 17.44 15.97
C GLN M 48 -36.48 16.84 16.44
N SER M 49 -36.45 16.11 17.56
CA SER M 49 -37.67 15.54 18.09
C SER M 49 -38.67 16.64 18.46
N LYS M 50 -38.20 17.68 19.15
CA LYS M 50 -39.10 18.75 19.56
C LYS M 50 -39.69 19.48 18.36
N LEU M 51 -38.86 19.74 17.34
CA LEU M 51 -39.35 20.43 16.15
C LEU M 51 -40.38 19.59 15.40
N SER M 52 -40.13 18.29 15.26
CA SER M 52 -41.11 17.43 14.59
C SER M 52 -42.42 17.38 15.39
N GLU M 53 -42.31 17.34 16.71
CA GLU M 53 -43.49 17.38 17.57
C GLU M 53 -44.27 18.67 17.35
N TYR M 54 -43.56 19.80 17.29
CA TYR M 54 -44.19 21.09 17.05
C TYR M 54 -44.88 21.10 15.69
N ASN M 55 -44.23 20.53 14.68
CA ASN M 55 -44.81 20.45 13.34
C ASN M 55 -46.13 19.70 13.36
N LEU M 56 -46.14 18.50 13.93
CA LEU M 56 -47.38 17.71 13.92
C LEU M 56 -48.44 18.39 14.77
N TYR M 57 -48.03 19.02 15.88
CA TYR M 57 -48.98 19.74 16.73
C TYR M 57 -49.66 20.87 15.97
N ARG M 58 -48.87 21.70 15.30
CA ARG M 58 -49.45 22.85 14.58
C ARG M 58 -50.32 22.37 13.44
N ASN M 59 -49.90 21.32 12.73
CA ASN M 59 -50.73 20.79 11.65
C ASN M 59 -52.05 20.26 12.19
N ALA M 60 -52.01 19.54 13.32
CA ALA M 60 -53.23 19.00 13.88
C ALA M 60 -54.18 20.12 14.29
N GLN M 61 -53.65 21.15 14.96
CA GLN M 61 -54.49 22.28 15.37
C GLN M 61 -55.11 22.95 14.15
N SER M 62 -54.30 23.20 13.13
CA SER M 62 -54.81 23.89 11.94
C SER M 62 -55.89 23.09 11.25
N ASN M 63 -55.69 21.78 11.07
CA ASN M 63 -56.68 20.99 10.35
C ASN M 63 -57.94 20.79 11.19
N THR M 64 -57.81 20.67 12.51
CA THR M 64 -59.02 20.59 13.33
C THR M 64 -59.83 21.87 13.22
N VAL M 65 -59.15 23.02 13.29
CA VAL M 65 -59.86 24.29 13.11
C VAL M 65 -60.52 24.33 11.74
N LYS M 66 -59.81 23.88 10.70
CA LYS M 66 -60.36 23.90 9.36
C LYS M 66 -61.63 23.06 9.26
N VAL M 67 -61.59 21.83 9.77
CA VAL M 67 -62.74 20.94 9.60
C VAL M 67 -63.92 21.43 10.42
N PHE M 68 -63.67 21.96 11.62
CA PHE M 68 -64.79 22.44 12.43
C PHE M 68 -65.38 23.71 11.83
N LYS M 69 -64.54 24.57 11.25
CA LYS M 69 -65.05 25.73 10.55
C LYS M 69 -65.88 25.32 9.34
N ASP M 70 -65.46 24.27 8.64
CA ASP M 70 -66.24 23.76 7.51
C ASP M 70 -67.61 23.25 7.97
N ILE M 71 -67.63 22.51 9.09
CA ILE M 71 -68.90 22.00 9.61
C ILE M 71 -69.81 23.16 10.00
N ASP M 72 -69.27 24.17 10.68
CA ASP M 72 -70.08 25.31 11.07
C ASP M 72 -70.59 26.08 9.86
N ALA M 73 -69.75 26.22 8.83
CA ALA M 73 -70.18 26.88 7.61
C ALA M 73 -71.31 26.11 6.94
N ALA M 74 -71.21 24.78 6.92
CA ALA M 74 -72.27 23.98 6.32
C ALA M 74 -73.58 24.13 7.09
N ILE M 75 -73.50 24.07 8.43
CA ILE M 75 -74.73 24.15 9.21
C ILE M 75 -75.34 25.56 9.15
N ILE M 76 -74.52 26.60 9.02
CA ILE M 76 -75.06 27.95 8.88
C ILE M 76 -75.54 28.23 7.46
N GLN M 77 -75.02 27.53 6.46
CA GLN M 77 -75.54 27.62 5.10
C GLN M 77 -76.87 26.90 4.96
N ASN M 78 -77.05 25.79 5.67
CA ASN M 78 -78.34 25.11 5.62
C ASN M 78 -79.44 25.84 6.39
N PHE M 79 -79.19 27.06 6.86
CA PHE M 79 -80.20 27.88 7.50
C PHE M 79 -81.00 28.69 6.50
N ARG M 80 -80.97 28.33 5.22
CA ARG M 80 -81.75 29.01 4.19
C ARG M 80 -83.24 28.91 4.47
N THR N 3 -94.78 -5.81 -1.55
CA THR N 3 -93.73 -5.06 -2.25
C THR N 3 -93.94 -3.56 -2.10
N PRO N 4 -93.04 -2.90 -1.39
CA PRO N 4 -93.13 -1.44 -1.23
C PRO N 4 -93.07 -0.73 -2.58
N TRP N 5 -93.82 0.36 -2.69
CA TRP N 5 -93.87 1.10 -3.93
C TRP N 5 -92.52 1.75 -4.22
N SER N 6 -92.05 1.60 -5.46
CA SER N 6 -90.77 2.13 -5.88
C SER N 6 -91.02 3.25 -6.88
N GLY N 7 -90.52 4.44 -6.57
CA GLY N 7 -90.73 5.59 -7.41
C GLY N 7 -89.86 5.58 -8.64
N TYR N 8 -90.08 6.58 -9.50
CA TYR N 8 -89.31 6.70 -10.73
C TYR N 8 -87.83 6.88 -10.44
N LEU N 9 -87.50 7.73 -9.47
CA LEU N 9 -86.11 7.89 -9.06
C LEU N 9 -85.56 6.60 -8.46
N ASP N 10 -86.37 5.92 -7.65
CA ASP N 10 -85.97 4.62 -7.13
C ASP N 10 -85.83 3.61 -8.28
N ASP N 11 -86.65 3.76 -9.32
CA ASP N 11 -86.49 2.90 -10.50
C ASP N 11 -85.16 3.14 -11.18
N VAL N 12 -84.73 4.40 -11.25
CA VAL N 12 -83.42 4.71 -11.84
C VAL N 12 -82.30 4.14 -10.98
N SER N 13 -82.45 4.24 -9.65
CA SER N 13 -81.45 3.64 -8.76
C SER N 13 -81.39 2.13 -8.95
N ALA N 14 -82.55 1.49 -9.12
CA ALA N 14 -82.57 0.06 -9.38
C ALA N 14 -81.94 -0.27 -10.73
N LYS N 15 -82.12 0.61 -11.72
CA LYS N 15 -81.47 0.42 -13.01
C LYS N 15 -79.96 0.46 -12.86
N PHE N 16 -79.44 1.39 -12.08
CA PHE N 16 -78.00 1.39 -11.79
C PHE N 16 -77.58 0.14 -11.04
N ASP N 17 -78.40 -0.31 -10.07
CA ASP N 17 -78.06 -1.50 -9.31
C ASP N 17 -77.98 -2.72 -10.21
N THR N 18 -78.87 -2.81 -11.20
CA THR N 18 -78.77 -3.86 -12.20
C THR N 18 -77.62 -3.64 -13.16
N GLY N 19 -77.18 -2.39 -13.33
CA GLY N 19 -76.06 -2.12 -14.20
C GLY N 19 -74.75 -2.73 -13.70
N VAL N 20 -74.54 -2.70 -12.39
CA VAL N 20 -73.37 -3.31 -11.78
C VAL N 20 -73.78 -4.68 -11.23
N ASP N 21 -73.04 -5.72 -11.63
CA ASP N 21 -73.43 -7.07 -11.25
C ASP N 21 -73.21 -7.32 -9.76
N ASN N 22 -71.96 -7.24 -9.31
CA ASN N 22 -71.62 -7.54 -7.93
C ASN N 22 -70.59 -6.58 -7.37
N LEU N 23 -70.69 -5.29 -7.71
CA LEU N 23 -69.62 -4.36 -7.36
C LEU N 23 -69.48 -4.19 -5.85
N GLN N 24 -70.60 -4.23 -5.12
CA GLN N 24 -70.54 -4.04 -3.67
C GLN N 24 -69.70 -5.12 -3.00
N THR N 25 -69.99 -6.38 -3.29
CA THR N 25 -69.17 -7.45 -2.72
C THR N 25 -67.77 -7.47 -3.31
N GLN N 26 -67.57 -6.97 -4.53
CA GLN N 26 -66.22 -6.80 -5.03
C GLN N 26 -65.43 -5.85 -4.16
N VAL N 27 -66.04 -4.71 -3.79
CA VAL N 27 -65.38 -3.76 -2.91
C VAL N 27 -65.11 -4.38 -1.55
N THR N 28 -66.07 -5.12 -1.02
CA THR N 28 -65.88 -5.75 0.29
C THR N 28 -64.75 -6.78 0.24
N GLU N 29 -64.70 -7.58 -0.82
CA GLU N 29 -63.62 -8.57 -0.97
C GLU N 29 -62.27 -7.91 -1.10
N ALA N 30 -62.18 -6.86 -1.92
CA ALA N 30 -60.92 -6.12 -2.02
C ALA N 30 -60.53 -5.54 -0.67
N LEU N 31 -61.52 -5.07 0.10
CA LEU N 31 -61.23 -4.42 1.37
C LEU N 31 -60.71 -5.40 2.40
N ASP N 32 -61.34 -6.57 2.54
CA ASP N 32 -60.80 -7.49 3.53
C ASP N 32 -59.55 -8.21 3.04
N LYS N 33 -59.35 -8.32 1.72
CA LYS N 33 -58.05 -8.77 1.22
C LYS N 33 -56.96 -7.78 1.58
N LEU N 34 -57.27 -6.48 1.48
CA LEU N 34 -56.34 -5.45 1.95
C LEU N 34 -56.09 -5.58 3.45
N ALA N 35 -57.15 -5.84 4.21
CA ALA N 35 -56.99 -6.00 5.65
C ALA N 35 -56.08 -7.17 5.98
N ALA N 36 -56.21 -8.28 5.23
CA ALA N 36 -55.36 -9.44 5.48
C ALA N 36 -53.89 -9.13 5.26
N LYS N 37 -53.57 -8.40 4.18
CA LYS N 37 -52.19 -8.11 3.83
C LYS N 37 -52.14 -6.86 2.96
N PRO N 38 -52.04 -5.67 3.55
CA PRO N 38 -52.11 -4.44 2.76
C PRO N 38 -50.81 -4.07 2.09
N SER N 39 -50.15 -5.04 1.44
CA SER N 39 -48.88 -4.75 0.80
C SER N 39 -48.68 -5.45 -0.54
N ASP N 40 -49.67 -6.16 -1.06
CA ASP N 40 -49.51 -6.86 -2.33
C ASP N 40 -49.84 -5.92 -3.48
N PRO N 41 -48.87 -5.57 -4.34
CA PRO N 41 -49.16 -4.62 -5.42
C PRO N 41 -50.30 -5.05 -6.33
N ALA N 42 -50.42 -6.35 -6.63
CA ALA N 42 -51.56 -6.82 -7.39
C ALA N 42 -52.86 -6.61 -6.61
N LEU N 43 -52.85 -6.97 -5.32
CA LEU N 43 -54.02 -6.77 -4.49
C LEU N 43 -54.31 -5.29 -4.30
N LEU N 44 -53.26 -4.48 -4.14
CA LEU N 44 -53.46 -3.04 -4.02
C LEU N 44 -54.08 -2.46 -5.28
N ALA N 45 -53.61 -2.90 -6.45
CA ALA N 45 -54.17 -2.40 -7.70
C ALA N 45 -55.62 -2.82 -7.86
N ALA N 46 -55.93 -4.07 -7.51
CA ALA N 46 -57.31 -4.54 -7.61
C ALA N 46 -58.22 -3.74 -6.69
N TYR N 47 -57.77 -3.51 -5.45
CA TYR N 47 -58.58 -2.72 -4.53
C TYR N 47 -58.75 -1.30 -5.02
N GLN N 48 -57.68 -0.72 -5.59
CA GLN N 48 -57.78 0.64 -6.13
C GLN N 48 -58.81 0.71 -7.24
N SER N 49 -58.78 -0.25 -8.16
CA SER N 49 -59.74 -0.24 -9.26
C SER N 49 -61.17 -0.41 -8.77
N LYS N 50 -61.37 -1.35 -7.84
CA LYS N 50 -62.71 -1.56 -7.29
C LYS N 50 -63.19 -0.31 -6.55
N LEU N 51 -62.32 0.33 -5.79
CA LEU N 51 -62.68 1.54 -5.09
C LEU N 51 -63.04 2.65 -6.07
N SER N 52 -62.27 2.78 -7.15
CA SER N 52 -62.57 3.78 -8.16
C SER N 52 -63.94 3.56 -8.77
N GLU N 53 -64.23 2.32 -9.16
CA GLU N 53 -65.53 2.04 -9.76
C GLU N 53 -66.65 2.27 -8.76
N TYR N 54 -66.45 1.93 -7.49
CA TYR N 54 -67.47 2.17 -6.48
C TYR N 54 -67.72 3.65 -6.29
N ASN N 55 -66.64 4.44 -6.22
CA ASN N 55 -66.77 5.88 -6.04
C ASN N 55 -67.55 6.50 -7.19
N LEU N 56 -67.16 6.17 -8.43
CA LEU N 56 -67.86 6.74 -9.57
C LEU N 56 -69.29 6.23 -9.64
N TYR N 57 -69.53 4.96 -9.30
CA TYR N 57 -70.90 4.45 -9.26
C TYR N 57 -71.76 5.26 -8.30
N ARG N 58 -71.32 5.43 -7.05
CA ARG N 58 -72.15 6.11 -6.08
C ARG N 58 -72.33 7.57 -6.44
N ASN N 59 -71.27 8.22 -6.93
CA ASN N 59 -71.39 9.62 -7.31
C ASN N 59 -72.34 9.80 -8.49
N ALA N 60 -72.22 8.94 -9.52
CA ALA N 60 -73.09 9.03 -10.68
C ALA N 60 -74.55 8.76 -10.30
N GLN N 61 -74.77 7.76 -9.45
CA GLN N 61 -76.13 7.45 -9.02
C GLN N 61 -76.73 8.62 -8.26
N SER N 62 -75.96 9.21 -7.33
CA SER N 62 -76.46 10.35 -6.58
C SER N 62 -76.76 11.53 -7.50
N ASN N 63 -75.87 11.80 -8.46
CA ASN N 63 -76.10 12.92 -9.37
C ASN N 63 -77.33 12.68 -10.23
N THR N 64 -77.53 11.45 -10.70
CA THR N 64 -78.69 11.17 -11.55
C THR N 64 -79.99 11.28 -10.77
N VAL N 65 -80.03 10.74 -9.55
CA VAL N 65 -81.22 10.91 -8.73
C VAL N 65 -81.46 12.38 -8.45
N LYS N 66 -80.39 13.15 -8.20
CA LYS N 66 -80.54 14.57 -7.90
C LYS N 66 -81.10 15.33 -9.09
N VAL N 67 -80.58 15.06 -10.29
CA VAL N 67 -81.06 15.79 -11.46
C VAL N 67 -82.47 15.39 -11.83
N PHE N 68 -82.84 14.12 -11.65
CA PHE N 68 -84.22 13.72 -11.91
C PHE N 68 -85.16 14.32 -10.88
N LYS N 69 -84.72 14.46 -9.63
CA LYS N 69 -85.53 15.18 -8.66
C LYS N 69 -85.69 16.65 -9.05
N ASP N 70 -84.64 17.27 -9.57
CA ASP N 70 -84.75 18.65 -10.03
C ASP N 70 -85.78 18.77 -11.15
N ILE N 71 -85.72 17.86 -12.13
CA ILE N 71 -86.63 17.97 -13.26
C ILE N 71 -88.07 17.64 -12.83
N ASP N 72 -88.22 16.73 -11.87
CA ASP N 72 -89.55 16.43 -11.33
C ASP N 72 -90.12 17.66 -10.63
N ALA N 73 -89.30 18.35 -9.83
CA ALA N 73 -89.75 19.57 -9.16
C ALA N 73 -90.07 20.66 -10.17
N ALA N 74 -89.28 20.74 -11.24
CA ALA N 74 -89.56 21.71 -12.29
C ALA N 74 -90.90 21.43 -12.96
N ILE N 75 -91.20 20.15 -13.20
CA ILE N 75 -92.51 19.78 -13.75
C ILE N 75 -93.62 20.14 -12.77
N ILE N 76 -93.41 19.86 -11.48
CA ILE N 76 -94.43 20.13 -10.47
C ILE N 76 -94.71 21.62 -10.35
N GLN N 77 -93.66 22.45 -10.47
CA GLN N 77 -93.82 23.89 -10.29
C GLN N 77 -94.78 24.49 -11.31
N ASN N 78 -94.97 23.85 -12.46
CA ASN N 78 -95.87 24.34 -13.50
C ASN N 78 -97.29 23.84 -13.32
N PHE N 79 -97.67 23.42 -12.12
CA PHE N 79 -99.03 22.93 -11.87
C PHE N 79 -100.05 24.06 -11.82
N ARG N 80 -99.60 25.31 -11.65
CA ARG N 80 -100.51 26.44 -11.56
C ARG N 80 -101.15 26.74 -12.92
N ILE O 129 -3.16 -29.35 9.28
CA ILE O 129 -3.29 -28.28 8.31
C ILE O 129 -3.47 -26.96 9.05
N SER O 130 -2.36 -26.37 9.48
CA SER O 130 -2.43 -25.17 10.30
C SER O 130 -1.32 -24.21 9.89
N ASP O 131 -1.58 -22.92 10.11
CA ASP O 131 -0.59 -21.88 9.85
C ASP O 131 -0.14 -21.15 11.11
N ALA O 132 -0.93 -21.20 12.18
CA ALA O 132 -0.47 -20.61 13.44
C ALA O 132 0.76 -21.32 13.98
N GLU O 133 0.78 -22.66 13.87
CA GLU O 133 1.89 -23.43 14.41
C GLU O 133 2.99 -23.65 13.39
N ILE O 134 2.76 -23.29 12.11
CA ILE O 134 3.83 -23.44 11.13
C ILE O 134 4.97 -22.48 11.45
N TRP O 135 4.66 -21.29 11.96
CA TRP O 135 5.72 -20.37 12.35
C TRP O 135 6.50 -20.92 13.54
N ASP O 136 5.79 -21.52 14.50
CA ASP O 136 6.48 -22.13 15.64
C ASP O 136 7.37 -23.29 15.20
N MET O 137 6.90 -24.11 14.25
CA MET O 137 7.72 -25.23 13.80
C MET O 137 8.91 -24.72 12.99
N VAL O 138 8.74 -23.61 12.27
CA VAL O 138 9.88 -22.97 11.63
C VAL O 138 10.90 -22.52 12.67
N SER O 139 10.44 -21.88 13.73
CA SER O 139 11.37 -21.39 14.75
C SER O 139 12.11 -22.54 15.42
N GLN O 140 11.39 -23.61 15.76
CA GLN O 140 12.05 -24.75 16.39
C GLN O 140 12.96 -25.48 15.42
N ASN O 141 12.63 -25.51 14.13
CA ASN O 141 13.52 -26.08 13.14
C ASN O 141 14.82 -25.29 13.04
N ILE O 142 14.72 -23.96 13.01
CA ILE O 142 15.91 -23.12 13.04
C ILE O 142 16.74 -23.33 14.29
N SER O 143 16.08 -23.45 15.45
CA SER O 143 16.77 -23.73 16.70
C SER O 143 17.49 -25.07 16.68
N ALA O 144 16.83 -26.12 16.18
CA ALA O 144 17.43 -27.44 16.12
C ALA O 144 18.60 -27.51 15.13
N ILE O 145 18.50 -26.83 13.99
CA ILE O 145 19.61 -26.78 13.05
C ILE O 145 20.83 -26.09 13.63
N GLY O 146 20.64 -25.04 14.43
CA GLY O 146 21.79 -24.34 14.99
C GLY O 146 22.66 -25.22 15.86
N ASP O 147 22.03 -26.02 16.73
CA ASP O 147 22.78 -26.91 17.60
C ASP O 147 23.04 -28.28 17.01
N SER O 148 22.42 -28.61 15.88
CA SER O 148 22.69 -29.88 15.20
C SER O 148 23.58 -29.73 13.99
N TYR O 149 23.66 -28.53 13.43
CA TYR O 149 24.49 -28.28 12.24
C TYR O 149 25.57 -27.25 12.52
N LEU O 150 25.23 -26.09 13.08
CA LEU O 150 26.24 -25.06 13.31
C LEU O 150 27.00 -25.30 14.61
N GLY O 151 26.28 -25.59 15.69
CA GLY O 151 26.95 -25.84 16.96
C GLY O 151 27.88 -27.03 16.89
N VAL O 152 27.50 -28.05 16.13
CA VAL O 152 28.36 -29.22 15.94
C VAL O 152 29.67 -28.79 15.30
N TYR O 153 29.59 -27.96 14.25
CA TYR O 153 30.81 -27.53 13.57
C TYR O 153 31.65 -26.63 14.46
N GLU O 154 31.02 -25.78 15.26
CA GLU O 154 31.76 -24.98 16.23
C GLU O 154 32.51 -25.86 17.22
N ASN O 155 31.87 -26.91 17.72
CA ASN O 155 32.57 -27.80 18.64
C ASN O 155 33.69 -28.54 17.94
N VAL O 156 33.49 -28.90 16.67
CA VAL O 156 34.56 -29.55 15.90
C VAL O 156 35.79 -28.65 15.83
N VAL O 157 35.58 -27.39 15.43
CA VAL O 157 36.73 -26.50 15.26
C VAL O 157 37.37 -26.20 16.61
N ALA O 158 36.56 -26.11 17.66
CA ALA O 158 37.11 -25.83 18.99
C ALA O 158 38.00 -26.98 19.47
N VAL O 159 37.50 -28.21 19.39
CA VAL O 159 38.29 -29.34 19.87
C VAL O 159 39.51 -29.54 18.99
N TYR O 160 39.40 -29.27 17.69
CA TYR O 160 40.56 -29.47 16.83
C TYR O 160 41.61 -28.40 17.09
N THR O 161 41.18 -27.18 17.41
CA THR O 161 42.14 -26.14 17.80
C THR O 161 42.80 -26.47 19.12
N ASP O 162 42.06 -27.06 20.07
CA ASP O 162 42.69 -27.53 21.31
C ASP O 162 43.73 -28.61 21.01
N PHE O 163 43.40 -29.53 20.10
CA PHE O 163 44.35 -30.54 19.67
C PHE O 163 45.62 -29.91 19.10
N TYR O 164 45.45 -28.93 18.20
CA TYR O 164 46.60 -28.27 17.61
C TYR O 164 47.42 -27.51 18.65
N GLN O 165 46.77 -26.89 19.62
CA GLN O 165 47.50 -26.20 20.69
C GLN O 165 48.30 -27.18 21.54
N ALA O 166 47.71 -28.34 21.87
CA ALA O 166 48.47 -29.34 22.61
C ALA O 166 49.68 -29.82 21.82
N PHE O 167 49.49 -30.05 20.51
CA PHE O 167 50.64 -30.46 19.70
C PHE O 167 51.68 -29.36 19.61
N SER O 168 51.24 -28.10 19.60
CA SER O 168 52.17 -26.99 19.57
C SER O 168 52.98 -26.94 20.87
N ASP O 169 52.33 -27.20 22.00
CA ASP O 169 53.06 -27.38 23.25
C ASP O 169 54.13 -28.45 23.12
N ILE O 170 53.75 -29.60 22.55
CA ILE O 170 54.70 -30.71 22.42
C ILE O 170 55.88 -30.29 21.55
N LEU O 171 55.59 -29.60 20.44
CA LEU O 171 56.65 -29.17 19.54
C LEU O 171 57.54 -28.11 20.18
N SER O 172 56.96 -27.25 21.01
CA SER O 172 57.77 -26.27 21.72
C SER O 172 58.69 -26.95 22.72
N LYS O 173 58.22 -28.02 23.36
CA LYS O 173 59.08 -28.78 24.26
C LYS O 173 60.25 -29.43 23.54
N MET O 174 60.20 -29.53 22.22
CA MET O 174 61.27 -30.17 21.45
C MET O 174 62.58 -29.39 21.52
N GLY O 175 62.52 -28.07 21.72
CA GLY O 175 63.72 -27.26 21.64
C GLY O 175 64.81 -27.70 22.61
N GLY O 176 64.43 -28.02 23.84
CA GLY O 176 65.40 -28.45 24.83
C GLY O 176 65.68 -29.93 24.79
N TRP O 177 65.75 -30.50 23.60
CA TRP O 177 65.96 -31.93 23.43
C TRP O 177 66.98 -32.23 22.33
N LEU O 178 68.00 -31.38 22.21
CA LEU O 178 69.07 -31.59 21.26
C LEU O 178 70.41 -31.23 21.90
N LEU O 179 71.46 -31.95 21.50
CA LEU O 179 72.77 -31.66 22.05
C LEU O 179 73.87 -31.79 20.99
N PRO O 180 74.65 -30.75 20.73
CA PRO O 180 75.75 -30.89 19.76
C PRO O 180 76.76 -31.93 20.22
N GLY O 181 77.35 -32.63 19.26
CA GLY O 181 78.30 -33.70 19.54
C GLY O 181 79.38 -33.80 18.48
N LYS O 182 80.53 -34.33 18.89
CA LYS O 182 81.68 -34.57 18.02
C LYS O 182 82.25 -33.29 17.44
N ASP O 183 81.72 -32.13 17.85
CA ASP O 183 82.13 -30.83 17.32
C ASP O 183 82.08 -30.84 15.79
N GLY O 184 81.09 -31.53 15.24
CA GLY O 184 80.97 -31.71 13.81
C GLY O 184 79.53 -31.71 13.38
N ASN O 185 79.15 -32.73 12.61
CA ASN O 185 77.80 -32.78 12.06
C ASN O 185 76.84 -33.53 12.98
N THR O 186 77.33 -34.06 14.09
CA THR O 186 76.51 -34.93 14.93
C THR O 186 75.72 -34.14 15.97
N VAL O 187 74.44 -34.47 16.11
CA VAL O 187 73.57 -33.90 17.13
C VAL O 187 72.83 -35.04 17.82
N LYS O 188 73.05 -35.17 19.13
CA LYS O 188 72.24 -36.07 19.92
C LYS O 188 70.79 -35.59 19.90
N LEU O 189 69.89 -36.51 19.57
CA LEU O 189 68.47 -36.25 19.49
C LEU O 189 67.74 -37.15 20.48
N ASP O 190 66.94 -36.55 21.35
CA ASP O 190 66.20 -37.31 22.35
C ASP O 190 65.04 -38.03 21.68
N VAL O 191 64.98 -39.35 21.84
CA VAL O 191 63.90 -40.14 21.28
C VAL O 191 63.00 -40.73 22.35
N THR O 192 63.58 -41.12 23.49
CA THR O 192 62.78 -41.69 24.57
C THR O 192 61.76 -40.68 25.09
N SER O 193 62.19 -39.43 25.28
CA SER O 193 61.26 -38.41 25.74
C SER O 193 60.19 -38.14 24.71
N LEU O 194 60.56 -38.04 23.43
CA LEU O 194 59.58 -37.82 22.38
C LEU O 194 58.61 -39.00 22.29
N LYS O 195 59.14 -40.23 22.37
CA LYS O 195 58.28 -41.39 22.31
C LYS O 195 57.28 -41.39 23.46
N ASN O 196 57.76 -41.15 24.68
CA ASN O 196 56.88 -41.12 25.84
C ASN O 196 55.84 -40.02 25.72
N ASP O 197 56.27 -38.83 25.29
CA ASP O 197 55.35 -37.70 25.22
C ASP O 197 54.28 -37.91 24.16
N LEU O 198 54.65 -38.40 22.98
CA LEU O 198 53.67 -38.64 21.93
C LEU O 198 52.75 -39.79 22.30
N ASN O 199 53.27 -40.84 22.92
CA ASN O 199 52.42 -41.92 23.38
C ASN O 199 51.43 -41.43 24.43
N SER O 200 51.88 -40.56 25.33
CA SER O 200 50.98 -40.00 26.34
C SER O 200 49.90 -39.14 25.69
N LEU O 201 50.28 -38.32 24.71
CA LEU O 201 49.30 -37.50 24.02
C LEU O 201 48.27 -38.36 23.30
N VAL O 202 48.72 -39.44 22.65
CA VAL O 202 47.79 -40.35 21.99
C VAL O 202 46.86 -40.99 23.01
N ASN O 203 47.41 -41.43 24.15
CA ASN O 203 46.59 -42.06 25.17
C ASN O 203 45.54 -41.09 25.71
N LYS O 204 45.92 -39.83 25.95
CA LYS O 204 44.97 -38.86 26.45
C LYS O 204 44.01 -38.39 25.35
N TYR O 205 44.34 -38.62 24.08
CA TYR O 205 43.48 -38.24 22.98
C TYR O 205 42.84 -39.44 22.30
N ASN O 206 43.00 -40.65 22.84
CA ASN O 206 42.34 -41.81 22.28
C ASN O 206 41.09 -42.20 23.05
N GLN O 207 40.90 -41.68 24.25
CA GLN O 207 39.70 -41.93 25.04
C GLN O 207 38.58 -41.00 24.55
N ILE O 208 37.47 -40.95 25.28
CA ILE O 208 36.31 -40.15 24.91
C ILE O 208 35.97 -39.26 26.10
N ASN O 209 36.11 -37.94 25.92
CA ASN O 209 35.67 -36.96 26.90
C ASN O 209 35.18 -35.73 26.16
N SER O 210 34.91 -34.66 26.90
CA SER O 210 34.45 -33.43 26.28
C SER O 210 35.55 -32.78 25.44
N ASN O 211 36.80 -33.14 25.68
CA ASN O 211 37.94 -32.52 24.99
C ASN O 211 38.55 -33.41 23.91
N THR O 212 37.90 -34.51 23.54
CA THR O 212 38.40 -35.40 22.50
C THR O 212 37.40 -35.62 21.38
N VAL O 213 36.11 -35.41 21.64
CA VAL O 213 35.04 -35.70 20.68
C VAL O 213 34.78 -34.46 19.85
N LEU O 214 34.54 -34.66 18.56
CA LEU O 214 34.06 -33.60 17.68
C LEU O 214 32.62 -33.80 17.24
N PHE O 215 32.16 -35.05 17.13
CA PHE O 215 30.77 -35.36 16.82
C PHE O 215 30.34 -36.50 17.72
N PRO O 216 29.14 -36.44 18.33
CA PRO O 216 28.07 -35.47 18.11
C PRO O 216 28.14 -34.24 19.02
N ALA O 217 29.31 -33.64 19.13
CA ALA O 217 29.50 -32.34 19.78
C ALA O 217 29.01 -32.37 21.23
N GLN O 218 29.73 -33.17 22.03
CA GLN O 218 29.41 -33.27 23.45
C GLN O 218 29.61 -31.94 24.15
N SER O 219 28.71 -31.64 25.08
CA SER O 219 28.79 -30.41 25.85
C SER O 219 28.06 -30.60 27.17
N GLY O 220 28.55 -29.91 28.20
CA GLY O 220 27.92 -29.95 29.51
C GLY O 220 28.29 -31.16 30.33
N SER O 221 27.72 -32.32 30.00
CA SER O 221 27.96 -33.54 30.77
C SER O 221 27.61 -34.75 29.90
N GLY O 222 28.14 -35.90 30.31
CA GLY O 222 27.81 -37.15 29.66
C GLY O 222 28.38 -37.27 28.25
N VAL O 223 28.09 -38.41 27.63
CA VAL O 223 28.53 -38.68 26.26
C VAL O 223 27.32 -39.16 25.47
N LYS O 224 27.06 -38.52 24.33
CA LYS O 224 25.91 -38.83 23.50
C LYS O 224 26.36 -39.67 22.31
N VAL O 225 25.49 -40.60 21.90
CA VAL O 225 25.84 -41.56 20.85
C VAL O 225 25.25 -41.11 19.53
N ALA O 226 25.68 -41.73 18.44
CA ALA O 226 25.22 -41.39 17.10
C ALA O 226 25.06 -42.66 16.28
N THR O 227 24.25 -42.57 15.23
CA THR O 227 23.99 -43.71 14.37
C THR O 227 25.04 -43.84 13.28
N GLU O 228 25.03 -44.99 12.61
CA GLU O 228 25.95 -45.25 11.51
C GLU O 228 25.73 -44.33 10.32
N ALA O 229 24.48 -44.14 9.89
CA ALA O 229 24.22 -43.36 8.69
C ALA O 229 24.67 -41.92 8.86
N GLU O 230 24.34 -41.30 10.00
CA GLU O 230 24.74 -39.92 10.22
C GLU O 230 26.25 -39.80 10.41
N ALA O 231 26.88 -40.80 11.03
CA ALA O 231 28.33 -40.81 11.13
C ALA O 231 28.97 -40.84 9.74
N ARG O 232 28.47 -41.69 8.85
CA ARG O 232 28.97 -41.69 7.48
C ARG O 232 28.74 -40.36 6.78
N GLN O 233 27.55 -39.77 6.97
CA GLN O 233 27.27 -38.51 6.29
C GLN O 233 28.13 -37.39 6.81
N TRP O 234 28.59 -37.48 8.07
CA TRP O 234 29.52 -36.49 8.59
C TRP O 234 30.95 -36.74 8.12
N LEU O 235 31.36 -38.00 8.08
CA LEU O 235 32.70 -38.32 7.59
C LEU O 235 32.86 -38.00 6.11
N SER O 236 31.77 -38.08 5.34
CA SER O 236 31.86 -37.78 3.91
C SER O 236 32.18 -36.32 3.65
N GLU O 237 31.67 -35.42 4.48
CA GLU O 237 31.91 -33.99 4.32
C GLU O 237 33.07 -33.47 5.15
N LEU O 238 33.48 -34.20 6.19
CA LEU O 238 34.62 -33.76 6.98
C LEU O 238 35.95 -34.15 6.35
N ASN O 239 35.94 -35.06 5.37
CA ASN O 239 37.15 -35.53 4.70
C ASN O 239 38.18 -36.03 5.73
N LEU O 240 37.80 -37.07 6.45
CA LEU O 240 38.64 -37.68 7.47
C LEU O 240 38.78 -39.17 7.16
N PRO O 241 39.88 -39.79 7.58
CA PRO O 241 40.04 -41.22 7.36
C PRO O 241 38.99 -42.03 8.12
N ASN O 242 38.62 -43.16 7.52
CA ASN O 242 37.61 -44.03 8.11
C ASN O 242 38.07 -44.65 9.43
N SER O 243 39.38 -44.61 9.72
CA SER O 243 39.91 -45.19 10.96
C SER O 243 39.74 -44.21 12.12
N CYS O 244 38.50 -43.73 12.28
CA CYS O 244 38.18 -42.82 13.37
C CYS O 244 36.89 -43.15 14.09
N LEU O 245 36.12 -44.14 13.63
CA LEU O 245 34.84 -44.48 14.23
C LEU O 245 35.05 -45.51 15.32
N LYS O 246 34.67 -45.17 16.54
CA LYS O 246 34.72 -46.08 17.66
C LYS O 246 33.41 -46.06 18.43
N SER O 247 33.18 -47.12 19.20
CA SER O 247 31.92 -47.32 19.90
C SER O 247 32.10 -46.98 21.37
N TYR O 248 31.20 -46.14 21.89
CA TYR O 248 31.19 -45.82 23.32
C TYR O 248 30.26 -46.78 24.06
N GLY O 249 30.51 -48.07 23.84
CA GLY O 249 29.72 -49.11 24.47
C GLY O 249 28.33 -49.25 23.88
N SER O 250 27.49 -48.24 24.08
CA SER O 250 26.12 -48.28 23.59
C SER O 250 26.07 -47.89 22.11
N GLY O 251 26.52 -46.69 21.78
CA GLY O 251 26.47 -46.22 20.41
C GLY O 251 27.83 -45.87 19.83
N TYR O 252 27.84 -45.01 18.83
CA TYR O 252 29.03 -44.73 18.03
C TYR O 252 29.38 -43.24 18.10
N VAL O 253 30.68 -42.96 18.03
CA VAL O 253 31.20 -41.61 18.15
C VAL O 253 32.27 -41.41 17.09
N VAL O 254 32.56 -40.15 16.79
CA VAL O 254 33.61 -39.76 15.85
C VAL O 254 34.71 -39.06 16.62
N THR O 255 35.96 -39.44 16.35
CA THR O 255 37.11 -38.91 17.07
C THR O 255 38.06 -38.23 16.10
N VAL O 256 39.03 -37.50 16.68
CA VAL O 256 40.01 -36.77 15.87
C VAL O 256 40.91 -37.75 15.13
N ASP O 257 41.27 -37.39 13.90
CA ASP O 257 42.13 -38.23 13.09
C ASP O 257 43.54 -38.27 13.67
N LEU O 258 43.91 -39.40 14.28
CA LEU O 258 45.20 -39.57 14.90
C LEU O 258 46.21 -40.28 14.00
N THR O 259 45.82 -40.59 12.76
CA THR O 259 46.71 -41.32 11.87
C THR O 259 48.04 -40.61 11.62
N PRO O 260 48.09 -39.30 11.34
CA PRO O 260 49.40 -38.66 11.17
C PRO O 260 50.31 -38.78 12.39
N LEU O 261 49.77 -38.61 13.60
CA LEU O 261 50.60 -38.76 14.78
C LEU O 261 51.11 -40.18 14.91
N GLN O 262 50.26 -41.17 14.65
CA GLN O 262 50.71 -42.55 14.70
C GLN O 262 51.85 -42.78 13.72
N LYS O 263 51.65 -42.41 12.45
CA LYS O 263 52.68 -42.64 11.45
C LYS O 263 53.98 -41.97 11.84
N MET O 264 53.91 -40.75 12.37
CA MET O 264 55.12 -40.07 12.82
C MET O 264 55.77 -40.79 13.97
N VAL O 265 54.99 -41.32 14.93
CA VAL O 265 55.62 -41.92 16.09
C VAL O 265 56.25 -43.27 15.74
N GLN O 266 55.70 -44.03 14.77
CA GLN O 266 56.49 -45.20 14.36
C GLN O 266 57.62 -44.83 13.39
N ASP O 267 57.53 -43.70 12.70
CA ASP O 267 58.61 -43.34 11.79
C ASP O 267 59.83 -42.80 12.55
N ILE O 268 59.61 -42.11 13.66
CA ILE O 268 60.75 -41.62 14.44
C ILE O 268 61.54 -42.79 15.02
N ASP O 269 60.88 -43.92 15.26
CA ASP O 269 61.60 -45.12 15.69
C ASP O 269 62.44 -45.72 14.57
N GLY O 270 62.26 -45.26 13.35
CA GLY O 270 63.04 -45.73 12.22
C GLY O 270 64.39 -45.07 12.05
N LEU O 271 64.77 -44.18 12.96
CA LEU O 271 66.05 -43.51 12.91
C LEU O 271 67.17 -44.29 13.59
N GLY O 272 66.84 -45.43 14.20
CA GLY O 272 67.80 -46.25 14.91
C GLY O 272 67.19 -46.82 16.16
N ALA O 273 68.05 -47.15 17.11
CA ALA O 273 67.64 -47.73 18.38
C ALA O 273 68.23 -46.93 19.53
N PRO O 274 67.53 -46.85 20.67
CA PRO O 274 68.06 -46.06 21.80
C PRO O 274 69.08 -46.83 22.62
N GLY O 275 70.17 -47.21 21.95
CA GLY O 275 71.24 -47.91 22.64
C GLY O 275 71.92 -47.05 23.69
N LYS O 276 72.06 -45.77 23.41
CA LYS O 276 72.69 -44.86 24.36
C LYS O 276 71.78 -44.64 25.57
N ASP O 277 72.40 -44.29 26.69
CA ASP O 277 71.66 -44.12 27.93
C ASP O 277 70.70 -42.93 27.87
N SER O 278 70.99 -41.94 27.03
CA SER O 278 70.20 -40.72 26.98
C SER O 278 69.46 -40.55 25.66
N LYS O 279 70.17 -40.54 24.53
CA LYS O 279 69.53 -40.15 23.28
C LYS O 279 70.35 -40.66 22.10
N LEU O 280 69.73 -40.58 20.92
CA LEU O 280 70.36 -41.07 19.70
C LEU O 280 71.49 -40.14 19.25
N GLU O 281 72.49 -40.75 18.61
CA GLU O 281 73.59 -40.03 17.97
C GLU O 281 73.40 -40.12 16.47
N MET O 282 73.47 -38.98 15.79
CA MET O 282 73.03 -38.92 14.40
C MET O 282 73.57 -37.66 13.74
N ASP O 283 74.06 -37.82 12.50
CA ASP O 283 74.70 -36.72 11.79
C ASP O 283 73.66 -35.74 11.26
N ASN O 284 74.15 -34.67 10.64
CA ASN O 284 73.28 -33.55 10.26
C ASN O 284 72.36 -33.91 9.10
N ALA O 285 72.81 -34.71 8.15
CA ALA O 285 72.02 -34.95 6.94
C ALA O 285 70.75 -35.71 7.25
N LYS O 286 70.86 -36.79 8.05
CA LYS O 286 69.67 -37.53 8.43
C LYS O 286 68.74 -36.67 9.29
N TYR O 287 69.31 -35.79 10.12
CA TYR O 287 68.49 -34.87 10.88
C TYR O 287 67.72 -33.93 9.97
N GLN O 288 68.38 -33.43 8.91
CA GLN O 288 67.70 -32.56 7.97
C GLN O 288 66.56 -33.28 7.25
N ALA O 289 66.81 -34.51 6.82
CA ALA O 289 65.75 -35.26 6.14
C ALA O 289 64.57 -35.53 7.08
N TRP O 290 64.87 -35.93 8.32
CA TRP O 290 63.82 -36.17 9.30
C TRP O 290 63.03 -34.91 9.60
N GLN O 291 63.72 -33.77 9.71
CA GLN O 291 63.03 -32.52 10.00
C GLN O 291 62.18 -32.08 8.83
N SER O 292 62.65 -32.33 7.60
CA SER O 292 61.83 -32.03 6.43
C SER O 292 60.55 -32.85 6.44
N GLY O 293 60.66 -34.15 6.75
CA GLY O 293 59.47 -34.98 6.87
C GLY O 293 58.55 -34.49 7.98
N PHE O 294 59.13 -34.11 9.11
CA PHE O 294 58.36 -33.59 10.24
C PHE O 294 57.58 -32.35 9.84
N LYS O 295 58.24 -31.38 9.21
CA LYS O 295 57.57 -30.15 8.81
C LYS O 295 56.53 -30.41 7.72
N ALA O 296 56.76 -31.40 6.85
CA ALA O 296 55.73 -31.77 5.88
C ALA O 296 54.49 -32.30 6.59
N GLN O 297 54.69 -33.17 7.58
CA GLN O 297 53.55 -33.66 8.36
C GLN O 297 52.83 -32.51 9.06
N GLU O 298 53.59 -31.54 9.55
CA GLU O 298 52.96 -30.45 10.28
C GLU O 298 52.22 -29.50 9.35
N GLU O 299 52.71 -29.32 8.13
CA GLU O 299 51.92 -28.52 7.19
C GLU O 299 50.68 -29.28 6.75
N ASN O 300 50.72 -30.62 6.70
CA ASN O 300 49.48 -31.35 6.46
C ASN O 300 48.48 -31.14 7.59
N MET O 301 48.94 -31.18 8.85
CA MET O 301 48.03 -30.91 9.96
C MET O 301 47.50 -29.48 9.88
N LYS O 302 48.37 -28.53 9.54
CA LYS O 302 47.96 -27.13 9.45
C LYS O 302 46.95 -26.91 8.34
N THR O 303 47.10 -27.62 7.20
CA THR O 303 46.14 -27.44 6.12
C THR O 303 44.82 -28.15 6.44
N THR O 304 44.87 -29.22 7.25
CA THR O 304 43.62 -29.78 7.77
C THR O 304 42.89 -28.76 8.63
N LEU O 305 43.63 -28.09 9.53
CA LEU O 305 43.01 -27.07 10.36
C LEU O 305 42.49 -25.91 9.51
N GLN O 306 43.23 -25.55 8.46
CA GLN O 306 42.77 -24.49 7.56
C GLN O 306 41.48 -24.88 6.87
N THR O 307 41.37 -26.14 6.44
CA THR O 307 40.12 -26.59 5.83
C THR O 307 38.96 -26.49 6.82
N LEU O 308 39.18 -26.96 8.05
CA LEU O 308 38.10 -26.90 9.04
C LEU O 308 37.71 -25.46 9.35
N THR O 309 38.67 -24.54 9.43
CA THR O 309 38.34 -23.16 9.70
C THR O 309 37.64 -22.51 8.51
N GLN O 310 38.17 -22.72 7.30
CA GLN O 310 37.57 -22.19 6.08
C GLN O 310 36.16 -22.72 5.88
N LYS O 311 35.81 -23.86 6.48
CA LYS O 311 34.42 -24.28 6.45
C LYS O 311 33.48 -23.28 7.14
N TYR O 312 33.98 -22.17 7.68
CA TYR O 312 33.11 -21.02 7.93
C TYR O 312 32.35 -20.63 6.68
N SER O 313 33.04 -20.47 5.56
CA SER O 313 32.37 -20.10 4.32
C SER O 313 31.47 -21.20 3.80
N ASN O 314 31.57 -22.40 4.37
CA ASN O 314 30.71 -23.50 3.93
C ASN O 314 29.52 -23.70 4.86
N ALA O 315 29.61 -23.20 6.10
CA ALA O 315 28.52 -23.37 7.06
C ALA O 315 27.83 -22.06 7.38
N ASN O 316 28.56 -21.05 7.87
CA ASN O 316 27.91 -19.80 8.24
C ASN O 316 27.41 -19.05 7.01
N SER O 317 28.12 -19.16 5.89
CA SER O 317 27.70 -18.43 4.69
C SER O 317 26.32 -18.89 4.23
N LEU O 318 26.08 -20.20 4.22
CA LEU O 318 24.76 -20.67 3.85
C LEU O 318 23.76 -20.60 5.00
N TYR O 319 24.24 -20.57 6.26
CA TYR O 319 23.30 -20.39 7.36
C TYR O 319 22.74 -18.97 7.37
N ASP O 320 23.52 -18.01 6.87
CA ASP O 320 23.09 -16.62 6.83
C ASP O 320 21.86 -16.41 5.95
N ASN O 321 21.68 -17.20 4.90
CA ASN O 321 20.44 -17.15 4.13
C ASN O 321 19.56 -18.37 4.35
N LEU O 322 20.00 -19.33 5.16
CA LEU O 322 19.09 -20.35 5.67
C LEU O 322 18.23 -19.79 6.79
N VAL O 323 18.71 -18.79 7.53
CA VAL O 323 17.87 -18.14 8.52
C VAL O 323 16.74 -17.36 7.86
N LYS O 324 16.75 -17.23 6.53
CA LYS O 324 15.70 -16.58 5.78
C LYS O 324 14.43 -17.43 5.66
N VAL O 325 14.32 -18.52 6.42
CA VAL O 325 13.04 -19.24 6.52
C VAL O 325 12.01 -18.37 7.23
N LEU O 326 12.43 -17.25 7.81
CA LEU O 326 11.52 -16.32 8.48
C LEU O 326 10.56 -15.67 7.49
N SER O 327 10.85 -15.82 6.19
CA SER O 327 9.88 -15.43 5.18
C SER O 327 8.55 -16.15 5.38
N SER O 328 8.60 -17.37 5.94
CA SER O 328 7.36 -18.07 6.28
C SER O 328 6.56 -17.35 7.36
N THR O 329 7.18 -16.41 8.06
CA THR O 329 6.46 -15.57 9.02
C THR O 329 6.08 -14.23 8.39
N ILE O 330 7.04 -13.55 7.78
CA ILE O 330 6.76 -12.23 7.22
C ILE O 330 5.87 -12.34 6.00
N SER O 331 6.24 -13.19 5.03
CA SER O 331 5.46 -13.28 3.80
C SER O 331 4.11 -13.94 4.03
N SER O 332 3.96 -14.71 5.10
CA SER O 332 2.67 -15.23 5.50
C SER O 332 1.94 -14.30 6.45
N SER O 333 2.49 -13.12 6.70
CA SER O 333 1.81 -12.09 7.46
C SER O 333 1.24 -10.98 6.57
N LEU O 334 1.65 -10.93 5.31
CA LEU O 334 1.02 -10.03 4.35
C LEU O 334 -0.27 -10.60 3.79
N GLU O 335 -0.67 -11.78 4.24
CA GLU O 335 -1.93 -12.40 3.86
C GLU O 335 -3.12 -11.81 4.60
N THR O 336 -2.94 -10.64 5.22
CA THR O 336 -4.07 -9.98 5.88
C THR O 336 -5.15 -9.58 4.90
N ALA O 337 -4.84 -9.59 3.60
CA ALA O 337 -5.87 -9.40 2.59
C ALA O 337 -6.94 -10.48 2.67
N LYS O 338 -6.62 -11.65 3.21
CA LYS O 338 -7.62 -12.68 3.47
C LYS O 338 -8.66 -12.21 4.48
N SER O 339 -8.28 -11.31 5.38
CA SER O 339 -9.20 -10.67 6.31
C SER O 339 -9.23 -9.18 6.04
N PHE O 340 -8.95 -8.81 4.79
CA PHE O 340 -8.98 -7.43 4.33
C PHE O 340 -8.09 -6.52 5.18
N THR P 3 -71.53 0.42 25.29
CA THR P 3 -70.97 0.06 23.99
C THR P 3 -70.67 1.29 23.14
N PRO P 4 -69.55 1.27 22.43
CA PRO P 4 -69.21 2.41 21.57
C PRO P 4 -69.96 2.35 20.25
N TRP P 5 -70.56 3.49 19.88
CA TRP P 5 -71.24 3.58 18.59
C TRP P 5 -70.23 3.50 17.46
N SER P 6 -70.58 2.76 16.41
CA SER P 6 -69.70 2.55 15.27
C SER P 6 -70.44 2.99 14.01
N GLY P 7 -69.83 3.89 13.25
CA GLY P 7 -70.35 4.32 11.98
C GLY P 7 -69.93 3.40 10.86
N TYR P 8 -69.85 3.95 9.65
CA TYR P 8 -69.43 3.16 8.49
C TYR P 8 -67.93 3.31 8.24
N LEU P 9 -67.45 4.55 8.17
CA LEU P 9 -66.01 4.76 8.19
C LEU P 9 -65.41 4.20 9.47
N ASP P 10 -66.16 4.22 10.57
CA ASP P 10 -65.65 3.75 11.85
C ASP P 10 -65.36 2.25 11.80
N ASP P 11 -66.31 1.45 11.33
CA ASP P 11 -66.02 0.02 11.32
C ASP P 11 -65.17 -0.37 10.12
N VAL P 12 -65.05 0.50 9.11
CA VAL P 12 -64.00 0.27 8.11
C VAL P 12 -62.62 0.41 8.75
N SER P 13 -62.42 1.45 9.55
CA SER P 13 -61.16 1.58 10.29
C SER P 13 -60.97 0.41 11.24
N ALA P 14 -62.05 -0.02 11.90
CA ALA P 14 -61.98 -1.15 12.81
C ALA P 14 -61.60 -2.43 12.08
N LYS P 15 -62.07 -2.61 10.85
CA LYS P 15 -61.73 -3.83 10.14
C LYS P 15 -60.32 -3.79 9.57
N PHE P 16 -59.79 -2.60 9.24
CA PHE P 16 -58.34 -2.52 9.06
C PHE P 16 -57.60 -2.91 10.33
N ASP P 17 -58.06 -2.41 11.49
CA ASP P 17 -57.36 -2.69 12.74
C ASP P 17 -57.37 -4.17 13.05
N THR P 18 -58.50 -4.84 12.82
CA THR P 18 -58.58 -6.28 13.03
C THR P 18 -57.90 -7.07 11.92
N GLY P 19 -57.68 -6.46 10.75
CA GLY P 19 -56.96 -7.16 9.71
C GLY P 19 -55.53 -7.47 10.10
N VAL P 20 -54.84 -6.51 10.69
CA VAL P 20 -53.52 -6.73 11.28
C VAL P 20 -53.73 -7.06 12.76
N ASP P 21 -53.57 -8.34 13.11
CA ASP P 21 -53.96 -8.78 14.43
C ASP P 21 -53.10 -8.15 15.52
N ASN P 22 -51.77 -8.16 15.35
CA ASN P 22 -50.89 -7.64 16.39
C ASN P 22 -49.75 -6.85 15.79
N LEU P 23 -50.00 -6.12 14.71
CA LEU P 23 -48.93 -5.38 14.05
C LEU P 23 -48.39 -4.28 14.93
N GLN P 24 -49.27 -3.51 15.57
CA GLN P 24 -48.81 -2.42 16.43
C GLN P 24 -47.97 -2.94 17.59
N THR P 25 -48.41 -4.03 18.22
CA THR P 25 -47.58 -4.66 19.24
C THR P 25 -46.26 -5.11 18.63
N GLN P 26 -46.32 -5.92 17.57
CA GLN P 26 -45.11 -6.47 16.98
C GLN P 26 -44.08 -5.38 16.73
N VAL P 27 -44.49 -4.24 16.18
CA VAL P 27 -43.54 -3.16 15.98
C VAL P 27 -43.11 -2.55 17.31
N THR P 28 -43.98 -2.54 18.32
CA THR P 28 -43.60 -1.97 19.60
C THR P 28 -42.48 -2.76 20.26
N GLU P 29 -42.65 -4.07 20.44
CA GLU P 29 -41.53 -4.82 21.00
C GLU P 29 -40.38 -4.99 20.00
N ALA P 30 -40.62 -4.83 18.71
CA ALA P 30 -39.50 -4.78 17.79
C ALA P 30 -38.61 -3.58 18.08
N LEU P 31 -39.24 -2.42 18.29
CA LEU P 31 -38.49 -1.23 18.68
C LEU P 31 -37.84 -1.43 20.05
N ASP P 32 -38.52 -2.16 20.94
CA ASP P 32 -37.94 -2.45 22.25
C ASP P 32 -36.65 -3.25 22.12
N LYS P 33 -36.68 -4.34 21.35
CA LYS P 33 -35.48 -5.13 21.14
C LYS P 33 -34.40 -4.32 20.43
N LEU P 34 -34.80 -3.46 19.48
CA LEU P 34 -33.82 -2.61 18.81
C LEU P 34 -33.15 -1.67 19.79
N ALA P 35 -33.93 -1.06 20.68
CA ALA P 35 -33.36 -0.19 21.70
C ALA P 35 -32.45 -0.95 22.63
N ALA P 36 -32.75 -2.24 22.88
CA ALA P 36 -31.87 -3.06 23.70
C ALA P 36 -30.49 -3.19 23.06
N LYS P 37 -30.44 -3.41 21.74
CA LYS P 37 -29.18 -3.58 21.02
C LYS P 37 -29.31 -2.91 19.65
N PRO P 38 -29.02 -1.62 19.57
CA PRO P 38 -29.24 -0.89 18.31
C PRO P 38 -28.11 -1.03 17.32
N SER P 39 -27.62 -2.25 17.12
CA SER P 39 -26.69 -2.52 16.03
C SER P 39 -26.83 -3.92 15.44
N ASP P 40 -27.79 -4.72 15.88
CA ASP P 40 -27.98 -6.06 15.32
C ASP P 40 -28.54 -5.96 13.91
N PRO P 41 -27.84 -6.47 12.89
CA PRO P 41 -28.42 -6.44 11.54
C PRO P 41 -29.73 -7.19 11.43
N ALA P 42 -29.86 -8.32 12.15
CA ALA P 42 -31.09 -9.09 12.08
C ALA P 42 -32.26 -8.31 12.68
N LEU P 43 -32.06 -7.77 13.88
CA LEU P 43 -33.13 -6.98 14.51
C LEU P 43 -33.42 -5.72 13.71
N LEU P 44 -32.38 -5.09 13.15
CA LEU P 44 -32.61 -3.89 12.35
C LEU P 44 -33.44 -4.19 11.11
N ALA P 45 -33.13 -5.30 10.42
CA ALA P 45 -33.93 -5.67 9.25
C ALA P 45 -35.36 -6.03 9.63
N ALA P 46 -35.52 -6.79 10.72
CA ALA P 46 -36.87 -7.12 11.17
C ALA P 46 -37.65 -5.86 11.50
N TYR P 47 -37.00 -4.91 12.17
CA TYR P 47 -37.67 -3.68 12.55
C TYR P 47 -38.01 -2.81 11.35
N GLN P 48 -37.13 -2.74 10.34
CA GLN P 48 -37.47 -1.95 9.17
C GLN P 48 -38.65 -2.56 8.45
N SER P 49 -38.69 -3.89 8.35
CA SER P 49 -39.84 -4.54 7.74
C SER P 49 -41.12 -4.23 8.50
N LYS P 50 -41.08 -4.39 9.84
CA LYS P 50 -42.27 -4.15 10.64
C LYS P 50 -42.72 -2.70 10.55
N LEU P 51 -41.78 -1.75 10.59
CA LEU P 51 -42.15 -0.34 10.58
C LEU P 51 -42.66 0.10 9.22
N SER P 52 -42.06 -0.42 8.14
CA SER P 52 -42.60 -0.13 6.81
C SER P 52 -44.00 -0.69 6.65
N GLU P 53 -44.24 -1.90 7.15
CA GLU P 53 -45.58 -2.46 7.10
C GLU P 53 -46.55 -1.60 7.90
N TYR P 54 -46.12 -1.11 9.07
CA TYR P 54 -46.97 -0.24 9.87
C TYR P 54 -47.26 1.07 9.14
N ASN P 55 -46.26 1.64 8.48
CA ASN P 55 -46.46 2.89 7.73
C ASN P 55 -47.50 2.69 6.62
N LEU P 56 -47.34 1.61 5.86
CA LEU P 56 -48.31 1.35 4.79
C LEU P 56 -49.70 1.10 5.36
N TYR P 57 -49.79 0.34 6.46
CA TYR P 57 -51.09 0.09 7.07
C TYR P 57 -51.76 1.39 7.51
N ARG P 58 -50.99 2.27 8.17
CA ARG P 58 -51.58 3.50 8.69
C ARG P 58 -52.01 4.44 7.57
N ASN P 59 -51.14 4.68 6.59
CA ASN P 59 -51.53 5.63 5.57
C ASN P 59 -52.56 5.04 4.61
N ALA P 60 -52.63 3.71 4.49
CA ALA P 60 -53.73 3.08 3.78
C ALA P 60 -55.04 3.32 4.52
N GLN P 61 -55.05 3.15 5.84
CA GLN P 61 -56.23 3.51 6.63
C GLN P 61 -56.64 4.94 6.34
N SER P 62 -55.69 5.87 6.39
CA SER P 62 -55.99 7.28 6.21
C SER P 62 -56.60 7.53 4.83
N ASN P 63 -55.99 6.99 3.78
CA ASN P 63 -56.49 7.24 2.43
C ASN P 63 -57.85 6.61 2.20
N THR P 64 -58.07 5.40 2.72
CA THR P 64 -59.37 4.77 2.55
C THR P 64 -60.46 5.52 3.30
N VAL P 65 -60.20 5.95 4.53
CA VAL P 65 -61.23 6.69 5.24
C VAL P 65 -61.49 8.03 4.55
N LYS P 66 -60.44 8.65 4.00
CA LYS P 66 -60.66 9.88 3.23
C LYS P 66 -61.52 9.67 2.00
N VAL P 67 -61.26 8.63 1.21
CA VAL P 67 -62.05 8.44 0.00
C VAL P 67 -63.49 8.09 0.37
N PHE P 68 -63.67 7.34 1.46
CA PHE P 68 -65.04 7.01 1.88
C PHE P 68 -65.78 8.25 2.39
N LYS P 69 -65.10 9.11 3.14
CA LYS P 69 -65.69 10.38 3.54
C LYS P 69 -66.00 11.25 2.34
N ASP P 70 -65.15 11.23 1.32
CA ASP P 70 -65.42 12.00 0.11
C ASP P 70 -66.67 11.50 -0.59
N ILE P 71 -66.83 10.18 -0.67
CA ILE P 71 -68.04 9.60 -1.26
C ILE P 71 -69.27 10.02 -0.46
N ASP P 72 -69.15 9.97 0.88
CA ASP P 72 -70.27 10.36 1.72
C ASP P 72 -70.63 11.83 1.53
N ALA P 73 -69.63 12.71 1.46
CA ALA P 73 -69.91 14.11 1.22
C ALA P 73 -70.54 14.33 -0.14
N ALA P 74 -70.06 13.61 -1.16
CA ALA P 74 -70.63 13.75 -2.49
C ALA P 74 -72.09 13.36 -2.51
N ILE P 75 -72.44 12.26 -1.85
CA ILE P 75 -73.85 11.85 -1.83
C ILE P 75 -74.66 12.80 -0.97
N ILE P 76 -74.05 13.41 0.04
CA ILE P 76 -74.78 14.33 0.92
C ILE P 76 -75.16 15.61 0.18
N GLN P 77 -74.19 16.21 -0.53
CA GLN P 77 -74.48 17.51 -1.15
C GLN P 77 -75.55 17.44 -2.24
N ASN P 78 -75.89 16.24 -2.72
CA ASN P 78 -76.96 16.14 -3.71
C ASN P 78 -78.35 16.25 -3.09
N PHE P 79 -78.47 16.14 -1.78
CA PHE P 79 -79.77 16.30 -1.14
C PHE P 79 -80.28 17.74 -1.28
N ARG P 80 -79.38 18.71 -1.10
CA ARG P 80 -79.76 20.12 -1.24
C ARG P 80 -79.69 20.56 -2.70
N THR Q 3 -81.96 8.24 -39.17
CA THR Q 3 -81.36 9.45 -38.63
C THR Q 3 -82.01 9.83 -37.30
N PRO Q 4 -81.32 9.53 -36.20
CA PRO Q 4 -81.86 9.88 -34.89
C PRO Q 4 -81.90 11.39 -34.68
N TRP Q 5 -82.87 11.83 -33.90
CA TRP Q 5 -83.01 13.24 -33.57
C TRP Q 5 -81.98 13.62 -32.51
N SER Q 6 -81.17 14.63 -32.83
CA SER Q 6 -80.10 15.09 -31.96
C SER Q 6 -80.35 16.54 -31.56
N GLY Q 7 -80.25 16.81 -30.26
CA GLY Q 7 -80.41 18.16 -29.76
C GLY Q 7 -79.20 19.02 -30.00
N TYR Q 8 -79.31 20.28 -29.56
CA TYR Q 8 -78.20 21.22 -29.74
C TYR Q 8 -76.97 20.75 -28.96
N LEU Q 9 -77.19 20.25 -27.74
CA LEU Q 9 -76.08 19.69 -26.97
C LEU Q 9 -75.44 18.52 -27.70
N ASP Q 10 -76.27 17.62 -28.25
CA ASP Q 10 -75.73 16.52 -29.04
C ASP Q 10 -75.05 17.03 -30.30
N ASP Q 11 -75.53 18.16 -30.84
CA ASP Q 11 -74.86 18.76 -32.00
C ASP Q 11 -73.46 19.24 -31.63
N VAL Q 12 -73.31 19.85 -30.46
CA VAL Q 12 -71.98 20.28 -30.02
C VAL Q 12 -71.09 19.07 -29.74
N SER Q 13 -71.65 18.02 -29.16
CA SER Q 13 -70.89 16.79 -28.94
C SER Q 13 -70.41 16.20 -30.26
N ALA Q 14 -71.27 16.21 -31.27
CA ALA Q 14 -70.88 15.73 -32.59
C ALA Q 14 -69.85 16.65 -33.23
N LYS Q 15 -69.93 17.95 -32.95
CA LYS Q 15 -68.92 18.87 -33.45
C LYS Q 15 -67.55 18.54 -32.88
N PHE Q 16 -67.49 18.28 -31.57
CA PHE Q 16 -66.22 17.88 -30.97
C PHE Q 16 -65.77 16.51 -31.46
N ASP Q 17 -66.73 15.61 -31.73
CA ASP Q 17 -66.39 14.31 -32.31
C ASP Q 17 -65.73 14.48 -33.67
N THR Q 18 -66.28 15.36 -34.51
CA THR Q 18 -65.67 15.63 -35.81
C THR Q 18 -64.40 16.46 -35.70
N GLY Q 19 -64.19 17.13 -34.58
CA GLY Q 19 -62.97 17.90 -34.41
C GLY Q 19 -61.73 17.03 -34.48
N VAL Q 20 -61.78 15.85 -33.87
CA VAL Q 20 -60.70 14.88 -33.98
C VAL Q 20 -61.13 13.79 -34.97
N ASP Q 21 -60.14 13.06 -35.46
CA ASP Q 21 -60.41 12.01 -36.44
C ASP Q 21 -60.60 10.66 -35.76
N ASN Q 22 -59.56 10.16 -35.09
CA ASN Q 22 -59.61 8.84 -34.48
C ASN Q 22 -58.96 8.81 -33.09
N LEU Q 23 -59.05 9.90 -32.34
CA LEU Q 23 -58.45 9.95 -31.01
C LEU Q 23 -59.07 8.89 -30.10
N GLN Q 24 -60.38 8.64 -30.25
CA GLN Q 24 -61.03 7.61 -29.44
C GLN Q 24 -60.41 6.25 -29.67
N THR Q 25 -59.86 6.01 -30.86
CA THR Q 25 -59.09 4.79 -31.13
C THR Q 25 -57.59 4.99 -30.99
N GLN Q 26 -57.11 6.24 -31.12
CA GLN Q 26 -55.69 6.50 -30.88
C GLN Q 26 -55.32 6.18 -29.45
N VAL Q 27 -56.17 6.56 -28.49
CA VAL Q 27 -55.87 6.25 -27.10
C VAL Q 27 -55.83 4.73 -26.89
N THR Q 28 -56.73 4.00 -27.55
CA THR Q 28 -56.75 2.55 -27.41
C THR Q 28 -55.49 1.92 -27.97
N GLU Q 29 -55.07 2.35 -29.17
CA GLU Q 29 -53.88 1.73 -29.75
C GLU Q 29 -52.62 2.14 -29.01
N ALA Q 30 -52.58 3.37 -28.49
CA ALA Q 30 -51.45 3.78 -27.66
C ALA Q 30 -51.39 2.94 -26.38
N LEU Q 31 -52.54 2.69 -25.76
CA LEU Q 31 -52.55 1.84 -24.58
C LEU Q 31 -52.12 0.42 -24.91
N ASP Q 32 -52.52 -0.08 -26.08
CA ASP Q 32 -52.09 -1.41 -26.50
C ASP Q 32 -50.58 -1.48 -26.64
N LYS Q 33 -50.00 -0.51 -27.36
CA LYS Q 33 -48.55 -0.51 -27.56
C LYS Q 33 -47.82 -0.35 -26.24
N LEU Q 34 -48.37 0.46 -25.32
CA LEU Q 34 -47.77 0.61 -24.01
C LEU Q 34 -47.82 -0.69 -23.21
N ALA Q 35 -48.96 -1.38 -23.23
CA ALA Q 35 -49.06 -2.66 -22.54
C ALA Q 35 -48.14 -3.70 -23.14
N ALA Q 36 -47.82 -3.55 -24.43
CA ALA Q 36 -46.86 -4.46 -25.05
C ALA Q 36 -45.50 -4.37 -24.38
N LYS Q 37 -44.99 -3.14 -24.18
CA LYS Q 37 -43.70 -2.91 -23.54
C LYS Q 37 -43.81 -1.65 -22.70
N PRO Q 38 -44.27 -1.77 -21.44
CA PRO Q 38 -44.45 -0.59 -20.58
C PRO Q 38 -43.16 -0.08 -19.94
N SER Q 39 -42.09 -0.08 -20.71
CA SER Q 39 -40.85 0.52 -20.22
C SER Q 39 -40.10 1.31 -21.28
N ASP Q 40 -40.64 1.46 -22.49
CA ASP Q 40 -39.96 2.22 -23.53
C ASP Q 40 -40.33 3.69 -23.40
N PRO Q 41 -39.36 4.57 -23.12
CA PRO Q 41 -39.72 5.97 -22.86
C PRO Q 41 -40.45 6.64 -24.02
N ALA Q 42 -40.15 6.26 -25.26
CA ALA Q 42 -40.88 6.83 -26.39
C ALA Q 42 -42.35 6.44 -26.33
N LEU Q 43 -42.63 5.17 -26.01
CA LEU Q 43 -44.02 4.74 -25.89
C LEU Q 43 -44.71 5.45 -24.74
N LEU Q 44 -44.02 5.61 -23.61
CA LEU Q 44 -44.61 6.34 -22.49
C LEU Q 44 -44.93 7.78 -22.87
N ALA Q 45 -44.02 8.44 -23.60
CA ALA Q 45 -44.27 9.82 -24.00
C ALA Q 45 -45.46 9.91 -24.96
N ALA Q 46 -45.53 9.00 -25.93
CA ALA Q 46 -46.65 9.01 -26.86
C ALA Q 46 -47.96 8.76 -26.13
N TYR Q 47 -47.97 7.81 -25.20
CA TYR Q 47 -49.18 7.53 -24.43
C TYR Q 47 -49.56 8.72 -23.56
N GLN Q 48 -48.58 9.40 -22.98
CA GLN Q 48 -48.86 10.60 -22.20
C GLN Q 48 -49.51 11.67 -23.06
N SER Q 49 -48.97 11.88 -24.27
CA SER Q 49 -49.56 12.87 -25.16
C SER Q 49 -50.99 12.53 -25.51
N LYS Q 50 -51.24 11.28 -25.90
CA LYS Q 50 -52.58 10.88 -26.30
C LYS Q 50 -53.55 10.95 -25.11
N LEU Q 51 -53.09 10.52 -23.93
CA LEU Q 51 -53.94 10.57 -22.74
C LEU Q 51 -54.28 12.01 -22.36
N SER Q 52 -53.30 12.91 -22.43
CA SER Q 52 -53.59 14.31 -22.12
C SER Q 52 -54.55 14.90 -23.13
N GLU Q 53 -54.39 14.54 -24.41
CA GLU Q 53 -55.36 14.99 -25.40
C GLU Q 53 -56.76 14.47 -25.11
N TYR Q 54 -56.87 13.20 -24.71
CA TYR Q 54 -58.18 12.68 -24.33
C TYR Q 54 -58.74 13.42 -23.13
N ASN Q 55 -57.89 13.72 -22.14
CA ASN Q 55 -58.33 14.48 -20.98
C ASN Q 55 -58.93 15.81 -21.38
N LEU Q 56 -58.18 16.59 -22.16
CA LEU Q 56 -58.64 17.93 -22.50
C LEU Q 56 -59.85 17.87 -23.44
N TYR Q 57 -59.90 16.87 -24.32
CA TYR Q 57 -61.04 16.69 -25.21
C TYR Q 57 -62.32 16.42 -24.43
N ARG Q 58 -62.29 15.43 -23.54
CA ARG Q 58 -63.50 15.08 -22.80
C ARG Q 58 -63.88 16.20 -21.83
N ASN Q 59 -62.88 16.87 -21.25
CA ASN Q 59 -63.17 18.03 -20.40
C ASN Q 59 -63.82 19.15 -21.21
N ALA Q 60 -63.38 19.36 -22.44
CA ALA Q 60 -63.99 20.38 -23.28
C ALA Q 60 -65.43 20.04 -23.60
N GLN Q 61 -65.70 18.78 -23.92
CA GLN Q 61 -67.09 18.39 -24.14
C GLN Q 61 -67.93 18.65 -22.90
N SER Q 62 -67.45 18.23 -21.73
CA SER Q 62 -68.22 18.41 -20.51
C SER Q 62 -68.47 19.88 -20.23
N ASN Q 63 -67.43 20.72 -20.36
CA ASN Q 63 -67.57 22.14 -20.06
C ASN Q 63 -68.54 22.82 -21.02
N THR Q 64 -68.41 22.53 -22.33
CA THR Q 64 -69.30 23.14 -23.30
C THR Q 64 -70.74 22.72 -23.08
N VAL Q 65 -70.97 21.43 -22.81
CA VAL Q 65 -72.33 20.98 -22.55
C VAL Q 65 -72.89 21.63 -21.30
N LYS Q 66 -72.09 21.74 -20.23
CA LYS Q 66 -72.59 22.35 -19.00
C LYS Q 66 -72.92 23.81 -19.20
N VAL Q 67 -72.07 24.55 -19.91
CA VAL Q 67 -72.33 25.99 -20.08
C VAL Q 67 -73.53 26.20 -21.00
N PHE Q 68 -73.69 25.38 -22.04
CA PHE Q 68 -74.86 25.51 -22.89
C PHE Q 68 -76.13 25.15 -22.13
N LYS Q 69 -76.07 24.13 -21.28
CA LYS Q 69 -77.22 23.79 -20.44
C LYS Q 69 -77.55 24.94 -19.48
N ASP Q 70 -76.55 25.58 -18.91
CA ASP Q 70 -76.80 26.73 -18.05
C ASP Q 70 -77.47 27.86 -18.81
N ILE Q 71 -76.99 28.14 -20.03
CA ILE Q 71 -77.58 29.20 -20.83
C ILE Q 71 -79.04 28.88 -21.16
N ASP Q 72 -79.31 27.64 -21.55
CA ASP Q 72 -80.68 27.26 -21.88
C ASP Q 72 -81.57 27.25 -20.64
N ALA Q 73 -81.03 26.91 -19.48
CA ALA Q 73 -81.79 27.02 -18.24
C ALA Q 73 -82.12 28.48 -17.93
N ALA Q 74 -81.17 29.38 -18.18
CA ALA Q 74 -81.46 30.80 -18.02
C ALA Q 74 -82.56 31.25 -18.97
N ILE Q 75 -82.52 30.76 -20.21
CA ILE Q 75 -83.56 31.13 -21.18
C ILE Q 75 -84.93 30.62 -20.72
N ILE Q 76 -85.00 29.36 -20.30
CA ILE Q 76 -86.28 28.79 -19.87
C ILE Q 76 -86.76 29.48 -18.59
N GLN Q 77 -85.84 29.97 -17.76
CA GLN Q 77 -86.23 30.73 -16.59
C GLN Q 77 -86.75 32.11 -16.95
N ASN Q 78 -86.22 32.70 -18.02
CA ASN Q 78 -86.61 34.05 -18.43
C ASN Q 78 -87.82 34.07 -19.34
N PHE Q 79 -88.40 32.92 -19.66
CA PHE Q 79 -89.61 32.90 -20.48
C PHE Q 79 -90.79 33.54 -19.75
N ARG Q 80 -90.89 33.32 -18.43
CA ARG Q 80 -91.99 33.88 -17.65
C ARG Q 80 -91.95 35.40 -17.65
N ILE R 129 4.62 -23.18 -21.68
CA ILE R 129 4.96 -21.80 -21.37
C ILE R 129 4.25 -21.35 -20.09
N SER R 130 4.90 -21.54 -18.95
CA SER R 130 4.39 -21.06 -17.68
C SER R 130 5.56 -20.81 -16.73
N ASP R 131 5.23 -20.36 -15.53
CA ASP R 131 6.22 -19.86 -14.58
C ASP R 131 6.55 -20.85 -13.47
N ALA R 132 5.63 -21.77 -13.14
CA ALA R 132 5.97 -22.80 -12.16
C ALA R 132 7.13 -23.65 -12.66
N GLU R 133 7.15 -23.96 -13.94
CA GLU R 133 8.25 -24.77 -14.47
C GLU R 133 9.55 -23.98 -14.49
N ILE R 134 9.51 -22.66 -14.68
CA ILE R 134 10.78 -21.91 -14.66
C ILE R 134 11.31 -21.84 -13.24
N TRP R 135 10.42 -21.71 -12.25
CA TRP R 135 10.87 -21.86 -10.86
C TRP R 135 11.47 -23.24 -10.63
N ASP R 136 10.85 -24.29 -11.18
CA ASP R 136 11.39 -25.63 -11.02
C ASP R 136 12.77 -25.76 -11.66
N MET R 137 12.96 -25.17 -12.85
CA MET R 137 14.26 -25.25 -13.50
C MET R 137 15.30 -24.44 -12.75
N VAL R 138 14.91 -23.34 -12.12
CA VAL R 138 15.86 -22.62 -11.26
C VAL R 138 16.27 -23.49 -10.08
N SER R 139 15.28 -24.10 -9.42
CA SER R 139 15.58 -24.92 -8.25
C SER R 139 16.34 -26.19 -8.63
N GLN R 140 16.27 -26.58 -9.89
CA GLN R 140 17.00 -27.74 -10.38
C GLN R 140 18.42 -27.38 -10.84
N ASN R 141 18.58 -26.24 -11.50
CA ASN R 141 19.89 -25.85 -12.00
C ASN R 141 20.77 -25.28 -10.90
N ILE R 142 20.17 -24.79 -9.81
CA ILE R 142 20.99 -24.38 -8.68
C ILE R 142 21.70 -25.57 -8.06
N SER R 143 21.15 -26.77 -8.23
CA SER R 143 21.79 -28.00 -7.78
C SER R 143 22.53 -28.75 -8.89
N ALA R 144 22.17 -28.51 -10.15
CA ALA R 144 22.85 -29.18 -11.24
C ALA R 144 24.32 -28.81 -11.31
N ILE R 145 24.67 -27.63 -10.79
CA ILE R 145 26.07 -27.20 -10.74
C ILE R 145 26.70 -27.47 -9.38
N GLY R 146 25.92 -27.85 -8.38
CA GLY R 146 26.50 -28.19 -7.10
C GLY R 146 27.41 -29.40 -7.18
N ASP R 147 26.96 -30.45 -7.86
CA ASP R 147 27.75 -31.65 -8.07
C ASP R 147 28.50 -31.65 -9.39
N SER R 148 28.35 -30.62 -10.22
CA SER R 148 29.05 -30.52 -11.48
C SER R 148 30.08 -29.41 -11.52
N TYR R 149 29.94 -28.38 -10.70
CA TYR R 149 30.90 -27.28 -10.65
C TYR R 149 31.65 -27.25 -9.32
N LEU R 150 30.93 -27.17 -8.19
CA LEU R 150 31.62 -27.09 -6.90
C LEU R 150 32.05 -28.47 -6.42
N GLY R 151 31.26 -29.51 -6.70
CA GLY R 151 31.64 -30.85 -6.29
C GLY R 151 32.91 -31.32 -6.98
N VAL R 152 33.11 -30.92 -8.23
CA VAL R 152 34.36 -31.23 -8.92
C VAL R 152 35.53 -30.62 -8.18
N TYR R 153 35.40 -29.34 -7.79
CA TYR R 153 36.45 -28.71 -7.01
C TYR R 153 36.67 -29.44 -5.70
N GLU R 154 35.59 -29.92 -5.08
CA GLU R 154 35.70 -30.64 -3.82
C GLU R 154 36.54 -31.90 -3.97
N ASN R 155 36.22 -32.74 -4.96
CA ASN R 155 36.99 -33.98 -5.07
C ASN R 155 38.40 -33.71 -5.57
N VAL R 156 38.60 -32.67 -6.39
CA VAL R 156 39.95 -32.29 -6.78
C VAL R 156 40.79 -31.97 -5.56
N VAL R 157 40.25 -31.12 -4.67
CA VAL R 157 40.99 -30.75 -3.46
C VAL R 157 41.26 -31.98 -2.61
N ALA R 158 40.25 -32.85 -2.45
CA ALA R 158 40.42 -34.03 -1.60
C ALA R 158 41.49 -34.95 -2.15
N VAL R 159 41.44 -35.26 -3.46
CA VAL R 159 42.38 -36.21 -4.03
C VAL R 159 43.79 -35.63 -4.04
N TYR R 160 43.92 -34.32 -4.26
CA TYR R 160 45.26 -33.73 -4.29
C TYR R 160 45.85 -33.65 -2.89
N THR R 161 45.01 -33.41 -1.88
CA THR R 161 45.48 -33.45 -0.51
C THR R 161 45.91 -34.85 -0.12
N ASP R 162 45.18 -35.87 -0.55
CA ASP R 162 45.60 -37.25 -0.28
C ASP R 162 46.93 -37.55 -0.99
N PHE R 163 47.08 -37.08 -2.23
CA PHE R 163 48.34 -37.16 -2.93
C PHE R 163 49.47 -36.58 -2.10
N TYR R 164 49.28 -35.36 -1.59
CA TYR R 164 50.33 -34.71 -0.84
C TYR R 164 50.61 -35.42 0.48
N GLN R 165 49.58 -35.98 1.10
CA GLN R 165 49.78 -36.75 2.32
C GLN R 165 50.65 -37.98 2.05
N ALA R 166 50.37 -38.69 0.97
CA ALA R 166 51.19 -39.84 0.61
C ALA R 166 52.63 -39.43 0.30
N PHE R 167 52.80 -38.31 -0.41
CA PHE R 167 54.15 -37.84 -0.72
C PHE R 167 54.89 -37.46 0.55
N SER R 168 54.20 -36.83 1.51
CA SER R 168 54.82 -36.50 2.79
C SER R 168 55.19 -37.76 3.57
N ASP R 169 54.36 -38.81 3.48
CA ASP R 169 54.72 -40.08 4.11
C ASP R 169 56.00 -40.64 3.50
N ILE R 170 56.11 -40.59 2.17
CA ILE R 170 57.33 -41.05 1.51
C ILE R 170 58.53 -40.24 1.95
N LEU R 171 58.36 -38.92 2.05
CA LEU R 171 59.44 -38.07 2.51
C LEU R 171 59.87 -38.41 3.94
N SER R 172 58.91 -38.64 4.82
CA SER R 172 59.24 -39.01 6.20
C SER R 172 59.96 -40.35 6.24
N LYS R 173 59.51 -41.32 5.44
CA LYS R 173 60.18 -42.62 5.42
C LYS R 173 61.59 -42.51 4.85
N MET R 174 61.82 -41.57 3.95
CA MET R 174 63.15 -41.37 3.37
C MET R 174 64.18 -40.93 4.38
N GLY R 175 63.77 -40.33 5.50
CA GLY R 175 64.72 -39.72 6.42
C GLY R 175 65.74 -40.70 6.95
N GLY R 176 65.30 -41.87 7.40
CA GLY R 176 66.20 -42.80 8.03
C GLY R 176 66.98 -43.69 7.07
N TRP R 177 67.46 -43.10 5.98
CA TRP R 177 68.19 -43.83 4.95
C TRP R 177 69.52 -43.15 4.64
N LEU R 178 70.16 -42.61 5.68
CA LEU R 178 71.38 -41.83 5.50
C LEU R 178 72.42 -42.28 6.53
N LEU R 179 73.67 -42.33 6.10
CA LEU R 179 74.76 -42.74 6.99
C LEU R 179 76.04 -42.00 6.62
N PRO R 180 76.83 -41.55 7.59
CA PRO R 180 78.09 -40.89 7.27
C PRO R 180 79.12 -41.88 6.77
N GLY R 181 79.76 -41.54 5.64
CA GLY R 181 80.77 -42.38 5.03
C GLY R 181 82.14 -41.74 5.12
N LYS R 182 83.15 -42.57 5.41
CA LYS R 182 84.54 -42.15 5.60
C LYS R 182 84.69 -41.15 6.75
N ASP R 183 83.65 -41.01 7.57
CA ASP R 183 83.66 -40.12 8.73
C ASP R 183 84.06 -38.71 8.34
N GLY R 184 83.53 -38.25 7.21
CA GLY R 184 83.83 -36.93 6.69
C GLY R 184 82.61 -36.32 6.04
N ASN R 185 82.84 -35.56 4.97
CA ASN R 185 81.75 -34.89 4.28
C ASN R 185 80.85 -35.86 3.53
N THR R 186 81.32 -37.07 3.26
CA THR R 186 80.53 -38.02 2.49
C THR R 186 79.35 -38.54 3.31
N VAL R 187 78.17 -38.55 2.69
CA VAL R 187 76.98 -39.14 3.30
C VAL R 187 76.33 -40.04 2.25
N LYS R 188 76.08 -41.30 2.63
CA LYS R 188 75.45 -42.22 1.69
C LYS R 188 74.01 -41.78 1.42
N LEU R 189 73.60 -41.93 0.17
CA LEU R 189 72.24 -41.67 -0.26
C LEU R 189 71.60 -42.97 -0.72
N ASP R 190 70.43 -43.29 -0.19
CA ASP R 190 69.74 -44.53 -0.53
C ASP R 190 68.95 -44.30 -1.82
N VAL R 191 69.60 -44.47 -2.96
CA VAL R 191 68.98 -44.25 -4.26
C VAL R 191 67.93 -45.32 -4.57
N THR R 192 68.25 -46.59 -4.29
CA THR R 192 67.38 -47.67 -4.72
C THR R 192 66.04 -47.64 -4.00
N SER R 193 66.02 -47.31 -2.71
CA SER R 193 64.77 -47.28 -1.97
C SER R 193 63.86 -46.15 -2.47
N LEU R 194 64.43 -44.96 -2.67
CA LEU R 194 63.66 -43.86 -3.23
C LEU R 194 63.13 -44.20 -4.61
N LYS R 195 63.98 -44.79 -5.45
CA LYS R 195 63.54 -45.13 -6.80
C LYS R 195 62.40 -46.13 -6.76
N ASN R 196 62.51 -47.16 -5.92
CA ASN R 196 61.45 -48.16 -5.83
C ASN R 196 60.16 -47.55 -5.32
N ASP R 197 60.25 -46.72 -4.26
CA ASP R 197 59.04 -46.14 -3.68
C ASP R 197 58.36 -45.19 -4.64
N LEU R 198 59.14 -44.34 -5.33
CA LEU R 198 58.55 -43.40 -6.26
C LEU R 198 58.01 -44.10 -7.50
N ASN R 199 58.66 -45.18 -7.94
CA ASN R 199 58.12 -45.98 -9.03
C ASN R 199 56.79 -46.61 -8.63
N SER R 200 56.70 -47.11 -7.40
CA SER R 200 55.45 -47.67 -6.92
C SER R 200 54.36 -46.61 -6.83
N LEU R 201 54.71 -45.41 -6.37
CA LEU R 201 53.75 -44.32 -6.33
C LEU R 201 53.26 -43.95 -7.73
N VAL R 202 54.18 -43.87 -8.68
CA VAL R 202 53.80 -43.57 -10.06
C VAL R 202 52.87 -44.64 -10.60
N ASN R 203 53.20 -45.92 -10.35
CA ASN R 203 52.38 -47.01 -10.85
C ASN R 203 50.99 -46.98 -10.24
N LYS R 204 50.88 -46.73 -8.93
CA LYS R 204 49.57 -46.81 -8.31
C LYS R 204 48.72 -45.57 -8.57
N TYR R 205 49.35 -44.42 -8.81
CA TYR R 205 48.61 -43.21 -9.18
C TYR R 205 48.52 -42.99 -10.68
N ASN R 206 48.98 -43.94 -11.50
CA ASN R 206 48.77 -43.86 -12.93
C ASN R 206 47.43 -44.45 -13.36
N GLN R 207 46.67 -45.02 -12.43
CA GLN R 207 45.40 -45.66 -12.74
C GLN R 207 44.26 -44.63 -12.67
N ILE R 208 43.04 -45.12 -12.88
CA ILE R 208 41.84 -44.29 -12.88
C ILE R 208 40.86 -44.93 -11.91
N ASN R 209 40.81 -44.41 -10.68
CA ASN R 209 39.88 -44.91 -9.67
C ASN R 209 39.46 -43.74 -8.79
N SER R 210 38.74 -44.04 -7.70
CA SER R 210 38.19 -42.99 -6.86
C SER R 210 39.29 -42.19 -6.15
N ASN R 211 40.48 -42.75 -6.01
CA ASN R 211 41.58 -42.10 -5.32
C ASN R 211 42.58 -41.52 -6.31
N THR R 212 42.37 -41.70 -7.61
CA THR R 212 43.29 -41.20 -8.61
C THR R 212 42.56 -40.50 -9.76
N VAL R 213 41.40 -39.92 -9.48
CA VAL R 213 40.62 -39.24 -10.52
C VAL R 213 40.36 -37.81 -10.08
N LEU R 214 40.23 -36.92 -11.07
CA LEU R 214 39.97 -35.51 -10.85
C LEU R 214 38.63 -35.08 -11.45
N PHE R 215 38.27 -35.66 -12.59
CA PHE R 215 37.12 -35.34 -13.41
C PHE R 215 36.52 -36.66 -13.90
N PRO R 216 35.19 -36.81 -13.97
CA PRO R 216 34.01 -35.97 -13.76
C PRO R 216 33.34 -36.15 -12.40
N ALA R 217 34.12 -36.10 -11.32
CA ALA R 217 33.60 -36.22 -9.96
C ALA R 217 33.00 -37.59 -9.71
N GLN R 218 33.80 -38.63 -9.90
CA GLN R 218 33.34 -39.99 -9.68
C GLN R 218 33.17 -40.27 -8.19
N SER R 219 32.02 -40.84 -7.83
CA SER R 219 31.75 -41.22 -6.45
C SER R 219 30.72 -42.34 -6.46
N GLY R 220 30.78 -43.17 -5.43
CA GLY R 220 29.87 -44.30 -5.30
C GLY R 220 30.37 -45.58 -5.92
N SER R 221 30.35 -45.67 -7.25
CA SER R 221 30.75 -46.89 -7.93
C SER R 221 31.13 -46.58 -9.36
N GLY R 222 31.99 -47.43 -9.92
CA GLY R 222 32.40 -47.30 -11.31
C GLY R 222 33.30 -46.09 -11.53
N VAL R 223 33.46 -45.77 -12.81
CA VAL R 223 34.15 -44.56 -13.25
C VAL R 223 33.34 -43.92 -14.37
N LYS R 224 32.99 -42.64 -14.20
CA LYS R 224 32.14 -41.96 -15.17
C LYS R 224 32.98 -41.41 -16.30
N VAL R 225 32.45 -41.51 -17.52
CA VAL R 225 33.15 -41.02 -18.70
C VAL R 225 32.93 -39.52 -18.86
N ALA R 226 33.72 -38.91 -19.74
CA ALA R 226 33.54 -37.51 -20.09
C ALA R 226 34.06 -37.29 -21.50
N THR R 227 33.53 -36.28 -22.17
CA THR R 227 33.98 -35.91 -23.50
C THR R 227 35.13 -34.91 -23.41
N GLU R 228 35.83 -34.74 -24.53
CA GLU R 228 37.05 -33.95 -24.52
C GLU R 228 36.78 -32.45 -24.40
N ALA R 229 35.60 -31.99 -24.83
CA ALA R 229 35.35 -30.56 -24.85
C ALA R 229 35.37 -29.96 -23.44
N GLU R 230 34.61 -30.55 -22.52
CA GLU R 230 34.61 -30.05 -21.15
C GLU R 230 35.93 -30.31 -20.47
N ALA R 231 36.63 -31.38 -20.84
CA ALA R 231 37.97 -31.61 -20.30
C ALA R 231 38.91 -30.47 -20.66
N ARG R 232 38.89 -30.04 -21.93
CA ARG R 232 39.72 -28.92 -22.34
C ARG R 232 39.29 -27.63 -21.64
N GLN R 233 37.97 -27.37 -21.57
CA GLN R 233 37.52 -26.14 -20.95
C GLN R 233 37.79 -26.12 -19.46
N TRP R 234 37.98 -27.29 -18.84
CA TRP R 234 38.40 -27.34 -17.44
C TRP R 234 39.90 -27.15 -17.29
N LEU R 235 40.70 -27.91 -18.05
CA LEU R 235 42.15 -27.80 -17.92
C LEU R 235 42.65 -26.41 -18.29
N SER R 236 41.90 -25.68 -19.14
CA SER R 236 42.30 -24.31 -19.45
C SER R 236 42.27 -23.44 -18.19
N GLU R 237 41.29 -23.65 -17.32
CA GLU R 237 41.19 -22.88 -16.10
C GLU R 237 42.03 -23.43 -14.97
N LEU R 238 42.19 -24.76 -14.89
CA LEU R 238 43.03 -25.35 -13.86
C LEU R 238 44.50 -24.99 -14.03
N ASN R 239 44.90 -24.52 -15.21
CA ASN R 239 46.29 -24.16 -15.49
C ASN R 239 47.22 -25.35 -15.25
N LEU R 240 47.01 -26.40 -16.04
CA LEU R 240 47.74 -27.65 -15.91
C LEU R 240 48.34 -28.04 -17.24
N PRO R 241 49.42 -28.81 -17.24
CA PRO R 241 50.01 -29.27 -18.50
C PRO R 241 49.08 -30.21 -19.25
N ASN R 242 49.29 -30.28 -20.57
CA ASN R 242 48.45 -31.09 -21.43
C ASN R 242 48.51 -32.56 -21.05
N SER R 243 49.68 -33.06 -20.65
CA SER R 243 49.89 -34.48 -20.41
C SER R 243 49.23 -34.89 -19.09
N CYS R 244 47.91 -34.70 -19.04
CA CYS R 244 47.12 -35.13 -17.91
C CYS R 244 45.80 -35.76 -18.31
N LEU R 245 45.47 -35.82 -19.60
CA LEU R 245 44.19 -36.32 -20.08
C LEU R 245 44.37 -37.74 -20.60
N LYS R 246 43.60 -38.68 -20.05
CA LYS R 246 43.67 -40.06 -20.47
C LYS R 246 42.29 -40.55 -20.87
N SER R 247 42.25 -41.66 -21.59
CA SER R 247 41.02 -42.27 -22.04
C SER R 247 40.79 -43.57 -21.29
N TYR R 248 39.66 -43.67 -20.61
CA TYR R 248 39.30 -44.88 -19.86
C TYR R 248 38.37 -45.76 -20.69
N GLY R 249 38.92 -46.23 -21.81
CA GLY R 249 38.16 -47.06 -22.72
C GLY R 249 37.14 -46.27 -23.53
N SER R 250 36.12 -45.75 -22.86
CA SER R 250 35.06 -45.01 -23.52
C SER R 250 35.30 -43.51 -23.49
N GLY R 251 35.40 -42.93 -22.30
CA GLY R 251 35.49 -41.49 -22.17
C GLY R 251 36.85 -40.98 -21.72
N TYR R 252 36.88 -39.72 -21.29
CA TYR R 252 38.12 -39.04 -20.95
C TYR R 252 38.11 -38.64 -19.48
N VAL R 253 39.27 -38.79 -18.84
CA VAL R 253 39.45 -38.48 -17.43
C VAL R 253 40.73 -37.69 -17.24
N VAL R 254 40.80 -37.00 -16.09
CA VAL R 254 41.92 -36.15 -15.72
C VAL R 254 42.54 -36.73 -14.46
N THR R 255 43.86 -36.84 -14.44
CA THR R 255 44.58 -37.31 -13.27
C THR R 255 45.59 -36.27 -12.81
N VAL R 256 46.21 -36.53 -11.66
CA VAL R 256 47.17 -35.61 -11.08
C VAL R 256 48.38 -35.49 -12.00
N ASP R 257 48.90 -34.27 -12.13
CA ASP R 257 50.10 -34.05 -12.95
C ASP R 257 51.31 -34.64 -12.25
N LEU R 258 51.86 -35.70 -12.83
CA LEU R 258 53.06 -36.34 -12.31
C LEU R 258 54.33 -35.77 -12.92
N THR R 259 54.21 -34.76 -13.78
CA THR R 259 55.38 -34.23 -14.46
C THR R 259 56.48 -33.76 -13.51
N PRO R 260 56.20 -32.99 -12.45
CA PRO R 260 57.28 -32.67 -11.50
C PRO R 260 57.85 -33.90 -10.82
N LEU R 261 56.98 -34.79 -10.34
CA LEU R 261 57.45 -35.99 -9.67
C LEU R 261 58.24 -36.88 -10.63
N GLN R 262 57.77 -37.04 -11.86
CA GLN R 262 58.48 -37.91 -12.81
C GLN R 262 59.81 -37.28 -13.22
N LYS R 263 59.85 -35.96 -13.42
CA LYS R 263 61.11 -35.34 -13.80
C LYS R 263 62.12 -35.43 -12.67
N MET R 264 61.66 -35.30 -11.42
CA MET R 264 62.61 -35.38 -10.31
C MET R 264 63.07 -36.82 -10.08
N VAL R 265 62.18 -37.80 -10.25
CA VAL R 265 62.59 -39.18 -10.09
C VAL R 265 63.46 -39.64 -11.25
N GLN R 266 63.38 -38.98 -12.40
CA GLN R 266 64.36 -39.20 -13.45
C GLN R 266 65.69 -38.52 -13.18
N ASP R 267 65.66 -37.31 -12.60
CA ASP R 267 66.90 -36.63 -12.25
C ASP R 267 67.67 -37.35 -11.15
N ILE R 268 66.96 -37.98 -10.21
CA ILE R 268 67.65 -38.67 -9.12
C ILE R 268 68.51 -39.81 -9.67
N ASP R 269 68.13 -40.39 -10.81
CA ASP R 269 68.95 -41.41 -11.46
C ASP R 269 70.12 -40.81 -12.22
N GLY R 270 70.05 -39.53 -12.58
CA GLY R 270 71.09 -38.87 -13.34
C GLY R 270 72.25 -38.36 -12.52
N LEU R 271 72.26 -38.61 -11.21
CA LEU R 271 73.34 -38.18 -10.33
C LEU R 271 74.15 -39.37 -9.81
N GLY R 272 74.03 -40.53 -10.42
CA GLY R 272 74.80 -41.69 -10.05
C GLY R 272 74.04 -42.97 -10.34
N ALA R 273 74.69 -44.09 -10.05
CA ALA R 273 74.14 -45.42 -10.25
C ALA R 273 74.38 -46.28 -9.02
N PRO R 274 73.47 -47.21 -8.72
CA PRO R 274 73.62 -48.00 -7.48
C PRO R 274 74.64 -49.12 -7.61
N GLY R 275 75.91 -48.73 -7.78
CA GLY R 275 76.97 -49.72 -7.83
C GLY R 275 77.15 -50.45 -6.51
N LYS R 276 76.94 -49.77 -5.40
CA LYS R 276 77.04 -50.38 -4.09
C LYS R 276 75.86 -51.32 -3.84
N ASP R 277 76.03 -52.21 -2.87
CA ASP R 277 75.00 -53.18 -2.55
C ASP R 277 73.80 -52.52 -1.88
N SER R 278 74.02 -51.44 -1.14
CA SER R 278 72.96 -50.79 -0.39
C SER R 278 72.64 -49.39 -0.91
N LYS R 279 73.62 -48.50 -0.98
CA LYS R 279 73.34 -47.10 -1.30
C LYS R 279 74.60 -46.41 -1.80
N LEU R 280 74.39 -45.30 -2.50
CA LEU R 280 75.49 -44.52 -3.07
C LEU R 280 76.31 -43.84 -1.98
N GLU R 281 77.61 -43.72 -2.25
CA GLU R 281 78.53 -42.94 -1.42
C GLU R 281 78.86 -41.67 -2.19
N MET R 282 78.63 -40.51 -1.57
CA MET R 282 78.76 -39.25 -2.27
C MET R 282 78.90 -38.12 -1.25
N ASP R 283 79.69 -37.11 -1.63
CA ASP R 283 80.02 -36.02 -0.74
C ASP R 283 78.83 -35.08 -0.55
N ASN R 284 78.86 -34.34 0.57
CA ASN R 284 77.74 -33.45 0.89
C ASN R 284 77.72 -32.20 0.02
N ALA R 285 78.80 -31.92 -0.71
CA ALA R 285 78.85 -30.72 -1.54
C ALA R 285 77.74 -30.74 -2.59
N LYS R 286 77.53 -31.89 -3.24
CA LYS R 286 76.42 -32.03 -4.16
C LYS R 286 75.17 -32.54 -3.47
N TYR R 287 75.30 -33.22 -2.33
CA TYR R 287 74.13 -33.70 -1.61
C TYR R 287 73.27 -32.54 -1.11
N GLN R 288 73.89 -31.49 -0.59
CA GLN R 288 73.12 -30.36 -0.10
C GLN R 288 72.36 -29.68 -1.23
N ALA R 289 72.99 -29.55 -2.40
CA ALA R 289 72.30 -28.99 -3.56
C ALA R 289 71.15 -29.88 -4.01
N TRP R 290 71.36 -31.20 -4.00
CA TRP R 290 70.29 -32.12 -4.39
C TRP R 290 69.11 -32.04 -3.41
N GLN R 291 69.40 -31.96 -2.11
CA GLN R 291 68.34 -31.82 -1.13
C GLN R 291 67.63 -30.49 -1.25
N SER R 292 68.36 -29.43 -1.59
CA SER R 292 67.72 -28.14 -1.85
C SER R 292 66.77 -28.23 -3.03
N GLY R 293 67.20 -28.91 -4.10
CA GLY R 293 66.31 -29.11 -5.24
C GLY R 293 65.10 -29.95 -4.90
N PHE R 294 65.28 -30.96 -4.05
CA PHE R 294 64.17 -31.82 -3.65
C PHE R 294 63.16 -31.04 -2.80
N LYS R 295 63.66 -30.22 -1.88
CA LYS R 295 62.79 -29.33 -1.13
C LYS R 295 62.11 -28.31 -2.03
N ALA R 296 62.80 -27.86 -3.09
CA ALA R 296 62.17 -26.96 -4.05
C ALA R 296 61.03 -27.65 -4.78
N GLN R 297 61.21 -28.93 -5.12
CA GLN R 297 60.12 -29.70 -5.72
C GLN R 297 58.94 -29.80 -4.76
N GLU R 298 59.22 -30.07 -3.48
CA GLU R 298 58.16 -30.08 -2.48
C GLU R 298 57.45 -28.73 -2.42
N GLU R 299 58.23 -27.64 -2.48
CA GLU R 299 57.66 -26.30 -2.44
C GLU R 299 56.76 -26.03 -3.64
N ASN R 300 57.19 -26.47 -4.83
CA ASN R 300 56.36 -26.29 -6.01
C ASN R 300 55.04 -27.06 -5.88
N MET R 301 55.12 -28.31 -5.43
CA MET R 301 53.89 -29.09 -5.27
C MET R 301 52.99 -28.48 -4.20
N LYS R 302 53.58 -27.95 -3.14
CA LYS R 302 52.79 -27.32 -2.08
C LYS R 302 52.13 -26.04 -2.58
N THR R 303 52.82 -25.29 -3.44
CA THR R 303 52.20 -24.11 -4.02
C THR R 303 51.05 -24.50 -4.95
N THR R 304 51.19 -25.62 -5.68
CA THR R 304 50.08 -26.12 -6.46
C THR R 304 48.89 -26.48 -5.56
N LEU R 305 49.16 -27.14 -4.44
CA LEU R 305 48.11 -27.41 -3.47
C LEU R 305 47.45 -26.13 -2.98
N GLN R 306 48.25 -25.10 -2.69
CA GLN R 306 47.72 -23.84 -2.22
C GLN R 306 46.84 -23.19 -3.28
N THR R 307 47.26 -23.25 -4.55
CA THR R 307 46.44 -22.71 -5.63
C THR R 307 45.11 -23.45 -5.73
N LEU R 308 45.14 -24.78 -5.66
CA LEU R 308 43.89 -25.55 -5.75
C LEU R 308 42.99 -25.27 -4.56
N THR R 309 43.56 -25.03 -3.37
CA THR R 309 42.72 -24.71 -2.22
C THR R 309 42.12 -23.31 -2.34
N GLN R 310 42.91 -22.34 -2.80
CA GLN R 310 42.39 -21.00 -3.03
C GLN R 310 41.39 -20.95 -4.16
N LYS R 311 41.38 -21.96 -5.03
CA LYS R 311 40.31 -22.09 -6.01
C LYS R 311 38.95 -22.13 -5.35
N TYR R 312 38.85 -22.62 -4.11
CA TYR R 312 37.61 -22.48 -3.36
C TYR R 312 37.22 -21.02 -3.20
N SER R 313 38.14 -20.19 -2.68
CA SER R 313 37.86 -18.78 -2.51
C SER R 313 37.55 -18.11 -3.84
N ASN R 314 38.05 -18.66 -4.95
CA ASN R 314 37.63 -18.21 -6.27
C ASN R 314 36.36 -18.88 -6.77
N ALA R 315 35.89 -19.94 -6.10
CA ALA R 315 34.67 -20.64 -6.53
C ALA R 315 33.61 -20.64 -5.45
N ASN R 316 33.94 -20.96 -4.20
CA ASN R 316 32.93 -21.03 -3.15
C ASN R 316 32.26 -19.68 -2.95
N SER R 317 33.06 -18.61 -2.92
CA SER R 317 32.48 -17.28 -2.90
C SER R 317 31.68 -17.02 -4.17
N LEU R 318 32.20 -17.47 -5.31
CA LEU R 318 31.47 -17.33 -6.56
C LEU R 318 30.15 -18.11 -6.52
N TYR R 319 30.17 -19.31 -5.94
CA TYR R 319 28.94 -20.09 -5.81
C TYR R 319 27.94 -19.41 -4.89
N ASP R 320 28.41 -18.86 -3.77
CA ASP R 320 27.50 -18.21 -2.84
C ASP R 320 26.99 -16.87 -3.39
N ASN R 321 27.71 -16.27 -4.33
CA ASN R 321 27.20 -15.14 -5.09
C ASN R 321 26.19 -15.55 -6.15
N LEU R 322 26.44 -16.68 -6.82
CA LEU R 322 25.56 -17.18 -7.86
C LEU R 322 24.27 -17.78 -7.32
N VAL R 323 24.25 -18.16 -6.04
CA VAL R 323 23.04 -18.73 -5.45
C VAL R 323 22.04 -17.60 -5.25
N LYS R 324 22.43 -16.37 -5.60
CA LYS R 324 21.54 -15.23 -5.56
C LYS R 324 20.72 -15.09 -6.84
N VAL R 325 20.54 -16.19 -7.58
CA VAL R 325 19.61 -16.26 -8.70
C VAL R 325 18.19 -16.29 -8.13
N LEU R 326 18.10 -16.55 -6.82
CA LEU R 326 16.81 -16.61 -6.13
C LEU R 326 16.00 -15.32 -6.29
N SER R 327 16.59 -14.26 -6.82
CA SER R 327 15.79 -13.11 -7.24
C SER R 327 14.76 -13.53 -8.28
N SER R 328 15.05 -14.55 -9.07
CA SER R 328 14.11 -15.03 -10.08
C SER R 328 12.82 -15.54 -9.48
N THR R 329 12.81 -15.86 -8.18
CA THR R 329 11.59 -16.16 -7.45
C THR R 329 11.13 -15.00 -6.59
N ILE R 330 12.06 -14.28 -5.97
CA ILE R 330 11.71 -13.19 -5.06
C ILE R 330 10.95 -12.10 -5.81
N SER R 331 11.50 -11.64 -6.94
CA SER R 331 10.86 -10.55 -7.66
C SER R 331 9.64 -11.05 -8.44
N SER R 332 9.66 -12.28 -8.91
CA SER R 332 8.56 -12.84 -9.67
C SER R 332 7.42 -13.35 -8.80
N SER R 333 7.58 -13.30 -7.47
CA SER R 333 6.48 -13.56 -6.56
C SER R 333 5.82 -12.29 -6.05
N LEU R 334 6.57 -11.19 -5.97
CA LEU R 334 6.04 -9.89 -5.56
C LEU R 334 5.42 -9.14 -6.70
N GLU R 335 5.38 -9.71 -7.91
CA GLU R 335 4.58 -9.16 -9.00
C GLU R 335 3.14 -9.63 -8.93
N THR R 336 2.68 -10.04 -7.75
CA THR R 336 1.30 -10.49 -7.54
C THR R 336 0.28 -9.42 -7.93
N ALA R 337 0.72 -8.21 -8.21
CA ALA R 337 -0.15 -7.12 -8.65
C ALA R 337 -1.02 -7.53 -9.83
N LYS R 338 -0.61 -8.60 -10.53
CA LYS R 338 -1.49 -9.22 -11.52
C LYS R 338 -2.83 -9.59 -10.89
N SER R 339 -2.83 -10.01 -9.64
CA SER R 339 -4.04 -10.34 -8.90
C SER R 339 -4.05 -9.60 -7.57
N PHE R 340 -3.74 -8.30 -7.63
CA PHE R 340 -3.65 -7.43 -6.44
C PHE R 340 -2.59 -7.93 -5.47
N THR S 3 -56.34 61.44 -2.47
CA THR S 3 -56.28 60.06 -2.01
C THR S 3 -57.19 59.17 -2.83
N PRO S 4 -56.63 58.14 -3.45
CA PRO S 4 -57.45 57.19 -4.21
C PRO S 4 -58.40 56.43 -3.31
N TRP S 5 -59.55 56.06 -3.87
CA TRP S 5 -60.55 55.33 -3.12
C TRP S 5 -60.02 53.97 -2.70
N SER S 6 -60.22 53.63 -1.43
CA SER S 6 -59.73 52.37 -0.86
C SER S 6 -60.86 51.74 -0.07
N GLY S 7 -61.30 50.55 -0.50
CA GLY S 7 -62.39 49.87 0.16
C GLY S 7 -61.98 49.15 1.42
N TYR S 8 -62.87 48.33 1.96
CA TYR S 8 -62.57 47.57 3.17
C TYR S 8 -61.38 46.64 2.93
N LEU S 9 -61.38 45.96 1.79
CA LEU S 9 -60.28 45.05 1.46
C LEU S 9 -58.96 45.81 1.33
N ASP S 10 -59.01 46.98 0.69
CA ASP S 10 -57.80 47.79 0.56
C ASP S 10 -57.28 48.23 1.93
N ASP S 11 -58.19 48.60 2.84
CA ASP S 11 -57.78 48.95 4.20
C ASP S 11 -57.14 47.77 4.91
N VAL S 12 -57.74 46.57 4.78
CA VAL S 12 -57.18 45.40 5.44
C VAL S 12 -55.79 45.09 4.90
N SER S 13 -55.63 45.13 3.58
CA SER S 13 -54.31 44.86 3.00
C SER S 13 -53.30 45.92 3.44
N ALA S 14 -53.69 47.20 3.37
CA ALA S 14 -52.78 48.27 3.75
C ALA S 14 -52.38 48.18 5.22
N LYS S 15 -53.25 47.61 6.06
CA LYS S 15 -52.87 47.38 7.45
C LYS S 15 -51.58 46.58 7.54
N PHE S 16 -51.46 45.52 6.73
CA PHE S 16 -50.25 44.71 6.77
C PHE S 16 -49.13 45.27 5.89
N ASP S 17 -49.45 46.02 4.84
CA ASP S 17 -48.39 46.71 4.11
C ASP S 17 -47.71 47.75 4.99
N THR S 18 -48.45 48.32 5.93
CA THR S 18 -47.82 49.09 6.99
C THR S 18 -47.26 48.21 8.09
N GLY S 19 -47.79 47.00 8.26
CA GLY S 19 -47.23 46.09 9.25
C GLY S 19 -45.79 45.72 8.93
N VAL S 20 -45.52 45.39 7.68
CA VAL S 20 -44.16 45.33 7.19
C VAL S 20 -43.74 46.75 6.81
N ASP S 21 -42.43 46.96 6.74
CA ASP S 21 -41.92 48.28 6.41
C ASP S 21 -41.11 48.31 5.12
N ASN S 22 -40.18 47.38 4.93
CA ASN S 22 -39.41 47.38 3.69
C ASN S 22 -39.10 45.96 3.22
N LEU S 23 -39.95 45.00 3.58
CA LEU S 23 -39.77 43.62 3.12
C LEU S 23 -39.71 43.56 1.60
N GLN S 24 -40.62 44.26 0.92
CA GLN S 24 -40.60 44.29 -0.54
C GLN S 24 -39.32 44.92 -1.06
N THR S 25 -38.61 45.66 -0.22
CA THR S 25 -37.32 46.21 -0.64
C THR S 25 -36.14 45.41 -0.12
N GLN S 26 -36.24 44.81 1.07
CA GLN S 26 -35.18 43.93 1.53
C GLN S 26 -35.02 42.74 0.60
N VAL S 27 -36.14 42.18 0.14
CA VAL S 27 -36.06 41.04 -0.76
C VAL S 27 -35.35 41.43 -2.05
N THR S 28 -35.64 42.63 -2.58
CA THR S 28 -34.99 43.08 -3.80
C THR S 28 -33.51 43.36 -3.58
N GLU S 29 -33.16 43.98 -2.45
CA GLU S 29 -31.75 44.25 -2.16
C GLU S 29 -30.96 42.96 -2.02
N ALA S 30 -31.49 42.00 -1.26
CA ALA S 30 -30.81 40.72 -1.10
C ALA S 30 -30.76 39.96 -2.41
N LEU S 31 -31.80 40.08 -3.25
CA LEU S 31 -31.76 39.45 -4.56
C LEU S 31 -30.66 40.05 -5.42
N ASP S 32 -30.49 41.36 -5.38
CA ASP S 32 -29.41 42.00 -6.13
C ASP S 32 -28.04 41.54 -5.61
N LYS S 33 -27.89 41.47 -4.28
CA LYS S 33 -26.63 41.00 -3.72
C LYS S 33 -26.33 39.58 -4.15
N LEU S 34 -27.35 38.72 -4.16
CA LEU S 34 -27.15 37.34 -4.61
C LEU S 34 -26.82 37.28 -6.09
N ALA S 35 -27.49 38.10 -6.91
CA ALA S 35 -27.19 38.11 -8.34
C ALA S 35 -25.75 38.52 -8.59
N ALA S 36 -25.28 39.55 -7.89
CA ALA S 36 -23.89 39.95 -8.00
C ALA S 36 -22.93 38.95 -7.35
N LYS S 37 -23.44 38.05 -6.50
CA LYS S 37 -22.56 37.18 -5.75
C LYS S 37 -23.31 35.94 -5.27
N PRO S 38 -23.54 34.94 -6.14
CA PRO S 38 -24.36 33.77 -5.78
C PRO S 38 -23.58 32.60 -5.22
N SER S 39 -22.71 32.86 -4.23
CA SER S 39 -22.02 31.77 -3.57
C SER S 39 -21.83 31.92 -2.07
N ASP S 40 -22.22 33.03 -1.48
CA ASP S 40 -21.94 33.23 -0.07
C ASP S 40 -22.96 32.49 0.77
N PRO S 41 -22.54 31.53 1.59
CA PRO S 41 -23.50 30.78 2.42
C PRO S 41 -24.30 31.68 3.35
N ALA S 42 -23.63 32.69 3.92
CA ALA S 42 -24.34 33.66 4.76
C ALA S 42 -25.34 34.46 3.94
N LEU S 43 -24.91 34.95 2.77
CA LEU S 43 -25.83 35.68 1.90
C LEU S 43 -26.94 34.77 1.39
N LEU S 44 -26.62 33.52 1.08
CA LEU S 44 -27.64 32.56 0.65
C LEU S 44 -28.69 32.37 1.73
N ALA S 45 -28.24 32.18 2.98
CA ALA S 45 -29.18 31.98 4.09
C ALA S 45 -30.02 33.23 4.32
N ALA S 46 -29.39 34.41 4.27
CA ALA S 46 -30.13 35.65 4.48
C ALA S 46 -31.19 35.84 3.42
N TYR S 47 -30.84 35.60 2.15
CA TYR S 47 -31.82 35.76 1.09
C TYR S 47 -32.90 34.69 1.16
N GLN S 48 -32.56 33.48 1.57
CA GLN S 48 -33.59 32.45 1.76
C GLN S 48 -34.59 32.88 2.81
N SER S 49 -34.10 33.42 3.93
CA SER S 49 -35.01 33.90 4.97
C SER S 49 -35.88 35.04 4.47
N LYS S 50 -35.27 36.03 3.82
CA LYS S 50 -36.03 37.18 3.32
C LYS S 50 -37.10 36.73 2.34
N LEU S 51 -36.73 35.86 1.40
CA LEU S 51 -37.66 35.41 0.38
C LEU S 51 -38.77 34.56 0.98
N SER S 52 -38.44 33.69 1.94
CA SER S 52 -39.48 32.87 2.56
C SER S 52 -40.48 33.74 3.31
N GLU S 53 -39.98 34.75 4.03
CA GLU S 53 -40.88 35.65 4.73
C GLU S 53 -41.73 36.47 3.75
N TYR S 54 -41.16 36.88 2.62
CA TYR S 54 -41.94 37.56 1.60
C TYR S 54 -43.02 36.63 1.04
N ASN S 55 -42.67 35.36 0.84
CA ASN S 55 -43.65 34.37 0.38
C ASN S 55 -44.81 34.25 1.35
N LEU S 56 -44.51 34.10 2.64
CA LEU S 56 -45.57 33.99 3.63
C LEU S 56 -46.39 35.27 3.71
N TYR S 57 -45.74 36.43 3.60
CA TYR S 57 -46.47 37.69 3.56
C TYR S 57 -47.47 37.72 2.42
N ARG S 58 -47.02 37.40 1.20
CA ARG S 58 -47.92 37.46 0.06
C ARG S 58 -49.05 36.45 0.20
N ASN S 59 -48.74 35.24 0.67
CA ASN S 59 -49.79 34.24 0.87
C ASN S 59 -50.81 34.72 1.89
N ALA S 60 -50.35 35.30 3.00
CA ALA S 60 -51.26 35.77 4.03
C ALA S 60 -52.16 36.88 3.49
N GLN S 61 -51.58 37.84 2.77
CA GLN S 61 -52.40 38.91 2.20
C GLN S 61 -53.45 38.36 1.25
N SER S 62 -53.03 37.46 0.35
CA SER S 62 -53.98 36.93 -0.63
C SER S 62 -55.10 36.17 0.05
N ASN S 63 -54.75 35.32 1.02
CA ASN S 63 -55.78 34.50 1.66
C ASN S 63 -56.72 35.36 2.51
N THR S 64 -56.18 36.37 3.19
CA THR S 64 -57.01 37.24 4.02
C THR S 64 -57.97 38.05 3.16
N VAL S 65 -57.49 38.62 2.05
CA VAL S 65 -58.40 39.37 1.19
C VAL S 65 -59.42 38.44 0.55
N LYS S 66 -59.02 37.20 0.24
CA LYS S 66 -59.95 36.23 -0.30
C LYS S 66 -61.08 35.96 0.68
N VAL S 67 -60.74 35.68 1.94
CA VAL S 67 -61.77 35.33 2.91
C VAL S 67 -62.65 36.53 3.23
N PHE S 68 -62.07 37.73 3.32
CA PHE S 68 -62.90 38.91 3.56
C PHE S 68 -63.84 39.20 2.38
N LYS S 69 -63.36 39.04 1.15
CA LYS S 69 -64.23 39.21 0.00
C LYS S 69 -65.33 38.17 0.00
N ASP S 70 -65.02 36.94 0.43
CA ASP S 70 -66.04 35.91 0.53
C ASP S 70 -67.12 36.30 1.54
N ILE S 71 -66.70 36.79 2.70
CA ILE S 71 -67.67 37.18 3.72
C ILE S 71 -68.53 38.34 3.23
N ASP S 72 -67.91 39.31 2.57
CA ASP S 72 -68.67 40.45 2.04
C ASP S 72 -69.66 40.00 0.97
N ALA S 73 -69.25 39.07 0.10
CA ALA S 73 -70.17 38.54 -0.89
C ALA S 73 -71.33 37.81 -0.21
N ALA S 74 -71.04 37.05 0.84
CA ALA S 74 -72.10 36.36 1.56
C ALA S 74 -73.09 37.34 2.18
N ILE S 75 -72.59 38.40 2.80
CA ILE S 75 -73.49 39.35 3.45
C ILE S 75 -74.30 40.13 2.42
N ILE S 76 -73.68 40.50 1.29
CA ILE S 76 -74.43 41.23 0.28
C ILE S 76 -75.47 40.32 -0.39
N GLN S 77 -75.18 39.02 -0.50
CA GLN S 77 -76.20 38.08 -0.92
C GLN S 77 -77.33 37.99 0.11
N ASN S 78 -76.96 38.01 1.39
CA ASN S 78 -77.96 37.92 2.46
C ASN S 78 -78.88 39.14 2.48
N PHE S 79 -78.35 40.31 2.12
CA PHE S 79 -79.17 41.53 2.15
C PHE S 79 -80.38 41.43 1.23
N ARG S 80 -80.20 40.92 0.01
CA ARG S 80 -81.30 40.85 -0.92
C ARG S 80 -82.17 39.62 -0.66
N PRO T 4 -14.03 -16.20 -30.17
CA PRO T 4 -12.95 -15.30 -30.56
C PRO T 4 -13.10 -13.90 -29.95
N TRP T 5 -13.71 -13.84 -28.78
CA TRP T 5 -13.93 -12.56 -28.11
C TRP T 5 -12.62 -12.00 -27.58
N SER T 6 -12.45 -10.68 -27.70
CA SER T 6 -11.33 -9.97 -27.09
C SER T 6 -11.77 -8.52 -26.92
N GLY T 7 -12.11 -8.14 -25.69
CA GLY T 7 -12.52 -6.79 -25.41
C GLY T 7 -11.33 -5.85 -25.31
N TYR T 8 -11.63 -4.60 -24.93
CA TYR T 8 -10.57 -3.59 -24.87
C TYR T 8 -9.47 -3.99 -23.91
N LEU T 9 -9.84 -4.49 -22.72
CA LEU T 9 -8.83 -4.95 -21.79
C LEU T 9 -8.05 -6.12 -22.38
N ASP T 10 -8.75 -7.05 -23.02
CA ASP T 10 -8.07 -8.15 -23.71
C ASP T 10 -7.25 -7.62 -24.89
N ASP T 11 -7.73 -6.57 -25.56
CA ASP T 11 -6.93 -5.96 -26.62
C ASP T 11 -5.61 -5.43 -26.08
N VAL T 12 -5.65 -4.74 -24.94
CA VAL T 12 -4.42 -4.23 -24.34
C VAL T 12 -3.51 -5.37 -23.94
N SER T 13 -4.07 -6.41 -23.32
CA SER T 13 -3.29 -7.57 -22.93
C SER T 13 -2.69 -8.31 -24.12
N ALA T 14 -3.30 -8.18 -25.30
CA ALA T 14 -2.75 -8.81 -26.49
C ALA T 14 -1.43 -8.17 -26.90
N LYS T 15 -1.32 -6.86 -26.75
CA LYS T 15 -0.06 -6.18 -27.04
C LYS T 15 1.04 -6.53 -26.06
N PHE T 16 0.71 -7.14 -24.93
CA PHE T 16 1.72 -7.51 -23.94
C PHE T 16 2.04 -8.99 -23.92
N ASP T 17 1.08 -9.86 -24.27
CA ASP T 17 1.32 -11.29 -24.18
C ASP T 17 2.41 -11.73 -25.16
N THR T 18 2.40 -11.20 -26.37
CA THR T 18 3.42 -11.57 -27.36
C THR T 18 4.80 -11.09 -26.95
N GLY T 19 4.89 -10.00 -26.20
CA GLY T 19 6.18 -9.54 -25.70
C GLY T 19 6.63 -10.38 -24.52
N VAL T 20 5.69 -10.74 -23.64
CA VAL T 20 6.03 -11.55 -22.47
C VAL T 20 6.50 -12.93 -22.89
N ASP T 21 5.88 -13.51 -23.92
CA ASP T 21 6.25 -14.86 -24.34
C ASP T 21 7.69 -14.91 -24.81
N ASN T 22 8.12 -13.90 -25.58
CA ASN T 22 9.50 -13.88 -26.07
C ASN T 22 10.49 -13.80 -24.92
N LEU T 23 10.23 -12.93 -23.94
CA LEU T 23 11.11 -12.83 -22.79
C LEU T 23 11.14 -14.12 -21.99
N GLN T 24 9.98 -14.78 -21.85
CA GLN T 24 9.94 -16.03 -21.11
C GLN T 24 10.66 -17.15 -21.83
N THR T 25 10.65 -17.12 -23.17
CA THR T 25 11.41 -18.14 -23.91
C THR T 25 12.91 -17.85 -23.88
N GLN T 26 13.31 -16.57 -23.85
CA GLN T 26 14.73 -16.28 -23.85
C GLN T 26 15.36 -16.31 -22.46
N VAL T 27 14.58 -16.13 -21.39
CA VAL T 27 15.15 -16.22 -20.05
C VAL T 27 15.58 -17.65 -19.74
N THR T 28 14.84 -18.64 -20.24
CA THR T 28 15.25 -20.02 -20.07
C THR T 28 16.52 -20.31 -20.88
N GLU T 29 16.62 -19.75 -22.07
CA GLU T 29 17.82 -19.93 -22.88
C GLU T 29 19.02 -19.22 -22.27
N ALA T 30 18.76 -18.19 -21.45
CA ALA T 30 19.83 -17.59 -20.66
C ALA T 30 20.19 -18.47 -19.46
N LEU T 31 19.19 -19.04 -18.80
CA LEU T 31 19.43 -19.81 -17.59
C LEU T 31 20.19 -21.10 -17.88
N ASP T 32 19.80 -21.83 -18.92
CA ASP T 32 20.51 -23.08 -19.22
C ASP T 32 21.94 -22.81 -19.68
N LYS T 33 22.15 -21.73 -20.44
CA LYS T 33 23.51 -21.35 -20.81
C LYS T 33 24.33 -20.99 -19.57
N LEU T 34 23.73 -20.27 -18.62
CA LEU T 34 24.44 -19.94 -17.39
C LEU T 34 24.78 -21.19 -16.61
N ALA T 35 23.87 -22.15 -16.55
CA ALA T 35 24.14 -23.41 -15.86
C ALA T 35 25.22 -24.21 -16.57
N ALA T 36 25.33 -24.05 -17.90
CA ALA T 36 26.36 -24.77 -18.63
C ALA T 36 27.75 -24.27 -18.28
N LYS T 37 27.96 -22.95 -18.32
CA LYS T 37 29.27 -22.36 -18.05
C LYS T 37 29.11 -21.16 -17.14
N PRO T 38 29.02 -21.38 -15.82
CA PRO T 38 28.84 -20.28 -14.87
C PRO T 38 30.13 -19.62 -14.39
N SER T 39 31.26 -19.90 -15.03
CA SER T 39 32.55 -19.39 -14.56
C SER T 39 32.77 -17.92 -14.88
N ASP T 40 31.90 -17.29 -15.67
CA ASP T 40 32.09 -15.89 -16.01
C ASP T 40 30.99 -15.02 -15.42
N PRO T 41 31.28 -13.75 -15.15
CA PRO T 41 30.26 -12.85 -14.61
C PRO T 41 29.45 -12.16 -15.69
N ALA T 42 29.98 -12.13 -16.92
CA ALA T 42 29.27 -11.47 -18.01
C ALA T 42 27.97 -12.19 -18.33
N LEU T 43 27.98 -13.52 -18.34
CA LEU T 43 26.76 -14.27 -18.61
C LEU T 43 25.78 -14.13 -17.46
N LEU T 44 26.27 -14.01 -16.22
CA LEU T 44 25.40 -13.72 -15.09
C LEU T 44 24.73 -12.37 -15.25
N ALA T 45 25.49 -11.36 -15.69
CA ALA T 45 24.91 -10.05 -15.93
C ALA T 45 23.87 -10.09 -17.05
N ALA T 46 24.15 -10.86 -18.11
CA ALA T 46 23.18 -10.99 -19.19
C ALA T 46 21.89 -11.65 -18.70
N TYR T 47 22.01 -12.70 -17.90
CA TYR T 47 20.83 -13.35 -17.35
C TYR T 47 20.06 -12.41 -16.44
N GLN T 48 20.77 -11.64 -15.61
CA GLN T 48 20.12 -10.67 -14.74
C GLN T 48 19.36 -9.63 -15.55
N SER T 49 19.97 -9.14 -16.62
CA SER T 49 19.31 -8.16 -17.47
C SER T 49 18.07 -8.75 -18.12
N LYS T 50 18.14 -9.99 -18.60
CA LYS T 50 16.97 -10.63 -19.20
C LYS T 50 15.86 -10.82 -18.19
N LEU T 51 16.21 -11.23 -16.97
CA LEU T 51 15.20 -11.42 -15.93
C LEU T 51 14.54 -10.09 -15.57
N SER T 52 15.33 -9.03 -15.42
CA SER T 52 14.75 -7.72 -15.14
C SER T 52 13.87 -7.26 -16.30
N GLU T 53 14.31 -7.53 -17.53
CA GLU T 53 13.48 -7.27 -18.71
C GLU T 53 12.11 -7.92 -18.57
N TYR T 54 12.12 -9.22 -18.29
CA TYR T 54 10.87 -9.98 -18.17
C TYR T 54 9.99 -9.40 -17.07
N ASN T 55 10.57 -9.17 -15.89
CA ASN T 55 9.76 -8.77 -14.75
C ASN T 55 9.24 -7.34 -14.89
N LEU T 56 10.04 -6.42 -15.42
CA LEU T 56 9.55 -5.05 -15.61
C LEU T 56 8.48 -5.00 -16.70
N TYR T 57 8.64 -5.76 -17.78
CA TYR T 57 7.58 -5.78 -18.78
C TYR T 57 6.30 -6.39 -18.20
N ARG T 58 6.43 -7.44 -17.39
CA ARG T 58 5.26 -8.03 -16.74
C ARG T 58 4.59 -7.04 -15.80
N ASN T 59 5.39 -6.27 -15.05
CA ASN T 59 4.82 -5.27 -14.15
C ASN T 59 4.13 -4.16 -14.91
N ALA T 60 4.70 -3.77 -16.06
CA ALA T 60 4.05 -2.78 -16.90
C ALA T 60 2.70 -3.27 -17.39
N GLN T 61 2.64 -4.55 -17.79
CA GLN T 61 1.35 -5.14 -18.15
C GLN T 61 0.41 -5.14 -16.96
N SER T 62 0.92 -5.45 -15.77
CA SER T 62 0.09 -5.50 -14.57
C SER T 62 -0.52 -4.14 -14.24
N ASN T 63 0.24 -3.07 -14.43
CA ASN T 63 -0.26 -1.75 -14.07
C ASN T 63 -1.07 -1.09 -15.18
N THR T 64 -0.80 -1.41 -16.45
CA THR T 64 -1.53 -0.76 -17.54
C THR T 64 -2.97 -1.22 -17.63
N VAL T 65 -3.35 -2.24 -16.86
CA VAL T 65 -4.73 -2.73 -16.87
C VAL T 65 -5.54 -2.16 -15.71
N LYS T 66 -4.94 -2.05 -14.52
CA LYS T 66 -5.63 -1.41 -13.41
C LYS T 66 -5.79 0.08 -13.62
N VAL T 67 -5.05 0.68 -14.55
CA VAL T 67 -5.21 2.10 -14.84
C VAL T 67 -6.35 2.35 -15.82
N PHE T 68 -6.72 1.35 -16.62
CA PHE T 68 -7.96 1.43 -17.39
C PHE T 68 -9.15 0.99 -16.55
N LYS T 69 -8.92 0.11 -15.58
CA LYS T 69 -9.99 -0.30 -14.68
C LYS T 69 -10.65 0.90 -14.03
N ASP T 70 -9.87 1.80 -13.42
CA ASP T 70 -10.48 2.92 -12.74
C ASP T 70 -11.03 3.96 -13.71
N ILE T 71 -10.44 4.09 -14.90
CA ILE T 71 -11.02 5.00 -15.90
C ILE T 71 -12.43 4.56 -16.24
N ASP T 72 -12.60 3.28 -16.58
CA ASP T 72 -13.93 2.82 -16.97
C ASP T 72 -14.87 2.77 -15.77
N ALA T 73 -14.35 2.49 -14.58
CA ALA T 73 -15.18 2.54 -13.39
C ALA T 73 -15.69 3.95 -13.12
N ALA T 74 -14.84 4.96 -13.29
CA ALA T 74 -15.26 6.34 -13.12
C ALA T 74 -16.27 6.74 -14.19
N ILE T 75 -16.09 6.23 -15.41
CA ILE T 75 -17.10 6.44 -16.44
C ILE T 75 -18.44 5.88 -15.99
N ILE T 76 -18.42 4.66 -15.43
CA ILE T 76 -19.65 4.04 -14.96
C ILE T 76 -20.27 4.84 -13.82
N GLN T 77 -19.43 5.39 -12.94
CA GLN T 77 -19.95 6.21 -11.84
C GLN T 77 -20.68 7.44 -12.34
N ASN T 78 -20.16 8.09 -13.39
CA ASN T 78 -20.84 9.22 -14.01
C ASN T 78 -21.69 8.78 -15.20
N PHE T 79 -21.82 7.47 -15.42
CA PHE T 79 -22.59 6.96 -16.54
C PHE T 79 -24.06 7.32 -16.45
N ARG T 80 -24.56 7.63 -15.26
CA ARG T 80 -25.94 8.08 -15.10
C ARG T 80 -26.11 9.44 -15.78
N PRO U 4 -66.23 43.12 -36.38
CA PRO U 4 -66.65 41.98 -35.55
C PRO U 4 -67.13 42.41 -34.17
N TRP U 5 -68.22 41.79 -33.70
CA TRP U 5 -68.77 42.12 -32.39
C TRP U 5 -67.77 41.74 -31.30
N SER U 6 -67.70 42.57 -30.26
CA SER U 6 -66.75 42.37 -29.18
C SER U 6 -67.36 42.83 -27.87
N GLY U 7 -67.45 41.93 -26.90
CA GLY U 7 -67.98 42.25 -25.60
C GLY U 7 -66.91 42.67 -24.61
N TYR U 8 -67.35 42.85 -23.35
CA TYR U 8 -66.44 43.25 -22.29
C TYR U 8 -65.37 42.19 -22.04
N LEU U 9 -65.74 40.91 -22.04
CA LEU U 9 -64.76 39.86 -21.83
C LEU U 9 -63.73 39.83 -22.96
N ASP U 10 -64.18 40.01 -24.19
CA ASP U 10 -63.25 40.13 -25.30
C ASP U 10 -62.35 41.35 -25.13
N ASP U 11 -62.89 42.44 -24.60
CA ASP U 11 -62.08 43.63 -24.34
C ASP U 11 -60.99 43.34 -23.32
N VAL U 12 -61.32 42.59 -22.26
CA VAL U 12 -60.34 42.24 -21.25
C VAL U 12 -59.27 41.32 -21.84
N SER U 13 -59.69 40.35 -22.64
CA SER U 13 -58.72 39.46 -23.30
C SER U 13 -57.79 40.25 -24.21
N ALA U 14 -58.33 41.23 -24.95
CA ALA U 14 -57.49 42.06 -25.79
C ALA U 14 -56.55 42.94 -24.96
N LYS U 15 -57.02 43.38 -23.79
CA LYS U 15 -56.15 44.16 -22.92
C LYS U 15 -54.96 43.34 -22.45
N PHE U 16 -55.20 42.08 -22.07
CA PHE U 16 -54.07 41.20 -21.78
C PHE U 16 -53.21 40.95 -23.01
N ASP U 17 -53.82 40.79 -24.18
CA ASP U 17 -53.05 40.52 -25.39
C ASP U 17 -52.08 41.66 -25.70
N THR U 18 -52.56 42.90 -25.60
CA THR U 18 -51.67 44.05 -25.77
C THR U 18 -50.77 44.26 -24.56
N GLY U 19 -51.10 43.67 -23.41
CA GLY U 19 -50.23 43.74 -22.26
C GLY U 19 -48.92 42.99 -22.44
N VAL U 20 -48.90 42.01 -23.34
CA VAL U 20 -47.67 41.31 -23.71
C VAL U 20 -47.31 41.73 -25.13
N ASP U 21 -46.02 41.70 -25.43
CA ASP U 21 -45.54 42.18 -26.73
C ASP U 21 -45.47 41.06 -27.75
N ASN U 22 -44.67 40.03 -27.48
CA ASN U 22 -44.52 38.94 -28.44
C ASN U 22 -44.40 37.59 -27.74
N LEU U 23 -44.97 37.46 -26.53
CA LEU U 23 -44.78 36.23 -25.75
C LEU U 23 -45.36 35.02 -26.47
N GLN U 24 -46.53 35.18 -27.10
CA GLN U 24 -47.15 34.08 -27.82
C GLN U 24 -46.25 33.55 -28.92
N THR U 25 -45.39 34.40 -29.47
CA THR U 25 -44.39 33.96 -30.44
C THR U 25 -43.02 33.74 -29.83
N GLN U 26 -42.70 34.44 -28.75
CA GLN U 26 -41.43 34.21 -28.08
C GLN U 26 -41.33 32.81 -27.51
N VAL U 27 -42.44 32.27 -27.00
CA VAL U 27 -42.43 30.91 -26.48
C VAL U 27 -42.12 29.92 -27.60
N THR U 28 -42.75 30.08 -28.75
CA THR U 28 -42.50 29.17 -29.87
C THR U 28 -41.07 29.31 -30.39
N GLU U 29 -40.57 30.54 -30.47
CA GLU U 29 -39.20 30.75 -30.91
C GLU U 29 -38.21 30.09 -29.95
N ALA U 30 -38.45 30.24 -28.65
CA ALA U 30 -37.59 29.60 -27.66
C ALA U 30 -37.70 28.09 -27.75
N LEU U 31 -38.89 27.56 -28.04
CA LEU U 31 -39.04 26.12 -28.20
C LEU U 31 -38.25 25.61 -29.40
N ASP U 32 -38.27 26.35 -30.51
CA ASP U 32 -37.46 25.96 -31.66
C ASP U 32 -35.98 26.00 -31.33
N LYS U 33 -35.51 27.09 -30.72
CA LYS U 33 -34.09 27.22 -30.45
C LYS U 33 -33.64 26.28 -29.33
N LEU U 34 -34.60 25.76 -28.55
CA LEU U 34 -34.33 24.65 -27.65
C LEU U 34 -34.25 23.32 -28.40
N ALA U 35 -35.16 23.08 -29.34
CA ALA U 35 -35.13 21.84 -30.10
C ALA U 35 -33.88 21.74 -30.95
N ALA U 36 -33.24 22.88 -31.25
CA ALA U 36 -31.96 22.85 -31.93
C ALA U 36 -30.92 22.10 -31.11
N LYS U 37 -30.89 22.32 -29.79
CA LYS U 37 -30.03 21.58 -28.89
C LYS U 37 -30.67 21.59 -27.50
N PRO U 38 -31.30 20.49 -27.09
CA PRO U 38 -32.12 20.52 -25.87
C PRO U 38 -31.31 20.51 -24.58
N SER U 39 -29.99 20.36 -24.64
CA SER U 39 -29.18 20.19 -23.44
C SER U 39 -28.43 21.46 -23.04
N ASP U 40 -28.68 22.59 -23.71
CA ASP U 40 -27.97 23.82 -23.41
C ASP U 40 -28.58 24.47 -22.18
N PRO U 41 -27.81 24.69 -21.10
CA PRO U 41 -28.39 25.26 -19.88
C PRO U 41 -29.04 26.62 -20.06
N ALA U 42 -28.46 27.49 -20.89
CA ALA U 42 -29.06 28.80 -21.10
C ALA U 42 -30.42 28.69 -21.74
N LEU U 43 -30.57 27.76 -22.70
CA LEU U 43 -31.87 27.54 -23.33
C LEU U 43 -32.91 27.11 -22.31
N LEU U 44 -32.54 26.19 -21.42
CA LEU U 44 -33.46 25.73 -20.39
C LEU U 44 -33.84 26.86 -19.43
N ALA U 45 -32.86 27.66 -19.02
CA ALA U 45 -33.14 28.77 -18.12
C ALA U 45 -34.08 29.78 -18.77
N ALA U 46 -33.85 30.09 -20.04
CA ALA U 46 -34.74 31.01 -20.74
C ALA U 46 -36.15 30.43 -20.88
N TYR U 47 -36.25 29.15 -21.26
CA TYR U 47 -37.56 28.55 -21.45
C TYR U 47 -38.34 28.45 -20.15
N GLN U 48 -37.67 28.14 -19.04
CA GLN U 48 -38.40 28.06 -17.78
C GLN U 48 -39.11 29.36 -17.49
N SER U 49 -38.38 30.48 -17.53
CA SER U 49 -38.99 31.77 -17.26
C SER U 49 -40.06 32.12 -18.29
N LYS U 50 -39.78 31.91 -19.58
CA LYS U 50 -40.73 32.30 -20.61
C LYS U 50 -42.04 31.53 -20.48
N LEU U 51 -41.95 30.20 -20.42
CA LEU U 51 -43.14 29.37 -20.29
C LEU U 51 -43.85 29.61 -18.95
N SER U 52 -43.09 29.91 -17.90
CA SER U 52 -43.71 30.20 -16.61
C SER U 52 -44.54 31.48 -16.69
N GLU U 53 -44.00 32.53 -17.30
CA GLU U 53 -44.77 33.75 -17.44
C GLU U 53 -45.95 33.55 -18.38
N TYR U 54 -45.81 32.70 -19.40
CA TYR U 54 -46.95 32.36 -20.24
C TYR U 54 -48.04 31.66 -19.43
N ASN U 55 -47.63 30.75 -18.54
CA ASN U 55 -48.60 30.05 -17.70
C ASN U 55 -49.35 31.03 -16.80
N LEU U 56 -48.62 31.96 -16.17
CA LEU U 56 -49.28 32.94 -15.32
C LEU U 56 -50.17 33.87 -16.14
N TYR U 57 -49.73 34.23 -17.34
CA TYR U 57 -50.59 34.97 -18.27
C TYR U 57 -51.91 34.26 -18.49
N ARG U 58 -51.87 32.99 -18.86
CA ARG U 58 -53.09 32.28 -19.20
C ARG U 58 -53.97 32.11 -17.96
N ASN U 59 -53.36 31.78 -16.83
CA ASN U 59 -54.14 31.61 -15.59
C ASN U 59 -54.83 32.90 -15.19
N ALA U 60 -54.11 34.02 -15.19
CA ALA U 60 -54.71 35.29 -14.82
C ALA U 60 -55.81 35.70 -15.80
N GLN U 61 -55.57 35.48 -17.10
CA GLN U 61 -56.59 35.80 -18.09
C GLN U 61 -57.86 35.00 -17.85
N SER U 62 -57.72 33.69 -17.64
CA SER U 62 -58.89 32.85 -17.41
C SER U 62 -59.62 33.29 -16.15
N ASN U 63 -58.88 33.53 -15.07
CA ASN U 63 -59.52 33.90 -13.81
C ASN U 63 -60.24 35.23 -13.93
N THR U 64 -59.64 36.22 -14.59
CA THR U 64 -60.29 37.53 -14.66
C THR U 64 -61.51 37.50 -15.58
N VAL U 65 -61.43 36.77 -16.70
CA VAL U 65 -62.61 36.72 -17.58
C VAL U 65 -63.73 35.95 -16.88
N LYS U 66 -63.38 34.91 -16.12
CA LYS U 66 -64.40 34.17 -15.39
C LYS U 66 -65.02 35.02 -14.27
N VAL U 67 -64.21 35.81 -13.58
CA VAL U 67 -64.77 36.62 -12.50
C VAL U 67 -65.64 37.75 -13.05
N PHE U 68 -65.28 38.30 -14.22
CA PHE U 68 -66.16 39.28 -14.85
C PHE U 68 -67.43 38.63 -15.38
N LYS U 69 -67.35 37.38 -15.86
CA LYS U 69 -68.56 36.67 -16.22
C LYS U 69 -69.43 36.43 -14.99
N ASP U 70 -68.80 36.16 -13.84
CA ASP U 70 -69.55 36.03 -12.59
C ASP U 70 -70.26 37.33 -12.24
N ILE U 71 -69.55 38.46 -12.37
CA ILE U 71 -70.17 39.75 -12.08
C ILE U 71 -71.33 40.01 -13.03
N ASP U 72 -71.15 39.70 -14.31
CA ASP U 72 -72.23 39.88 -15.28
C ASP U 72 -73.43 39.01 -14.92
N ALA U 73 -73.19 37.76 -14.54
CA ALA U 73 -74.27 36.87 -14.14
C ALA U 73 -75.00 37.39 -12.91
N ALA U 74 -74.25 37.92 -11.95
CA ALA U 74 -74.88 38.49 -10.77
C ALA U 74 -75.74 39.70 -11.12
N ILE U 75 -75.25 40.57 -12.00
CA ILE U 75 -76.02 41.75 -12.39
C ILE U 75 -77.29 41.33 -13.12
N ILE U 76 -77.18 40.35 -14.02
CA ILE U 76 -78.36 39.88 -14.74
C ILE U 76 -79.35 39.21 -13.79
N GLN U 77 -78.86 38.42 -12.83
CA GLN U 77 -79.76 37.74 -11.91
C GLN U 77 -80.47 38.74 -11.00
N ASN U 78 -79.79 39.83 -10.63
CA ASN U 78 -80.46 40.90 -9.92
C ASN U 78 -81.38 41.69 -10.84
N PHE U 79 -81.14 41.62 -12.15
CA PHE U 79 -81.87 42.43 -13.10
C PHE U 79 -83.30 41.95 -13.26
N ARG U 80 -83.51 40.65 -13.42
CA ARG U 80 -84.85 40.11 -13.64
C ARG U 80 -85.56 39.93 -12.30
N ILE V 129 4.38 27.39 16.18
CA ILE V 129 4.53 25.95 16.06
C ILE V 129 4.03 25.49 14.70
N SER V 130 4.83 24.66 14.03
CA SER V 130 4.47 24.12 12.73
C SER V 130 5.21 22.82 12.51
N ASP V 131 4.77 22.07 11.50
CA ASP V 131 5.46 20.84 11.09
C ASP V 131 5.72 20.79 9.59
N ALA V 132 5.93 21.95 8.96
CA ALA V 132 6.56 21.96 7.64
C ALA V 132 8.06 22.11 7.76
N GLU V 133 8.54 22.78 8.81
CA GLU V 133 9.97 22.94 9.00
C GLU V 133 10.61 21.66 9.48
N ILE V 134 9.80 20.73 10.02
CA ILE V 134 10.36 19.43 10.38
C ILE V 134 10.81 18.69 9.11
N TRP V 135 10.07 18.85 8.02
CA TRP V 135 10.49 18.25 6.76
C TRP V 135 11.80 18.85 6.29
N ASP V 136 12.00 20.16 6.48
CA ASP V 136 13.23 20.79 6.05
C ASP V 136 14.40 20.43 6.96
N MET V 137 14.17 20.30 8.26
CA MET V 137 15.27 19.88 9.13
C MET V 137 15.62 18.42 8.91
N VAL V 138 14.66 17.60 8.46
CA VAL V 138 14.99 16.24 8.03
C VAL V 138 16.00 16.28 6.90
N SER V 139 15.84 17.20 5.96
CA SER V 139 16.84 17.36 4.91
C SER V 139 18.15 17.91 5.42
N GLN V 140 18.09 18.95 6.26
CA GLN V 140 19.31 19.64 6.66
C GLN V 140 20.17 18.82 7.61
N ASN V 141 19.58 17.93 8.42
CA ASN V 141 20.42 17.13 9.31
C ASN V 141 20.99 15.90 8.59
N ILE V 142 20.27 15.35 7.62
CA ILE V 142 20.88 14.36 6.74
C ILE V 142 22.04 14.98 5.98
N SER V 143 21.89 16.22 5.52
CA SER V 143 23.04 16.93 4.98
C SER V 143 24.13 17.09 6.03
N ALA V 144 23.74 17.40 7.26
CA ALA V 144 24.71 17.68 8.33
C ALA V 144 25.41 16.43 8.82
N ILE V 145 24.95 15.24 8.43
CA ILE V 145 25.62 13.99 8.76
C ILE V 145 26.09 13.24 7.54
N GLY V 146 25.68 13.64 6.34
CA GLY V 146 26.18 12.99 5.14
C GLY V 146 27.66 13.18 4.94
N ASP V 147 28.15 14.38 5.23
CA ASP V 147 29.57 14.67 5.14
C ASP V 147 30.25 14.85 6.48
N SER V 148 29.54 14.67 7.59
CA SER V 148 30.12 14.74 8.92
C SER V 148 30.22 13.38 9.59
N TYR V 149 29.47 12.38 9.14
CA TYR V 149 29.58 11.03 9.69
C TYR V 149 30.09 10.03 8.65
N LEU V 150 29.43 9.90 7.52
CA LEU V 150 29.96 9.04 6.47
C LEU V 150 31.09 9.73 5.72
N GLY V 151 31.02 11.06 5.61
CA GLY V 151 32.07 11.80 4.93
C GLY V 151 33.42 11.65 5.61
N VAL V 152 33.44 11.74 6.94
CA VAL V 152 34.70 11.54 7.65
C VAL V 152 35.19 10.11 7.47
N TYR V 153 34.28 9.14 7.40
CA TYR V 153 34.71 7.76 7.19
C TYR V 153 35.37 7.59 5.84
N GLU V 154 34.74 8.11 4.78
CA GLU V 154 35.32 7.95 3.46
C GLU V 154 36.66 8.69 3.35
N ASN V 155 36.75 9.88 3.97
CA ASN V 155 38.03 10.60 3.94
C ASN V 155 39.10 9.84 4.71
N VAL V 156 38.76 9.28 5.87
CA VAL V 156 39.74 8.53 6.65
C VAL V 156 40.22 7.31 5.88
N VAL V 157 39.29 6.55 5.28
CA VAL V 157 39.72 5.35 4.57
C VAL V 157 40.53 5.73 3.34
N ALA V 158 40.18 6.83 2.68
CA ALA V 158 40.96 7.26 1.52
C ALA V 158 42.38 7.65 1.91
N VAL V 159 42.53 8.48 2.95
CA VAL V 159 43.86 8.91 3.34
C VAL V 159 44.67 7.73 3.89
N TYR V 160 44.02 6.80 4.58
CA TYR V 160 44.73 5.63 5.08
C TYR V 160 45.18 4.73 3.94
N THR V 161 44.35 4.59 2.90
CA THR V 161 44.76 3.83 1.73
C THR V 161 45.93 4.50 1.02
N ASP V 162 45.93 5.83 0.95
CA ASP V 162 47.07 6.53 0.37
C ASP V 162 48.33 6.31 1.21
N PHE V 163 48.19 6.35 2.54
CA PHE V 163 49.30 6.04 3.44
C PHE V 163 49.88 4.68 3.13
N TYR V 164 49.03 3.66 3.07
CA TYR V 164 49.56 2.32 2.84
C TYR V 164 50.04 2.15 1.40
N GLN V 165 49.48 2.90 0.45
CA GLN V 165 50.03 2.88 -0.90
C GLN V 165 51.47 3.34 -0.90
N ALA V 166 51.75 4.47 -0.24
CA ALA V 166 53.14 4.94 -0.15
C ALA V 166 54.01 3.94 0.60
N PHE V 167 53.49 3.37 1.69
CA PHE V 167 54.28 2.44 2.48
C PHE V 167 54.59 1.16 1.71
N SER V 168 53.63 0.66 0.93
CA SER V 168 53.87 -0.51 0.11
C SER V 168 54.82 -0.20 -1.04
N ASP V 169 54.77 1.02 -1.57
CA ASP V 169 55.78 1.44 -2.53
C ASP V 169 57.17 1.33 -1.90
N ILE V 170 57.31 1.81 -0.67
CA ILE V 170 58.59 1.71 0.02
C ILE V 170 58.99 0.25 0.23
N LEU V 171 58.03 -0.58 0.66
CA LEU V 171 58.35 -1.97 0.99
C LEU V 171 58.76 -2.76 -0.24
N SER V 172 58.01 -2.64 -1.33
CA SER V 172 58.41 -3.30 -2.57
C SER V 172 59.73 -2.74 -3.08
N LYS V 173 59.91 -1.42 -2.97
CA LYS V 173 61.17 -0.79 -3.37
C LYS V 173 62.32 -1.20 -2.45
N MET V 174 62.02 -1.74 -1.27
CA MET V 174 63.07 -2.25 -0.39
C MET V 174 63.80 -3.43 -0.99
N GLY V 175 63.13 -4.24 -1.79
CA GLY V 175 63.65 -5.51 -2.26
C GLY V 175 65.01 -5.44 -2.93
N GLY V 176 65.29 -4.34 -3.62
CA GLY V 176 66.54 -4.22 -4.35
C GLY V 176 67.73 -3.75 -3.53
N TRP V 177 67.78 -4.12 -2.25
CA TRP V 177 68.92 -3.81 -1.40
C TRP V 177 69.40 -5.05 -0.66
N LEU V 178 69.59 -6.14 -1.39
CA LEU V 178 70.18 -7.34 -0.82
C LEU V 178 71.37 -7.78 -1.66
N LEU V 179 72.45 -8.14 -0.97
CA LEU V 179 73.63 -8.65 -1.65
C LEU V 179 74.13 -9.86 -0.89
N PRO V 180 74.69 -10.86 -1.56
CA PRO V 180 75.27 -11.99 -0.82
C PRO V 180 76.48 -11.57 -0.01
N GLY V 181 76.59 -12.10 1.19
CA GLY V 181 77.70 -11.78 2.07
C GLY V 181 78.78 -12.82 2.05
N LYS V 182 79.91 -12.51 1.42
CA LYS V 182 81.06 -13.40 1.30
C LYS V 182 80.72 -14.71 0.62
N ASP V 183 79.63 -14.72 -0.18
CA ASP V 183 79.13 -15.92 -0.83
C ASP V 183 78.96 -17.04 0.22
N GLY V 184 78.11 -16.79 1.20
CA GLY V 184 77.88 -17.76 2.26
C GLY V 184 76.58 -17.51 3.00
N ASN V 185 76.58 -17.79 4.31
CA ASN V 185 75.39 -17.55 5.12
C ASN V 185 75.12 -16.06 5.27
N THR V 186 76.16 -15.25 5.31
CA THR V 186 75.98 -13.80 5.44
C THR V 186 75.29 -13.25 4.19
N VAL V 187 74.42 -12.27 4.41
CA VAL V 187 73.74 -11.55 3.34
C VAL V 187 73.61 -10.11 3.79
N LYS V 188 74.28 -9.19 3.08
CA LYS V 188 74.31 -7.80 3.50
C LYS V 188 72.92 -7.20 3.47
N LEU V 189 72.62 -6.39 4.49
CA LEU V 189 71.34 -5.71 4.64
C LEU V 189 71.58 -4.22 4.67
N ASP V 190 70.76 -3.47 3.92
CA ASP V 190 70.86 -2.01 3.90
C ASP V 190 70.02 -1.44 5.03
N VAL V 191 70.63 -0.60 5.85
CA VAL V 191 69.96 0.03 6.97
C VAL V 191 69.87 1.55 6.79
N THR V 192 70.92 2.16 6.25
CA THR V 192 70.93 3.61 6.11
C THR V 192 69.86 4.08 5.13
N SER V 193 69.69 3.38 4.00
CA SER V 193 68.65 3.77 3.05
C SER V 193 67.26 3.61 3.66
N LEU V 194 67.04 2.50 4.37
CA LEU V 194 65.76 2.30 5.04
C LEU V 194 65.55 3.35 6.12
N LYS V 195 66.60 3.68 6.87
CA LYS V 195 66.49 4.73 7.88
C LYS V 195 66.04 6.04 7.26
N ASN V 196 66.71 6.48 6.20
CA ASN V 196 66.36 7.74 5.56
C ASN V 196 64.95 7.70 4.99
N ASP V 197 64.59 6.60 4.33
CA ASP V 197 63.27 6.52 3.71
C ASP V 197 62.16 6.56 4.77
N LEU V 198 62.31 5.79 5.84
CA LEU V 198 61.26 5.74 6.85
C LEU V 198 61.20 7.04 7.64
N ASN V 199 62.35 7.66 7.91
CA ASN V 199 62.33 8.96 8.59
C ASN V 199 61.68 10.02 7.71
N SER V 200 61.95 9.99 6.40
CA SER V 200 61.29 10.92 5.50
C SER V 200 59.78 10.68 5.46
N LEU V 201 59.36 9.42 5.47
CA LEU V 201 57.94 9.12 5.48
C LEU V 201 57.29 9.65 6.76
N VAL V 202 57.95 9.48 7.91
CA VAL V 202 57.43 10.01 9.16
C VAL V 202 57.33 11.53 9.08
N ASN V 203 58.39 12.18 8.62
CA ASN V 203 58.41 13.64 8.58
C ASN V 203 57.31 14.17 7.67
N LYS V 204 57.09 13.53 6.53
CA LYS V 204 56.04 13.98 5.62
C LYS V 204 54.66 13.65 6.14
N TYR V 205 54.53 12.60 6.94
CA TYR V 205 53.22 12.21 7.47
C TYR V 205 52.98 12.67 8.89
N ASN V 206 53.94 13.36 9.51
CA ASN V 206 53.75 13.90 10.84
C ASN V 206 53.16 15.29 10.84
N GLN V 207 53.06 15.94 9.68
CA GLN V 207 52.48 17.26 9.59
C GLN V 207 50.96 17.16 9.49
N ILE V 208 50.31 18.31 9.28
CA ILE V 208 48.86 18.38 9.20
C ILE V 208 48.53 19.10 7.89
N ASN V 209 48.08 18.34 6.89
CA ASN V 209 47.62 18.90 5.64
C ASN V 209 46.55 17.98 5.05
N SER V 210 46.26 18.15 3.77
CA SER V 210 45.17 17.42 3.13
C SER V 210 45.36 15.91 3.13
N ASN V 211 46.60 15.42 3.13
CA ASN V 211 46.85 13.99 3.02
C ASN V 211 47.42 13.39 4.30
N THR V 212 47.28 14.07 5.44
CA THR V 212 47.84 13.54 6.68
C THR V 212 46.89 13.69 7.86
N VAL V 213 45.62 13.97 7.62
CA VAL V 213 44.66 14.19 8.70
C VAL V 213 43.46 13.27 8.49
N LEU V 214 42.98 12.71 9.59
CA LEU V 214 41.81 11.84 9.60
C LEU V 214 40.53 12.61 9.90
N PHE V 215 40.48 13.30 11.05
CA PHE V 215 39.38 14.12 11.48
C PHE V 215 39.87 15.55 11.71
N PRO V 216 39.08 16.58 11.37
CA PRO V 216 37.71 16.54 10.86
C PRO V 216 37.61 16.40 9.34
N ALA V 217 38.42 15.52 8.76
CA ALA V 217 38.33 15.17 7.35
C ALA V 217 38.45 16.41 6.47
N GLN V 218 39.57 17.12 6.66
CA GLN V 218 39.81 18.33 5.89
C GLN V 218 39.94 18.00 4.41
N SER V 219 39.35 18.84 3.57
CA SER V 219 39.42 18.67 2.13
C SER V 219 39.31 20.03 1.47
N GLY V 220 39.78 20.12 0.23
CA GLY V 220 39.69 21.33 -0.55
C GLY V 220 40.85 22.28 -0.33
N SER V 221 40.87 22.98 0.81
CA SER V 221 41.91 23.96 1.07
C SER V 221 42.00 24.20 2.57
N GLY V 222 43.13 24.78 2.97
CA GLY V 222 43.35 25.11 4.37
C GLY V 222 43.46 23.88 5.24
N VAL V 223 43.31 24.09 6.53
CA VAL V 223 43.25 23.01 7.52
C VAL V 223 42.11 23.31 8.48
N LYS V 224 41.19 22.36 8.62
CA LYS V 224 40.05 22.53 9.51
C LYS V 224 40.38 21.92 10.87
N VAL V 225 40.22 22.71 11.93
CA VAL V 225 40.47 22.23 13.28
C VAL V 225 39.20 21.62 13.86
N ALA V 226 39.34 20.90 14.97
CA ALA V 226 38.21 20.31 15.66
C ALA V 226 38.40 20.47 17.16
N THR V 227 37.28 20.43 17.89
CA THR V 227 37.32 20.59 19.33
C THR V 227 37.75 19.29 20.01
N GLU V 228 38.21 19.41 21.25
CA GLU V 228 38.79 18.28 21.95
C GLU V 228 37.74 17.20 22.23
N ALA V 229 36.51 17.60 22.56
CA ALA V 229 35.49 16.61 22.93
C ALA V 229 35.19 15.69 21.76
N GLU V 230 34.90 16.25 20.59
CA GLU V 230 34.63 15.42 19.42
C GLU V 230 35.89 14.66 19.00
N ALA V 231 37.07 15.24 19.19
CA ALA V 231 38.30 14.52 18.88
C ALA V 231 38.44 13.26 19.71
N ARG V 232 38.19 13.36 21.02
CA ARG V 232 38.25 12.18 21.88
C ARG V 232 37.15 11.19 21.54
N GLN V 233 35.94 11.69 21.24
CA GLN V 233 34.86 10.80 20.85
C GLN V 233 35.23 10.00 19.61
N TRP V 234 35.86 10.65 18.64
CA TRP V 234 36.25 9.97 17.41
C TRP V 234 37.46 9.06 17.63
N LEU V 235 38.36 9.44 18.53
CA LEU V 235 39.49 8.57 18.87
C LEU V 235 39.03 7.27 19.52
N SER V 236 38.04 7.35 20.41
CA SER V 236 37.60 6.16 21.12
C SER V 236 37.02 5.12 20.16
N GLU V 237 36.21 5.54 19.19
CA GLU V 237 35.58 4.62 18.27
C GLU V 237 36.39 4.36 17.00
N LEU V 238 37.44 5.14 16.75
CA LEU V 238 38.37 4.80 15.68
C LEU V 238 39.46 3.85 16.17
N ASN V 239 39.52 3.62 17.47
CA ASN V 239 40.47 2.67 18.07
C ASN V 239 41.92 3.05 17.73
N LEU V 240 42.32 4.22 18.22
CA LEU V 240 43.66 4.73 18.02
C LEU V 240 44.29 5.10 19.37
N PRO V 241 45.61 5.06 19.46
CA PRO V 241 46.28 5.45 20.71
C PRO V 241 46.18 6.94 20.95
N ASN V 242 46.35 7.31 22.23
CA ASN V 242 46.25 8.72 22.62
C ASN V 242 47.34 9.58 21.97
N SER V 243 48.45 8.98 21.55
CA SER V 243 49.52 9.74 20.93
C SER V 243 49.22 10.01 19.46
N CYS V 244 48.04 10.57 19.18
CA CYS V 244 47.64 10.89 17.82
C CYS V 244 47.03 12.26 17.68
N LEU V 245 46.70 12.96 18.77
CA LEU V 245 46.06 14.27 18.70
C LEU V 245 47.11 15.34 18.50
N LYS V 246 46.98 16.09 17.41
CA LYS V 246 47.81 17.25 17.15
C LYS V 246 46.94 18.49 17.13
N SER V 247 47.50 19.60 17.61
CA SER V 247 46.79 20.88 17.67
C SER V 247 47.32 21.77 16.55
N TYR V 248 46.41 22.21 15.68
CA TYR V 248 46.78 23.13 14.62
C TYR V 248 46.51 24.57 15.06
N GLY V 249 47.14 24.94 16.17
CA GLY V 249 46.98 26.28 16.72
C GLY V 249 45.68 26.46 17.48
N SER V 250 44.56 26.46 16.77
CA SER V 250 43.27 26.74 17.40
C SER V 250 42.70 25.49 18.07
N GLY V 251 42.42 24.45 17.28
CA GLY V 251 41.75 23.29 17.82
C GLY V 251 42.59 22.03 17.81
N TYR V 252 41.96 20.89 17.51
CA TYR V 252 42.63 19.61 17.50
C TYR V 252 42.32 18.86 16.21
N VAL V 253 43.27 18.04 15.78
CA VAL V 253 43.06 17.16 14.64
C VAL V 253 43.56 15.77 15.01
N VAL V 254 43.03 14.76 14.31
CA VAL V 254 43.40 13.37 14.53
C VAL V 254 44.09 12.87 13.27
N THR V 255 45.28 12.30 13.43
CA THR V 255 46.07 11.82 12.32
C THR V 255 46.24 10.30 12.43
N VAL V 256 46.98 9.74 11.47
CA VAL V 256 47.23 8.30 11.43
C VAL V 256 48.13 7.91 12.58
N ASP V 257 47.99 6.67 13.04
CA ASP V 257 48.85 6.16 14.10
C ASP V 257 50.20 5.78 13.51
N LEU V 258 51.23 6.56 13.84
CA LEU V 258 52.57 6.31 13.35
C LEU V 258 53.45 5.59 14.35
N THR V 259 52.91 5.20 15.51
CA THR V 259 53.72 4.53 16.51
C THR V 259 54.34 3.21 16.02
N PRO V 260 53.62 2.31 15.33
CA PRO V 260 54.30 1.09 14.87
C PRO V 260 55.45 1.38 13.92
N LEU V 261 55.27 2.33 13.01
CA LEU V 261 56.30 2.60 12.01
C LEU V 261 57.50 3.29 12.66
N GLN V 262 57.26 4.22 13.57
CA GLN V 262 58.37 4.90 14.22
C GLN V 262 59.13 3.95 15.15
N LYS V 263 58.42 3.07 15.84
CA LYS V 263 59.12 2.09 16.66
C LYS V 263 59.87 1.09 15.78
N MET V 264 59.35 0.82 14.58
CA MET V 264 60.07 -0.05 13.65
C MET V 264 61.38 0.60 13.19
N VAL V 265 61.34 1.87 12.82
CA VAL V 265 62.56 2.52 12.38
C VAL V 265 63.50 2.75 13.56
N GLN V 266 62.96 2.79 14.78
CA GLN V 266 63.83 2.88 15.95
C GLN V 266 64.52 1.55 16.24
N ASP V 267 63.79 0.43 16.14
CA ASP V 267 64.35 -0.87 16.46
C ASP V 267 65.27 -1.41 15.36
N ILE V 268 65.06 -0.98 14.11
CA ILE V 268 65.97 -1.38 13.05
C ILE V 268 67.37 -0.85 13.33
N ASP V 269 67.47 0.24 14.11
CA ASP V 269 68.76 0.70 14.58
C ASP V 269 69.42 -0.30 15.52
N GLY V 270 68.63 -0.95 16.38
CA GLY V 270 69.16 -1.94 17.30
C GLY V 270 69.56 -3.23 16.66
N LEU V 271 69.39 -3.36 15.35
CA LEU V 271 69.79 -4.55 14.60
C LEU V 271 71.30 -4.65 14.44
N GLY V 272 72.02 -3.57 14.70
CA GLY V 272 73.45 -3.51 14.53
C GLY V 272 73.88 -2.10 14.21
N ALA V 273 75.05 -1.96 13.60
CA ALA V 273 75.58 -0.67 13.24
C ALA V 273 76.04 -0.65 11.80
N PRO V 274 75.90 0.49 11.11
CA PRO V 274 76.39 0.60 9.73
C PRO V 274 77.85 1.06 9.66
N GLY V 275 78.74 0.30 10.28
CA GLY V 275 80.16 0.62 10.23
C GLY V 275 80.70 0.60 8.82
N LYS V 276 80.17 -0.29 7.99
CA LYS V 276 80.55 -0.34 6.59
C LYS V 276 80.05 0.90 5.85
N ASP V 277 80.66 1.16 4.69
CA ASP V 277 80.31 2.36 3.93
C ASP V 277 78.93 2.23 3.31
N SER V 278 78.49 1.01 3.00
CA SER V 278 77.26 0.80 2.23
C SER V 278 76.14 0.18 3.06
N LYS V 279 76.37 -0.98 3.66
CA LYS V 279 75.28 -1.72 4.29
C LYS V 279 75.83 -2.62 5.38
N LEU V 280 74.94 -3.16 6.19
CA LEU V 280 75.32 -3.96 7.34
C LEU V 280 75.51 -5.43 6.96
N GLU V 281 76.47 -6.08 7.61
CA GLU V 281 76.79 -7.49 7.38
C GLU V 281 75.88 -8.34 8.25
N MET V 282 75.04 -9.15 7.60
CA MET V 282 73.85 -9.69 8.24
C MET V 282 73.76 -11.19 7.96
N ASP V 283 73.61 -11.99 9.01
CA ASP V 283 73.60 -13.44 8.85
C ASP V 283 72.17 -13.96 8.75
N ASN V 284 72.04 -15.21 8.28
CA ASN V 284 70.73 -15.76 7.92
C ASN V 284 69.80 -15.92 9.12
N ALA V 285 70.30 -16.33 10.28
CA ALA V 285 69.41 -16.53 11.43
C ALA V 285 68.82 -15.21 11.91
N LYS V 286 69.67 -14.21 12.11
CA LYS V 286 69.18 -12.89 12.50
C LYS V 286 68.34 -12.27 11.40
N TYR V 287 68.69 -12.53 10.13
CA TYR V 287 67.88 -12.02 9.03
C TYR V 287 66.49 -12.63 9.05
N GLN V 288 66.39 -13.93 9.31
CA GLN V 288 65.09 -14.57 9.39
C GLN V 288 64.28 -14.02 10.56
N ALA V 289 64.94 -13.79 11.70
CA ALA V 289 64.23 -13.21 12.84
C ALA V 289 63.72 -11.81 12.52
N TRP V 290 64.56 -10.98 11.90
CA TRP V 290 64.14 -9.63 11.54
C TRP V 290 63.03 -9.64 10.51
N GLN V 291 63.09 -10.55 9.53
CA GLN V 291 62.02 -10.66 8.55
C GLN V 291 60.73 -11.12 9.21
N SER V 292 60.81 -12.02 10.19
CA SER V 292 59.63 -12.41 10.94
C SER V 292 59.01 -11.22 11.65
N GLY V 293 59.84 -10.40 12.29
CA GLY V 293 59.31 -9.18 12.91
C GLY V 293 58.68 -8.24 11.92
N PHE V 294 59.33 -8.06 10.76
CA PHE V 294 58.80 -7.17 9.73
C PHE V 294 57.46 -7.66 9.21
N LYS V 295 57.34 -8.96 8.95
CA LYS V 295 56.07 -9.49 8.45
C LYS V 295 55.00 -9.44 9.53
N ALA V 296 55.38 -9.60 10.79
CA ALA V 296 54.42 -9.42 11.87
C ALA V 296 53.87 -8.00 11.88
N GLN V 297 54.75 -7.01 11.74
CA GLN V 297 54.28 -5.63 11.66
C GLN V 297 53.40 -5.41 10.44
N GLU V 298 53.76 -6.02 9.32
CA GLU V 298 52.99 -5.85 8.09
C GLU V 298 51.59 -6.42 8.24
N GLU V 299 51.47 -7.63 8.78
CA GLU V 299 50.15 -8.21 9.00
C GLU V 299 49.38 -7.47 10.07
N ASN V 300 50.07 -6.86 11.04
CA ASN V 300 49.36 -6.00 12.00
C ASN V 300 48.74 -4.80 11.30
N MET V 301 49.48 -4.18 10.38
CA MET V 301 48.92 -3.04 9.64
C MET V 301 47.81 -3.50 8.71
N LYS V 302 47.93 -4.70 8.12
CA LYS V 302 46.82 -5.31 7.42
C LYS V 302 45.59 -5.41 8.30
N THR V 303 45.73 -5.91 9.52
CA THR V 303 44.57 -6.03 10.41
C THR V 303 43.97 -4.66 10.70
N THR V 304 44.82 -3.66 10.92
CA THR V 304 44.32 -2.31 11.17
C THR V 304 43.51 -1.78 9.99
N LEU V 305 44.07 -1.88 8.78
CA LEU V 305 43.37 -1.35 7.62
C LEU V 305 42.12 -2.15 7.31
N GLN V 306 42.15 -3.47 7.55
CA GLN V 306 40.95 -4.27 7.36
C GLN V 306 39.85 -3.87 8.33
N THR V 307 40.21 -3.58 9.58
CA THR V 307 39.21 -3.08 10.52
C THR V 307 38.65 -1.75 10.05
N LEU V 308 39.52 -0.84 9.59
CA LEU V 308 39.04 0.46 9.14
C LEU V 308 38.09 0.32 7.95
N THR V 309 38.40 -0.56 7.01
CA THR V 309 37.51 -0.78 5.87
C THR V 309 36.22 -1.47 6.29
N GLN V 310 36.31 -2.46 7.18
CA GLN V 310 35.12 -3.14 7.68
C GLN V 310 34.23 -2.21 8.48
N LYS V 311 34.77 -1.08 8.95
CA LYS V 311 33.91 -0.09 9.58
C LYS V 311 32.89 0.49 8.62
N TYR V 312 33.03 0.28 7.31
CA TYR V 312 31.92 0.51 6.40
C TYR V 312 30.72 -0.36 6.75
N SER V 313 30.96 -1.65 7.03
CA SER V 313 29.86 -2.54 7.38
C SER V 313 29.16 -2.08 8.66
N ASN V 314 29.82 -1.24 9.46
CA ASN V 314 29.20 -0.72 10.66
C ASN V 314 28.59 0.66 10.47
N ALA V 315 29.12 1.46 9.55
CA ALA V 315 28.70 2.85 9.40
C ALA V 315 27.79 3.08 8.19
N ASN V 316 28.18 2.58 7.02
CA ASN V 316 27.35 2.76 5.84
C ASN V 316 26.02 2.05 6.00
N SER V 317 26.02 0.89 6.66
CA SER V 317 24.77 0.18 6.90
C SER V 317 23.83 1.00 7.77
N LEU V 318 24.34 1.56 8.87
CA LEU V 318 23.49 2.39 9.70
C LEU V 318 23.07 3.67 9.00
N TYR V 319 23.91 4.19 8.10
CA TYR V 319 23.52 5.39 7.36
C TYR V 319 22.41 5.08 6.36
N ASP V 320 22.48 3.93 5.70
CA ASP V 320 21.40 3.51 4.82
C ASP V 320 20.15 3.10 5.58
N ASN V 321 20.27 2.74 6.86
CA ASN V 321 19.09 2.58 7.69
C ASN V 321 18.52 3.92 8.14
N LEU V 322 19.40 4.90 8.39
CA LEU V 322 18.98 6.21 8.87
C LEU V 322 18.46 7.11 7.76
N VAL V 323 18.77 6.82 6.50
CA VAL V 323 18.17 7.57 5.41
C VAL V 323 16.67 7.29 5.32
N LYS V 324 16.19 6.29 6.05
CA LYS V 324 14.75 5.97 6.14
C LYS V 324 13.99 6.99 6.98
N VAL V 325 14.60 8.13 7.33
CA VAL V 325 13.82 9.25 7.85
C VAL V 325 12.91 9.79 6.77
N LEU V 326 13.09 9.35 5.52
CA LEU V 326 12.14 9.66 4.47
C LEU V 326 10.72 9.23 4.83
N SER V 327 10.57 8.19 5.65
CA SER V 327 9.25 7.80 6.12
C SER V 327 8.59 8.92 6.90
N SER V 328 9.37 9.72 7.62
CA SER V 328 8.80 10.84 8.37
C SER V 328 8.19 11.89 7.46
N THR V 329 8.53 11.89 6.17
CA THR V 329 7.87 12.77 5.21
C THR V 329 6.80 12.04 4.41
N ILE V 330 7.01 10.76 4.11
CA ILE V 330 5.96 9.99 3.44
C ILE V 330 4.77 9.82 4.37
N SER V 331 5.02 9.41 5.61
CA SER V 331 3.92 9.14 6.54
C SER V 331 3.25 10.42 7.00
N SER V 332 4.00 11.50 7.18
CA SER V 332 3.39 12.78 7.55
C SER V 332 2.71 13.47 6.37
N SER V 333 2.70 12.85 5.20
CA SER V 333 1.87 13.30 4.10
C SER V 333 0.66 12.42 3.86
N LEU V 334 0.72 11.16 4.32
CA LEU V 334 -0.43 10.27 4.26
C LEU V 334 -1.44 10.55 5.36
N GLU V 335 -1.16 11.53 6.22
CA GLU V 335 -2.11 12.01 7.21
C GLU V 335 -3.15 12.95 6.61
N THR V 336 -3.26 12.98 5.27
CA THR V 336 -4.15 13.91 4.59
C THR V 336 -5.62 13.69 4.96
N ALA V 337 -5.91 12.72 5.82
CA ALA V 337 -7.25 12.56 6.35
C ALA V 337 -7.70 13.80 7.12
N LYS V 338 -6.77 14.62 7.61
CA LYS V 338 -7.16 15.91 8.18
C LYS V 338 -7.89 16.75 7.15
N SER V 339 -7.41 16.74 5.93
CA SER V 339 -8.07 17.42 4.82
C SER V 339 -8.62 16.40 3.80
N PHE V 340 -9.20 15.31 4.29
CA PHE V 340 -9.69 14.24 3.41
C PHE V 340 -8.66 13.83 2.35
N PRO W 4 -13.21 40.22 -15.60
CA PRO W 4 -12.56 39.19 -14.78
C PRO W 4 -13.36 38.87 -13.53
N TRP W 5 -14.42 38.07 -13.70
CA TRP W 5 -15.28 37.74 -12.57
C TRP W 5 -14.57 36.80 -11.62
N SER W 6 -14.89 36.94 -10.33
CA SER W 6 -14.26 36.11 -9.29
C SER W 6 -15.23 36.06 -8.10
N GLY W 7 -15.80 34.88 -7.87
CA GLY W 7 -16.69 34.64 -6.75
C GLY W 7 -15.95 34.17 -5.51
N TYR W 8 -16.73 33.77 -4.51
CA TYR W 8 -16.15 33.29 -3.26
C TYR W 8 -15.31 32.03 -3.50
N LEU W 9 -15.85 31.09 -4.27
CA LEU W 9 -15.07 29.92 -4.64
C LEU W 9 -13.84 30.32 -5.43
N ASP W 10 -14.00 31.25 -6.38
CA ASP W 10 -12.87 31.76 -7.14
C ASP W 10 -11.87 32.46 -6.23
N ASP W 11 -12.36 33.22 -5.26
CA ASP W 11 -11.47 33.93 -4.35
C ASP W 11 -10.62 32.93 -3.58
N VAL W 12 -11.24 31.87 -3.05
CA VAL W 12 -10.48 30.87 -2.29
C VAL W 12 -9.51 30.14 -3.20
N SER W 13 -9.95 29.79 -4.41
CA SER W 13 -9.07 29.09 -5.34
C SER W 13 -7.83 29.91 -5.67
N ALA W 14 -8.00 31.21 -5.93
CA ALA W 14 -6.85 32.07 -6.15
C ALA W 14 -6.01 32.24 -4.90
N LYS W 15 -6.65 32.25 -3.72
CA LYS W 15 -5.91 32.36 -2.48
C LYS W 15 -4.94 31.20 -2.30
N PHE W 16 -5.37 29.99 -2.63
CA PHE W 16 -4.44 28.87 -2.65
C PHE W 16 -3.49 28.92 -3.84
N ASP W 17 -3.94 29.49 -4.97
CA ASP W 17 -3.12 29.53 -6.17
C ASP W 17 -1.85 30.33 -5.95
N THR W 18 -1.97 31.45 -5.24
CA THR W 18 -0.80 32.30 -4.97
C THR W 18 0.33 31.48 -4.37
N GLY W 19 0.03 30.58 -3.45
CA GLY W 19 1.07 29.77 -2.83
C GLY W 19 1.45 28.56 -3.65
N VAL W 20 0.47 27.91 -4.29
CA VAL W 20 0.79 26.67 -4.99
C VAL W 20 1.66 26.95 -6.20
N ASP W 21 1.51 28.11 -6.83
CA ASP W 21 2.36 28.43 -7.98
C ASP W 21 3.82 28.58 -7.58
N ASN W 22 4.09 29.34 -6.53
CA ASN W 22 5.48 29.51 -6.10
C ASN W 22 6.05 28.20 -5.59
N LEU W 23 5.22 27.39 -4.93
CA LEU W 23 5.70 26.08 -4.48
C LEU W 23 6.02 25.16 -5.65
N GLN W 24 5.23 25.24 -6.73
CA GLN W 24 5.55 24.48 -7.93
C GLN W 24 6.87 24.95 -8.54
N THR W 25 7.10 26.26 -8.56
CA THR W 25 8.39 26.76 -9.05
C THR W 25 9.54 26.24 -8.18
N GLN W 26 9.34 26.23 -6.86
CA GLN W 26 10.39 25.73 -5.97
C GLN W 26 10.65 24.25 -6.18
N VAL W 27 9.59 23.45 -6.37
CA VAL W 27 9.83 22.02 -6.56
C VAL W 27 10.49 21.75 -7.90
N THR W 28 10.17 22.55 -8.93
CA THR W 28 10.88 22.43 -10.19
C THR W 28 12.36 22.75 -10.02
N GLU W 29 12.66 23.82 -9.27
CA GLU W 29 14.05 24.17 -9.02
C GLU W 29 14.75 23.07 -8.22
N ALA W 30 14.04 22.45 -7.26
CA ALA W 30 14.62 21.36 -6.49
C ALA W 30 14.92 20.16 -7.38
N LEU W 31 14.02 19.86 -8.32
CA LEU W 31 14.30 18.78 -9.27
C LEU W 31 15.52 19.10 -10.11
N ASP W 32 15.65 20.36 -10.55
CA ASP W 32 16.84 20.75 -11.31
C ASP W 32 18.11 20.58 -10.48
N LYS W 33 18.06 20.98 -9.20
CA LYS W 33 19.21 20.81 -8.33
C LYS W 33 19.55 19.33 -8.12
N LEU W 34 18.54 18.48 -7.96
CA LEU W 34 18.78 17.05 -7.84
C LEU W 34 19.40 16.50 -9.11
N ALA W 35 18.97 17.01 -10.27
CA ALA W 35 19.61 16.63 -11.52
C ALA W 35 21.07 17.04 -11.55
N ALA W 36 21.37 18.25 -11.04
CA ALA W 36 22.74 18.75 -11.06
C ALA W 36 23.69 17.88 -10.22
N LYS W 37 23.27 17.48 -9.02
CA LYS W 37 24.09 16.68 -8.12
C LYS W 37 23.27 15.51 -7.61
N PRO W 38 23.10 14.46 -8.42
CA PRO W 38 22.25 13.33 -8.06
C PRO W 38 22.97 12.28 -7.20
N SER W 39 23.68 12.75 -6.18
CA SER W 39 24.42 11.87 -5.29
C SER W 39 23.91 11.96 -3.86
N ASP W 40 23.77 13.16 -3.32
CA ASP W 40 23.38 13.32 -1.94
C ASP W 40 21.90 13.02 -1.76
N PRO W 41 21.55 12.03 -0.94
CA PRO W 41 20.15 11.71 -0.69
C PRO W 41 19.38 12.80 0.03
N ALA W 42 20.07 13.74 0.68
CA ALA W 42 19.38 14.83 1.36
C ALA W 42 18.66 15.72 0.35
N LEU W 43 19.27 15.93 -0.82
CA LEU W 43 18.59 16.67 -1.87
C LEU W 43 17.32 15.96 -2.32
N LEU W 44 17.39 14.63 -2.44
CA LEU W 44 16.20 13.84 -2.75
C LEU W 44 15.14 14.01 -1.67
N ALA W 45 15.57 14.01 -0.39
CA ALA W 45 14.63 14.19 0.70
C ALA W 45 13.94 15.54 0.62
N ALA W 46 14.71 16.60 0.37
CA ALA W 46 14.13 17.93 0.26
C ALA W 46 13.17 18.02 -0.91
N TYR W 47 13.55 17.47 -2.06
CA TYR W 47 12.67 17.49 -3.22
C TYR W 47 11.37 16.73 -2.94
N GLN W 48 11.47 15.56 -2.32
CA GLN W 48 10.28 14.78 -2.00
C GLN W 48 9.38 15.52 -1.02
N SER W 49 9.97 16.14 0.00
CA SER W 49 9.18 16.90 0.96
C SER W 49 8.48 18.07 0.28
N LYS W 50 9.17 18.76 -0.62
CA LYS W 50 8.56 19.92 -1.27
C LYS W 50 7.47 19.50 -2.24
N LEU W 51 7.65 18.39 -2.95
CA LEU W 51 6.58 17.86 -3.78
C LEU W 51 5.38 17.45 -2.93
N SER W 52 5.63 16.84 -1.79
CA SER W 52 4.52 16.46 -0.90
C SER W 52 3.76 17.68 -0.42
N GLU W 53 4.47 18.75 -0.07
CA GLU W 53 3.80 19.97 0.36
C GLU W 53 3.04 20.62 -0.80
N TYR W 54 3.56 20.51 -2.02
CA TYR W 54 2.82 20.95 -3.21
C TYR W 54 1.50 20.21 -3.35
N ASN W 55 1.55 18.88 -3.25
CA ASN W 55 0.32 18.09 -3.31
C ASN W 55 -0.61 18.46 -2.16
N LEU W 56 -0.06 18.78 -1.00
CA LEU W 56 -0.87 19.20 0.13
C LEU W 56 -1.60 20.51 -0.16
N TYR W 57 -0.90 21.49 -0.73
CA TYR W 57 -1.55 22.72 -1.17
C TYR W 57 -2.71 22.41 -2.10
N ARG W 58 -2.44 21.63 -3.15
CA ARG W 58 -3.46 21.40 -4.16
C ARG W 58 -4.67 20.67 -3.58
N ASN W 59 -4.43 19.67 -2.73
CA ASN W 59 -5.54 18.91 -2.17
C ASN W 59 -6.33 19.72 -1.15
N ALA W 60 -5.67 20.58 -0.37
CA ALA W 60 -6.41 21.47 0.52
C ALA W 60 -7.29 22.41 -0.29
N GLN W 61 -6.77 22.93 -1.41
CA GLN W 61 -7.60 23.78 -2.26
C GLN W 61 -8.80 23.02 -2.80
N SER W 62 -8.58 21.78 -3.25
CA SER W 62 -9.68 20.96 -3.75
C SER W 62 -10.73 20.76 -2.67
N ASN W 63 -10.27 20.46 -1.45
CA ASN W 63 -11.19 20.25 -0.34
C ASN W 63 -12.01 21.49 -0.05
N THR W 64 -11.37 22.66 -0.05
CA THR W 64 -12.11 23.88 0.29
C THR W 64 -13.13 24.21 -0.79
N VAL W 65 -12.74 24.07 -2.06
CA VAL W 65 -13.68 24.35 -3.14
C VAL W 65 -14.82 23.34 -3.15
N LYS W 66 -14.60 22.12 -2.68
CA LYS W 66 -15.68 21.15 -2.56
C LYS W 66 -16.59 21.39 -1.36
N VAL W 67 -16.02 21.83 -0.23
CA VAL W 67 -16.82 22.00 0.97
C VAL W 67 -17.61 23.29 0.94
N PHE W 68 -17.14 24.30 0.19
CA PHE W 68 -17.97 25.48 -0.02
C PHE W 68 -18.91 25.29 -1.20
N LYS W 69 -18.88 24.11 -1.81
CA LYS W 69 -19.79 23.68 -2.86
C LYS W 69 -20.97 22.89 -2.30
N ASP W 70 -20.68 21.87 -1.50
CA ASP W 70 -21.77 21.05 -0.98
C ASP W 70 -22.64 21.82 0.00
N ILE W 71 -22.05 22.70 0.81
CA ILE W 71 -22.83 23.42 1.82
C ILE W 71 -23.85 24.33 1.15
N ASP W 72 -23.42 25.14 0.18
CA ASP W 72 -24.37 26.05 -0.43
C ASP W 72 -25.27 25.36 -1.44
N ALA W 73 -24.86 24.21 -2.00
CA ALA W 73 -25.80 23.38 -2.74
C ALA W 73 -26.92 22.90 -1.83
N ALA W 74 -26.58 22.50 -0.60
CA ALA W 74 -27.62 22.13 0.35
C ALA W 74 -28.47 23.33 0.76
N ILE W 75 -27.86 24.50 0.89
CA ILE W 75 -28.63 25.71 1.22
C ILE W 75 -29.67 25.98 0.16
N ILE W 76 -29.27 25.93 -1.12
CA ILE W 76 -30.22 26.17 -2.21
C ILE W 76 -31.12 24.98 -2.48
N GLN W 77 -30.82 23.81 -1.93
CA GLN W 77 -31.77 22.72 -2.00
C GLN W 77 -33.01 23.03 -1.17
N ASN W 78 -32.82 23.60 0.02
CA ASN W 78 -33.92 24.06 0.87
C ASN W 78 -34.37 25.47 0.51
N PHE W 79 -34.04 25.93 -0.69
CA PHE W 79 -34.27 27.33 -1.05
C PHE W 79 -35.75 27.67 -1.14
N ARG W 80 -36.60 26.66 -1.31
CA ARG W 80 -38.03 26.90 -1.37
C ARG W 80 -38.63 26.82 0.02
N ILE X 129 -0.75 -3.97 30.39
CA ILE X 129 -1.42 -3.89 29.10
C ILE X 129 -1.30 -2.49 28.53
N SER X 130 -0.26 -2.27 27.73
CA SER X 130 -0.06 -1.00 27.04
C SER X 130 0.81 -1.25 25.82
N ASP X 131 0.54 -0.51 24.74
CA ASP X 131 1.32 -0.61 23.52
C ASP X 131 2.12 0.65 23.22
N ALA X 132 1.98 1.69 24.04
CA ALA X 132 2.83 2.87 23.90
C ALA X 132 4.17 2.67 24.58
N GLU X 133 4.18 1.96 25.71
CA GLU X 133 5.42 1.66 26.42
C GLU X 133 6.17 0.48 25.82
N ILE X 134 5.54 -0.30 24.94
CA ILE X 134 6.25 -1.41 24.33
C ILE X 134 7.33 -0.89 23.38
N TRP X 135 7.07 0.23 22.71
CA TRP X 135 8.09 0.83 21.85
C TRP X 135 9.25 1.39 22.66
N ASP X 136 8.96 1.99 23.83
CA ASP X 136 10.04 2.41 24.72
C ASP X 136 10.84 1.20 25.20
N MET X 137 10.15 0.10 25.49
CA MET X 137 10.82 -1.12 25.90
C MET X 137 11.73 -1.64 24.79
N VAL X 138 11.25 -1.60 23.55
CA VAL X 138 12.08 -1.99 22.41
C VAL X 138 13.30 -1.09 22.29
N SER X 139 13.08 0.23 22.42
CA SER X 139 14.18 1.17 22.26
C SER X 139 15.24 0.96 23.33
N GLN X 140 14.83 0.74 24.57
CA GLN X 140 15.80 0.53 25.64
C GLN X 140 16.41 -0.86 25.60
N ASN X 141 15.72 -1.86 25.05
CA ASN X 141 16.31 -3.19 24.93
C ASN X 141 17.36 -3.24 23.83
N ILE X 142 17.12 -2.54 22.72
CA ILE X 142 18.10 -2.52 21.65
C ILE X 142 19.42 -1.92 22.12
N SER X 143 19.38 -0.86 22.92
CA SER X 143 20.59 -0.30 23.50
C SER X 143 21.06 -1.04 24.74
N ALA X 144 20.19 -1.87 25.35
CA ALA X 144 20.59 -2.66 26.50
C ALA X 144 21.44 -3.85 26.12
N ILE X 145 21.38 -4.30 24.87
CA ILE X 145 22.22 -5.37 24.38
C ILE X 145 23.37 -4.87 23.54
N GLY X 146 23.34 -3.61 23.11
CA GLY X 146 24.46 -3.05 22.37
C GLY X 146 25.74 -3.06 23.19
N ASP X 147 25.64 -2.64 24.45
CA ASP X 147 26.76 -2.73 25.37
C ASP X 147 26.83 -4.05 26.10
N SER X 148 25.83 -4.91 25.94
CA SER X 148 25.85 -6.24 26.54
C SER X 148 26.36 -7.31 25.59
N TYR X 149 26.13 -7.16 24.29
CA TYR X 149 26.59 -8.14 23.32
C TYR X 149 27.64 -7.57 22.37
N LEU X 150 27.33 -6.51 21.64
CA LEU X 150 28.26 -6.06 20.61
C LEU X 150 29.35 -5.17 21.21
N GLY X 151 29.01 -4.36 22.21
CA GLY X 151 30.03 -3.57 22.88
C GLY X 151 31.05 -4.43 23.59
N VAL X 152 30.61 -5.55 24.17
CA VAL X 152 31.53 -6.48 24.80
C VAL X 152 32.50 -7.03 23.77
N TYR X 153 31.98 -7.43 22.61
CA TYR X 153 32.86 -7.89 21.54
C TYR X 153 33.80 -6.80 21.07
N GLU X 154 33.32 -5.56 21.02
CA GLU X 154 34.17 -4.45 20.60
C GLU X 154 35.35 -4.29 21.54
N ASN X 155 35.09 -4.28 22.85
CA ASN X 155 36.18 -4.12 23.81
C ASN X 155 37.09 -5.34 23.82
N VAL X 156 36.52 -6.53 23.59
CA VAL X 156 37.35 -7.74 23.54
C VAL X 156 38.32 -7.67 22.37
N VAL X 157 37.82 -7.29 21.19
CA VAL X 157 38.69 -7.19 20.02
C VAL X 157 39.73 -6.10 20.23
N ALA X 158 39.31 -4.97 20.81
CA ALA X 158 40.26 -3.88 21.04
C ALA X 158 41.39 -4.32 21.98
N VAL X 159 41.04 -4.95 23.10
CA VAL X 159 42.07 -5.34 24.06
C VAL X 159 42.94 -6.46 23.50
N TYR X 160 42.37 -7.38 22.71
CA TYR X 160 43.20 -8.42 22.11
C TYR X 160 44.13 -7.84 21.06
N THR X 161 43.68 -6.83 20.31
CA THR X 161 44.59 -6.17 19.37
C THR X 161 45.69 -5.44 20.11
N ASP X 162 45.39 -4.87 21.28
CA ASP X 162 46.44 -4.27 22.09
C ASP X 162 47.44 -5.32 22.55
N PHE X 163 46.93 -6.49 22.96
CA PHE X 163 47.80 -7.59 23.37
C PHE X 163 48.71 -8.02 22.23
N TYR X 164 48.15 -8.16 21.03
CA TYR X 164 48.96 -8.53 19.88
C TYR X 164 49.92 -7.42 19.48
N GLN X 165 49.55 -6.16 19.70
CA GLN X 165 50.49 -5.06 19.49
C GLN X 165 51.69 -5.20 20.41
N ALA X 166 51.45 -5.49 21.69
CA ALA X 166 52.57 -5.68 22.62
C ALA X 166 53.43 -6.87 22.20
N PHE X 167 52.79 -7.98 21.82
CA PHE X 167 53.55 -9.16 21.43
C PHE X 167 54.36 -8.91 20.15
N SER X 168 53.76 -8.21 19.18
CA SER X 168 54.49 -7.90 17.96
C SER X 168 55.67 -6.97 18.23
N ASP X 169 55.49 -6.01 19.15
CA ASP X 169 56.60 -5.15 19.53
C ASP X 169 57.73 -5.98 20.15
N ILE X 170 57.39 -6.88 21.08
CA ILE X 170 58.42 -7.65 21.77
C ILE X 170 59.08 -8.62 20.80
N LEU X 171 58.35 -9.07 19.77
CA LEU X 171 58.93 -9.96 18.78
C LEU X 171 59.85 -9.21 17.83
N SER X 172 59.45 -8.01 17.40
CA SER X 172 60.29 -7.20 16.53
C SER X 172 61.57 -6.79 17.25
N LYS X 173 61.47 -6.50 18.55
CA LYS X 173 62.66 -6.23 19.34
C LYS X 173 63.61 -7.42 19.33
N MET X 174 63.06 -8.64 19.36
CA MET X 174 63.85 -9.85 19.54
C MET X 174 64.86 -10.07 18.41
N GLY X 175 64.66 -9.45 17.26
CA GLY X 175 65.64 -9.60 16.19
C GLY X 175 67.00 -9.05 16.55
N GLY X 176 67.06 -8.23 17.58
CA GLY X 176 68.30 -7.57 17.95
C GLY X 176 69.07 -8.20 19.10
N TRP X 177 68.90 -9.51 19.32
CA TRP X 177 69.73 -10.21 20.30
C TRP X 177 70.31 -11.52 19.76
N LEU X 178 70.94 -11.50 18.59
CA LEU X 178 71.63 -12.67 18.07
C LEU X 178 73.01 -12.29 17.56
N LEU X 179 73.98 -13.17 17.81
CA LEU X 179 75.35 -13.00 17.37
C LEU X 179 75.89 -14.35 16.90
N PRO X 180 76.89 -14.36 16.03
CA PRO X 180 77.56 -15.63 15.71
C PRO X 180 78.54 -16.01 16.80
N GLY X 181 78.75 -17.32 16.97
CA GLY X 181 79.63 -17.85 17.98
C GLY X 181 80.63 -18.82 17.41
N LYS X 182 81.91 -18.60 17.74
CA LYS X 182 83.01 -19.43 17.27
C LYS X 182 83.08 -19.48 15.74
N ASP X 183 82.38 -18.53 15.09
CA ASP X 183 82.33 -18.46 13.62
C ASP X 183 81.94 -19.80 13.00
N GLY X 184 80.93 -20.43 13.57
CA GLY X 184 80.46 -21.72 13.09
C GLY X 184 78.96 -21.78 13.06
N ASN X 185 78.41 -22.97 13.28
CA ASN X 185 76.95 -23.14 13.25
C ASN X 185 76.31 -22.60 14.52
N THR X 186 77.12 -22.23 15.52
CA THR X 186 76.58 -21.73 16.77
C THR X 186 76.21 -20.26 16.66
N VAL X 187 75.03 -19.92 17.19
CA VAL X 187 74.58 -18.53 17.28
C VAL X 187 74.07 -18.30 18.68
N LYS X 188 74.59 -17.26 19.34
CA LYS X 188 74.09 -16.90 20.65
C LYS X 188 72.66 -16.38 20.56
N LEU X 189 71.92 -16.59 21.64
CA LEU X 189 70.61 -16.00 21.83
C LEU X 189 70.51 -15.47 23.26
N ASP X 190 69.97 -14.26 23.40
CA ASP X 190 69.83 -13.63 24.71
C ASP X 190 68.56 -14.15 25.37
N VAL X 191 68.72 -14.79 26.53
CA VAL X 191 67.62 -15.38 27.25
C VAL X 191 67.16 -14.51 28.41
N THR X 192 68.11 -13.94 29.16
CA THR X 192 67.74 -13.11 30.30
C THR X 192 66.98 -11.87 29.86
N SER X 193 67.38 -11.25 28.75
CA SER X 193 66.63 -10.11 28.23
C SER X 193 65.23 -10.52 27.81
N LEU X 194 65.11 -11.62 27.06
CA LEU X 194 63.79 -12.08 26.64
C LEU X 194 62.94 -12.49 27.83
N LYS X 195 63.53 -13.20 28.80
CA LYS X 195 62.78 -13.57 29.99
C LYS X 195 62.28 -12.33 30.73
N ASN X 196 63.15 -11.34 30.91
CA ASN X 196 62.75 -10.12 31.60
C ASN X 196 61.63 -9.42 30.86
N ASP X 197 61.75 -9.30 29.54
CA ASP X 197 60.75 -8.59 28.75
C ASP X 197 59.40 -9.30 28.80
N LEU X 198 59.39 -10.62 28.60
CA LEU X 198 58.14 -11.36 28.61
C LEU X 198 57.50 -11.34 29.99
N ASN X 199 58.30 -11.49 31.04
CA ASN X 199 57.75 -11.45 32.40
C ASN X 199 57.18 -10.07 32.72
N SER X 200 57.86 -9.01 32.27
CA SER X 200 57.33 -7.66 32.46
C SER X 200 56.02 -7.48 31.71
N LEU X 201 55.93 -8.02 30.50
CA LEU X 201 54.68 -7.94 29.75
C LEU X 201 53.56 -8.66 30.49
N VAL X 202 53.84 -9.86 31.02
CA VAL X 202 52.83 -10.59 31.77
C VAL X 202 52.40 -9.79 33.00
N ASN X 203 53.36 -9.27 33.75
CA ASN X 203 53.03 -8.54 34.97
C ASN X 203 52.19 -7.31 34.67
N LYS X 204 52.52 -6.59 33.59
CA LYS X 204 51.72 -5.42 33.23
C LYS X 204 50.34 -5.84 32.74
N TYR X 205 50.23 -7.02 32.14
CA TYR X 205 48.94 -7.55 31.70
C TYR X 205 48.24 -8.39 32.76
N ASN X 206 48.88 -8.62 33.91
CA ASN X 206 48.28 -9.44 34.95
C ASN X 206 47.40 -8.65 35.92
N GLN X 207 47.39 -7.33 35.82
CA GLN X 207 46.53 -6.51 36.67
C GLN X 207 45.11 -6.50 36.11
N ILE X 208 44.28 -5.60 36.61
CA ILE X 208 42.89 -5.46 36.19
C ILE X 208 42.64 -3.99 35.94
N ASN X 209 42.64 -3.59 34.67
CA ASN X 209 42.29 -2.22 34.31
C ASN X 209 41.61 -2.25 32.94
N SER X 210 41.41 -1.08 32.35
CA SER X 210 40.72 -0.99 31.07
C SER X 210 41.54 -1.57 29.92
N ASN X 211 42.82 -1.84 30.13
CA ASN X 211 43.70 -2.33 29.08
C ASN X 211 43.95 -3.83 29.13
N THR X 212 43.42 -4.52 30.13
CA THR X 212 43.69 -5.95 30.27
C THR X 212 42.46 -6.74 30.72
N VAL X 213 41.26 -6.22 30.45
CA VAL X 213 40.03 -6.88 30.82
C VAL X 213 39.19 -7.10 29.56
N LEU X 214 38.52 -8.25 29.49
CA LEU X 214 37.62 -8.57 28.39
C LEU X 214 36.16 -8.25 28.73
N PHE X 215 35.71 -8.65 29.91
CA PHE X 215 34.32 -8.50 30.33
C PHE X 215 34.32 -7.97 31.76
N PRO X 216 33.37 -7.09 32.10
CA PRO X 216 32.25 -6.59 31.31
C PRO X 216 32.52 -5.27 30.57
N ALA X 217 33.64 -5.19 29.86
CA ALA X 217 33.92 -4.09 28.94
C ALA X 217 33.92 -2.74 29.67
N GLN X 218 34.88 -2.60 30.58
CA GLN X 218 35.05 -1.36 31.33
C GLN X 218 35.48 -0.22 30.40
N SER X 219 35.08 0.99 30.77
CA SER X 219 35.46 2.17 30.01
C SER X 219 35.45 3.38 30.93
N GLY X 220 36.25 4.38 30.58
CA GLY X 220 36.26 5.64 31.30
C GLY X 220 37.09 5.63 32.57
N SER X 221 36.56 5.04 33.63
CA SER X 221 37.25 5.02 34.91
C SER X 221 36.71 3.86 35.74
N GLY X 222 37.50 3.46 36.74
CA GLY X 222 37.10 2.40 37.63
C GLY X 222 37.12 1.04 36.94
N VAL X 223 36.56 0.06 37.65
CA VAL X 223 36.46 -1.30 37.15
C VAL X 223 35.06 -1.82 37.46
N LYS X 224 34.30 -2.13 36.42
CA LYS X 224 32.98 -2.73 36.60
C LYS X 224 33.13 -4.23 36.81
N VAL X 225 32.28 -4.79 37.67
CA VAL X 225 32.35 -6.19 38.04
C VAL X 225 31.23 -6.96 37.36
N ALA X 226 31.34 -8.27 37.38
CA ALA X 226 30.35 -9.14 36.75
C ALA X 226 30.11 -10.35 37.65
N THR X 227 28.95 -10.97 37.46
CA THR X 227 28.58 -12.14 38.26
C THR X 227 29.14 -13.42 37.64
N GLU X 228 29.06 -14.49 38.42
CA GLU X 228 29.62 -15.78 38.02
C GLU X 228 28.94 -16.35 36.78
N ALA X 229 27.61 -16.28 36.72
CA ALA X 229 26.88 -16.97 35.65
C ALA X 229 27.17 -16.37 34.28
N GLU X 230 27.05 -15.05 34.14
CA GLU X 230 27.26 -14.43 32.84
C GLU X 230 28.72 -14.45 32.44
N ALA X 231 29.64 -14.31 33.40
CA ALA X 231 31.06 -14.46 33.09
C ALA X 231 31.38 -15.87 32.61
N ARG X 232 30.82 -16.88 33.25
CA ARG X 232 31.02 -18.25 32.80
C ARG X 232 30.44 -18.46 31.41
N GLN X 233 29.26 -17.91 31.14
CA GLN X 233 28.66 -18.05 29.82
C GLN X 233 29.53 -17.39 28.75
N TRP X 234 30.04 -16.19 29.03
CA TRP X 234 30.90 -15.51 28.08
C TRP X 234 32.20 -16.27 27.86
N LEU X 235 32.76 -16.83 28.94
CA LEU X 235 33.95 -17.67 28.81
C LEU X 235 33.68 -18.91 27.95
N SER X 236 32.54 -19.57 28.16
CA SER X 236 32.22 -20.76 27.38
C SER X 236 32.03 -20.41 25.91
N GLU X 237 31.36 -19.29 25.62
CA GLU X 237 31.14 -18.93 24.23
C GLU X 237 32.41 -18.41 23.57
N LEU X 238 33.32 -17.81 24.33
CA LEU X 238 34.56 -17.32 23.76
C LEU X 238 35.60 -18.41 23.59
N ASN X 239 35.39 -19.58 24.19
CA ASN X 239 36.30 -20.72 24.07
C ASN X 239 37.70 -20.36 24.52
N LEU X 240 37.82 -20.05 25.81
CA LEU X 240 39.10 -19.71 26.43
C LEU X 240 39.38 -20.62 27.60
N PRO X 241 40.64 -20.86 27.94
CA PRO X 241 40.97 -21.76 29.04
C PRO X 241 40.49 -21.21 30.37
N ASN X 242 40.50 -22.10 31.38
CA ASN X 242 39.98 -21.78 32.70
C ASN X 242 40.80 -20.70 33.42
N SER X 243 42.08 -20.54 33.09
CA SER X 243 42.93 -19.56 33.76
C SER X 243 42.77 -18.19 33.10
N CYS X 244 41.51 -17.77 32.98
CA CYS X 244 41.18 -16.46 32.45
C CYS X 244 40.24 -15.67 33.34
N LEU X 245 39.76 -16.24 34.44
CA LEU X 245 38.78 -15.59 35.30
C LEU X 245 39.48 -15.12 36.57
N LYS X 246 39.30 -13.85 36.90
CA LYS X 246 39.84 -13.27 38.11
C LYS X 246 38.73 -12.62 38.91
N SER X 247 38.95 -12.53 40.22
CA SER X 247 37.97 -11.96 41.15
C SER X 247 38.47 -10.61 41.61
N TYR X 248 37.74 -9.56 41.23
CA TYR X 248 38.10 -8.19 41.64
C TYR X 248 37.38 -7.82 42.92
N GLY X 249 37.53 -8.68 43.92
CA GLY X 249 36.97 -8.43 45.24
C GLY X 249 35.47 -8.59 45.30
N SER X 250 34.76 -7.67 44.64
CA SER X 250 33.29 -7.72 44.65
C SER X 250 32.77 -8.72 43.63
N GLY X 251 33.10 -8.50 42.35
CA GLY X 251 32.65 -9.40 41.30
C GLY X 251 33.81 -10.03 40.55
N TYR X 252 33.57 -10.44 39.30
CA TYR X 252 34.51 -11.21 38.52
C TYR X 252 34.72 -10.55 37.16
N VAL X 253 35.94 -10.67 36.65
CA VAL X 253 36.32 -10.11 35.37
C VAL X 253 37.02 -11.18 34.56
N VAL X 254 37.01 -11.00 33.24
CA VAL X 254 37.63 -11.93 32.30
C VAL X 254 38.86 -11.27 31.70
N THR X 255 39.99 -11.96 31.76
CA THR X 255 41.26 -11.44 31.27
C THR X 255 41.75 -12.28 30.10
N VAL X 256 42.78 -11.76 29.42
CA VAL X 256 43.34 -12.47 28.28
C VAL X 256 44.10 -13.70 28.76
N ASP X 257 44.02 -14.78 27.99
CA ASP X 257 44.73 -16.00 28.35
C ASP X 257 46.23 -15.78 28.20
N LEU X 258 46.97 -16.09 29.25
CA LEU X 258 48.42 -16.00 29.24
C LEU X 258 49.09 -17.37 29.11
N THR X 259 48.30 -18.42 28.89
CA THR X 259 48.87 -19.76 28.81
C THR X 259 49.89 -19.93 27.69
N PRO X 260 49.69 -19.45 26.46
CA PRO X 260 50.72 -19.69 25.43
C PRO X 260 52.01 -18.96 25.71
N LEU X 261 51.92 -17.72 26.16
CA LEU X 261 53.14 -16.95 26.43
C LEU X 261 53.88 -17.52 27.64
N GLN X 262 53.17 -17.90 28.69
CA GLN X 262 53.80 -18.55 29.83
C GLN X 262 54.45 -19.86 29.41
N LYS X 263 53.78 -20.60 28.53
CA LYS X 263 54.34 -21.84 28.00
C LYS X 263 55.65 -21.56 27.27
N MET X 264 55.70 -20.52 26.46
CA MET X 264 56.93 -20.21 25.74
C MET X 264 58.03 -19.77 26.70
N VAL X 265 57.67 -18.99 27.73
CA VAL X 265 58.67 -18.57 28.71
C VAL X 265 59.23 -19.77 29.47
N GLN X 266 58.39 -20.74 29.80
CA GLN X 266 58.88 -21.94 30.47
C GLN X 266 59.72 -22.81 29.54
N ASP X 267 59.38 -22.88 28.26
CA ASP X 267 60.15 -23.72 27.34
C ASP X 267 61.49 -23.10 26.96
N ILE X 268 61.56 -21.77 26.87
CA ILE X 268 62.84 -21.13 26.55
C ILE X 268 63.83 -21.36 27.68
N ASP X 269 63.33 -21.59 28.90
CA ASP X 269 64.18 -22.03 29.99
C ASP X 269 64.65 -23.47 29.82
N GLY X 270 64.05 -24.21 28.89
CA GLY X 270 64.46 -25.58 28.63
C GLY X 270 65.70 -25.65 27.76
N LEU X 271 66.19 -24.50 27.34
CA LEU X 271 67.42 -24.42 26.56
C LEU X 271 68.66 -24.28 27.44
N GLY X 272 68.48 -24.29 28.76
CA GLY X 272 69.61 -24.19 29.66
C GLY X 272 69.48 -23.06 30.67
N ALA X 273 70.62 -22.57 31.14
CA ALA X 273 70.67 -21.50 32.12
C ALA X 273 71.63 -20.42 31.63
N PRO X 274 71.43 -19.16 32.06
CA PRO X 274 72.33 -18.10 31.56
C PRO X 274 73.72 -18.19 32.18
N GLY X 275 74.47 -19.22 31.76
CA GLY X 275 75.82 -19.39 32.24
C GLY X 275 76.74 -18.25 31.84
N LYS X 276 76.67 -17.84 30.58
CA LYS X 276 77.43 -16.68 30.16
C LYS X 276 76.82 -15.41 30.74
N ASP X 277 77.67 -14.39 30.89
CA ASP X 277 77.22 -13.12 31.47
C ASP X 277 76.21 -12.42 30.57
N SER X 278 76.17 -12.78 29.28
CA SER X 278 75.31 -12.08 28.32
C SER X 278 74.22 -12.98 27.76
N LYS X 279 74.55 -14.11 27.16
CA LYS X 279 73.58 -14.88 26.41
C LYS X 279 74.06 -16.30 26.20
N LEU X 280 73.15 -17.16 25.76
CA LEU X 280 73.43 -18.58 25.60
C LEU X 280 74.00 -18.88 24.20
N GLU X 281 74.75 -19.97 24.12
CA GLU X 281 75.29 -20.47 22.85
C GLU X 281 74.54 -21.74 22.47
N MET X 282 74.24 -21.87 21.18
CA MET X 282 73.36 -22.94 20.72
C MET X 282 73.45 -23.02 19.20
N ASP X 283 73.45 -24.25 18.68
CA ASP X 283 73.75 -24.49 17.28
C ASP X 283 72.53 -24.25 16.40
N ASN X 284 72.76 -24.29 15.08
CA ASN X 284 71.67 -24.10 14.13
C ASN X 284 70.64 -25.22 14.22
N ALA X 285 71.09 -26.43 14.53
CA ALA X 285 70.17 -27.55 14.61
C ALA X 285 69.12 -27.33 15.70
N LYS X 286 69.56 -26.84 16.86
CA LYS X 286 68.62 -26.48 17.91
C LYS X 286 67.87 -25.20 17.59
N TYR X 287 68.50 -24.29 16.85
CA TYR X 287 67.85 -23.03 16.52
C TYR X 287 66.64 -23.24 15.62
N GLN X 288 66.73 -24.20 14.69
CA GLN X 288 65.59 -24.48 13.82
C GLN X 288 64.40 -24.97 14.63
N ALA X 289 64.64 -25.87 15.58
CA ALA X 289 63.55 -26.35 16.44
C ALA X 289 62.98 -25.23 17.30
N TRP X 290 63.85 -24.40 17.87
CA TRP X 290 63.36 -23.31 18.72
C TRP X 290 62.54 -22.31 17.91
N GLN X 291 63.01 -21.97 16.70
CA GLN X 291 62.26 -21.04 15.87
C GLN X 291 60.96 -21.65 15.40
N SER X 292 60.95 -22.96 15.14
CA SER X 292 59.70 -23.64 14.79
C SER X 292 58.70 -23.55 15.93
N GLY X 293 59.16 -23.76 17.17
CA GLY X 293 58.27 -23.62 18.31
C GLY X 293 57.76 -22.20 18.47
N PHE X 294 58.64 -21.21 18.30
CA PHE X 294 58.21 -19.82 18.39
C PHE X 294 57.19 -19.47 17.33
N LYS X 295 57.41 -19.93 16.09
CA LYS X 295 56.45 -19.68 15.02
C LYS X 295 55.13 -20.38 15.28
N ALA X 296 55.18 -21.58 15.87
CA ALA X 296 53.95 -22.27 16.21
C ALA X 296 53.15 -21.48 17.25
N GLN X 297 53.83 -20.98 18.29
CA GLN X 297 53.13 -20.17 19.28
C GLN X 297 52.57 -18.90 18.67
N GLU X 298 53.36 -18.24 17.80
CA GLU X 298 52.90 -17.01 17.17
C GLU X 298 51.69 -17.25 16.29
N GLU X 299 51.69 -18.34 15.53
CA GLU X 299 50.53 -18.62 14.67
C GLU X 299 49.34 -19.07 15.50
N ASN X 300 49.54 -19.70 16.66
CA ASN X 300 48.43 -19.98 17.54
C ASN X 300 47.77 -18.68 18.02
N MET X 301 48.59 -17.71 18.42
CA MET X 301 48.04 -16.43 18.82
C MET X 301 47.34 -15.75 17.65
N LYS X 302 47.93 -15.85 16.46
CA LYS X 302 47.31 -15.29 15.26
C LYS X 302 45.95 -15.91 14.98
N THR X 303 45.84 -17.24 15.12
CA THR X 303 44.58 -17.91 14.89
C THR X 303 43.55 -17.55 15.96
N THR X 304 43.99 -17.36 17.20
CA THR X 304 43.06 -16.91 18.23
C THR X 304 42.51 -15.54 17.90
N LEU X 305 43.38 -14.61 17.49
CA LEU X 305 42.92 -13.28 17.10
C LEU X 305 42.00 -13.36 15.89
N GLN X 306 42.33 -14.22 14.92
CA GLN X 306 41.51 -14.36 13.73
C GLN X 306 40.13 -14.91 14.07
N THR X 307 40.07 -15.87 14.99
CA THR X 307 38.78 -16.39 15.45
C THR X 307 37.97 -15.29 16.13
N LEU X 308 38.62 -14.50 16.98
CA LEU X 308 37.91 -13.41 17.64
C LEU X 308 37.38 -12.40 16.64
N THR X 309 38.17 -12.06 15.62
CA THR X 309 37.70 -11.10 14.63
C THR X 309 36.61 -11.67 13.75
N GLN X 310 36.73 -12.95 13.37
CA GLN X 310 35.69 -13.58 12.57
C GLN X 310 34.42 -13.83 13.37
N LYS X 311 34.50 -13.73 14.70
CA LYS X 311 33.28 -13.72 15.50
C LYS X 311 32.42 -12.52 15.15
N TYR X 312 33.00 -11.50 14.52
CA TYR X 312 32.19 -10.35 14.11
C TYR X 312 31.26 -10.69 12.96
N SER X 313 31.72 -11.51 12.02
CA SER X 313 30.83 -11.93 10.93
C SER X 313 29.62 -12.67 11.46
N ASN X 314 29.72 -13.26 12.66
CA ASN X 314 28.60 -13.95 13.28
C ASN X 314 28.01 -13.17 14.44
N ALA X 315 28.49 -11.96 14.72
CA ALA X 315 27.90 -11.10 15.74
C ALA X 315 27.25 -9.86 15.16
N ASN X 316 27.98 -9.07 14.39
CA ASN X 316 27.42 -7.85 13.81
C ASN X 316 26.34 -8.16 12.79
N SER X 317 26.50 -9.24 12.02
CA SER X 317 25.49 -9.60 11.04
C SER X 317 24.16 -9.94 11.71
N LEU X 318 24.20 -10.73 12.79
CA LEU X 318 22.96 -11.00 13.50
C LEU X 318 22.48 -9.81 14.31
N TYR X 319 23.37 -8.88 14.68
CA TYR X 319 22.89 -7.63 15.27
C TYR X 319 22.07 -6.84 14.27
N ASP X 320 22.56 -6.73 13.03
CA ASP X 320 21.77 -6.07 11.99
C ASP X 320 20.51 -6.84 11.65
N ASN X 321 20.53 -8.17 11.74
CA ASN X 321 19.32 -8.96 11.56
C ASN X 321 18.34 -8.81 12.71
N LEU X 322 18.83 -8.49 13.90
CA LEU X 322 17.99 -8.28 15.07
C LEU X 322 17.51 -6.84 15.21
N VAL X 323 18.13 -5.90 14.50
CA VAL X 323 17.63 -4.53 14.46
C VAL X 323 16.26 -4.53 13.79
N LYS X 324 15.95 -5.59 13.05
CA LYS X 324 14.63 -5.71 12.42
C LYS X 324 13.50 -5.82 13.44
N VAL X 325 13.78 -5.67 14.74
CA VAL X 325 12.72 -5.47 15.72
C VAL X 325 11.94 -4.19 15.42
N LEU X 326 12.53 -3.27 14.64
CA LEU X 326 11.80 -2.09 14.17
C LEU X 326 10.47 -2.45 13.50
N SER X 327 10.31 -3.69 13.05
CA SER X 327 9.01 -4.13 12.57
C SER X 327 7.95 -4.00 13.65
N SER X 328 8.35 -4.12 14.92
CA SER X 328 7.41 -3.96 16.02
C SER X 328 6.74 -2.58 16.00
N THR X 329 7.46 -1.55 15.55
CA THR X 329 6.87 -0.23 15.37
C THR X 329 6.24 -0.07 13.99
N ILE X 330 6.86 -0.65 12.97
CA ILE X 330 6.36 -0.49 11.60
C ILE X 330 4.96 -1.07 11.48
N SER X 331 4.82 -2.37 11.74
CA SER X 331 3.54 -3.03 11.51
C SER X 331 2.49 -2.59 12.52
N SER X 332 2.88 -2.33 13.76
CA SER X 332 1.91 -1.88 14.77
C SER X 332 1.50 -0.43 14.60
N SER X 333 2.29 0.36 13.86
CA SER X 333 1.87 1.73 13.55
C SER X 333 1.00 1.80 12.30
N LEU X 334 1.07 0.79 11.44
CA LEU X 334 0.19 0.68 10.28
C LEU X 334 -1.19 0.20 10.67
N GLU X 335 -1.37 -0.07 11.97
CA GLU X 335 -2.65 -0.51 12.51
C GLU X 335 -3.63 0.63 12.71
N THR X 336 -3.42 1.75 12.01
CA THR X 336 -4.41 2.82 11.97
C THR X 336 -5.75 2.35 11.43
N ALA X 337 -5.81 1.15 10.83
CA ALA X 337 -7.09 0.58 10.45
C ALA X 337 -8.00 0.36 11.65
N LYS X 338 -7.43 0.24 12.85
CA LYS X 338 -8.25 0.20 14.06
C LYS X 338 -9.05 1.49 14.22
N SER X 339 -8.45 2.61 13.80
CA SER X 339 -9.14 3.89 13.72
C SER X 339 -9.32 4.35 12.27
N PHE X 340 -9.64 3.42 11.38
CA PHE X 340 -9.78 3.68 9.95
C PHE X 340 -8.47 4.22 9.37
#